data_6PW8
# 
_entry.id   6PW8 
# 
_audit_conform.dict_name       mmcif_pdbx.dic 
_audit_conform.dict_version    5.381 
_audit_conform.dict_location   http://mmcif.pdb.org/dictionaries/ascii/mmcif_pdbx.dic 
# 
loop_
_database_2.database_id 
_database_2.database_code 
_database_2.pdbx_database_accession 
_database_2.pdbx_DOI 
PDB   6PW8         pdb_00006pw8 10.2210/pdb6pw8/pdb 
WWPDB D_1000243112 ?            ?                   
# 
_pdbx_database_status.status_code                     REL 
_pdbx_database_status.status_code_sf                  REL 
_pdbx_database_status.status_code_mr                  ? 
_pdbx_database_status.entry_id                        6PW8 
_pdbx_database_status.recvd_initial_deposition_date   2019-07-22 
_pdbx_database_status.SG_entry                        N 
_pdbx_database_status.deposit_site                    RCSB 
_pdbx_database_status.process_site                    RCSB 
_pdbx_database_status.status_code_cs                  ? 
_pdbx_database_status.status_code_nmr_data            ? 
_pdbx_database_status.methods_development_category    ? 
_pdbx_database_status.pdb_format_compatible           Y 
# 
loop_
_audit_author.name 
_audit_author.pdbx_ordinal 
_audit_author.identifier_ORCID 
'Thifault, D.G.'      1 0000-0001-9710-1307 
'Fromme, P.'          2 0000-0003-0953-4909 
'Martin-Garcia, J.M.' 3 0000-0002-4558-3858 
# 
loop_
_citation.abstract 
_citation.abstract_id_CAS 
_citation.book_id_ISBN 
_citation.book_publisher 
_citation.book_publisher_city 
_citation.book_title 
_citation.coordinate_linkage 
_citation.country 
_citation.database_id_Medline 
_citation.details 
_citation.id 
_citation.journal_abbrev 
_citation.journal_id_ASTM 
_citation.journal_id_CSD 
_citation.journal_id_ISSN 
_citation.journal_full 
_citation.journal_issue 
_citation.journal_volume 
_citation.language 
_citation.page_first 
_citation.page_last 
_citation.title 
_citation.year 
_citation.database_id_CSD 
_citation.pdbx_database_id_DOI 
_citation.pdbx_database_id_PubMed 
_citation.unpublished_flag 
? ? ? ? ? ? ? ?  ? ? primary 'To Be Published'          ?      0353 ?         ? ? ?  ? ?   ?   
'Stapled Peptide Ligand Bound to the Focal Adhesion Targeting (FAT) Domain of the Focal Adhesion Kinase (FAK)' ?    ? ? ?        ? 
? ? ? ? ? ? ? US ? ? 1       'Acta Crystallogr.,Sect.D' ABCRE6 ?    1399-0047 ? ? 68 ? 352 367 
'Towards automated crystallographic structure refinement with phenix.refine.'                                  2012 ? 
10.1107/S0907444912001308 22505256 ? 
? ? ? ? ? ? ? US ? ? 2       'Acta Crystallogr.,Sect.D' ABCRE6 ?    1399-0047 ? ? 66 ? 213 221 
'PHENIX: a comprehensive Python-based system for macromolecular structure solution.'                           2010 ? 
10.1107/S0907444909052925 20124702 ? 
# 
loop_
_citation_author.citation_id 
_citation_author.name 
_citation_author.ordinal 
_citation_author.identifier_ORCID 
primary 'Thifault, D.G.'         1  0000-0001-9710-1307 
primary 'Fromme, P.'             2  0000-0003-0953-4909 
primary 'Martin-Garcia, J.M.'    3  0000-0002-4558-3858 
1       'Afonine, P.V.'          4  ?                   
1       'Grosse-Kunstleve, R.W.' 5  ?                   
1       'Echols, N.'             6  ?                   
1       'Headd, J.J.'            7  ?                   
1       'Moriarty, N.W.'         8  ?                   
1       'Mustyakimov, M.'        9  ?                   
1       'Terwilliger, T.C.'      10 ?                   
1       'Urzhumtsev, A.'         11 ?                   
1       'Zwart, P.H.'            12 ?                   
1       'Adams, P.D.'            13 ?                   
2       'Adams, P.D.'            14 ?                   
2       'Afonine, P.V.'          15 ?                   
2       'Bunkoczi, G.'           16 ?                   
2       'Chen, V.B.'             17 ?                   
2       'Davis, I.W.'            18 ?                   
2       'Echols, N.'             19 ?                   
2       'Headd, J.J.'            20 ?                   
2       'Hung, L.W.'             21 ?                   
2       'Kapral, G.J.'           22 ?                   
2       'Grosse-Kunstleve, R.W.' 23 ?                   
2       'McCoy, A.J.'            24 ?                   
2       'Moriarty, N.W.'         25 ?                   
2       'Oeffner, R.'            26 ?                   
2       'Read, R.J.'             27 ?                   
2       'Richardson, D.C.'       28 ?                   
2       'Richardson, J.S.'       29 ?                   
2       'Terwilliger, T.C.'      30 ?                   
2       'Zwart, P.H.'            31 ?                   
# 
_cell.angle_alpha                  90.000 
_cell.angle_alpha_esd              ? 
_cell.angle_beta                   90.000 
_cell.angle_beta_esd               ? 
_cell.angle_gamma                  90.000 
_cell.angle_gamma_esd              ? 
_cell.entry_id                     6PW8 
_cell.details                      ? 
_cell.formula_units_Z              ? 
_cell.length_a                     47.489 
_cell.length_a_esd                 ? 
_cell.length_b                     53.094 
_cell.length_b_esd                 ? 
_cell.length_c                     53.419 
_cell.length_c_esd                 ? 
_cell.volume                       134689.650 
_cell.volume_esd                   ? 
_cell.Z_PDB                        4 
_cell.reciprocal_angle_alpha       ? 
_cell.reciprocal_angle_beta        ? 
_cell.reciprocal_angle_gamma       ? 
_cell.reciprocal_angle_alpha_esd   ? 
_cell.reciprocal_angle_beta_esd    ? 
_cell.reciprocal_angle_gamma_esd   ? 
_cell.reciprocal_length_a          ? 
_cell.reciprocal_length_b          ? 
_cell.reciprocal_length_c          ? 
_cell.reciprocal_length_a_esd      ? 
_cell.reciprocal_length_b_esd      ? 
_cell.reciprocal_length_c_esd      ? 
_cell.pdbx_unique_axis             ? 
# 
_symmetry.entry_id                         6PW8 
_symmetry.cell_setting                     ? 
_symmetry.Int_Tables_number                19 
_symmetry.space_group_name_Hall            'P 2ac 2ab' 
_symmetry.space_group_name_H-M             'P 21 21 21' 
_symmetry.pdbx_full_space_group_name_H-M   ? 
# 
loop_
_entity.id 
_entity.type 
_entity.src_method 
_entity.pdbx_description 
_entity.formula_weight 
_entity.pdbx_number_of_molecules 
_entity.pdbx_ec 
_entity.pdbx_mutation 
_entity.pdbx_fragment 
_entity.details 
1 polymer     man 'Focal adhesion kinase 1' 14018.440 1  2.7.10.2 ? 'focal adhesion targeting domain (UNP residues 749-874)' ? 
2 polymer     syn SP3                       1660.996  1  ?        ? ?                                                        ? 
3 non-polymer syn 'ZINC ION'                65.409    1  ?        ? ?                                                        ? 
4 non-polymer syn 'CHLORIDE ION'            35.453    1  ?        ? ?                                                        ? 
5 water       nat water                     18.015    92 ?        ? ?                                                        ? 
# 
_entity_name_com.entity_id   1 
_entity_name_com.name        
;FADK 1, Focal adhesion kinase-related nonkinase, FRNK, Protein phosphatase 1 regulatory subunit 71, PPP1R71, Protein-tyrosine kinase 2, p125FAK, pp125FAK
;
# 
loop_
_entity_poly.entity_id 
_entity_poly.type 
_entity_poly.nstd_linkage 
_entity_poly.nstd_monomer 
_entity_poly.pdbx_seq_one_letter_code 
_entity_poly.pdbx_seq_one_letter_code_can 
_entity_poly.pdbx_strand_id 
_entity_poly.pdbx_target_identifier 
1 'polypeptide(L)' no no  
;DKVYENVTGLVKAVIEMSSKIQPAPPEEYVPMVKEVGLALRTLLATVDETIPLLPASTHREIEMAQKLLNSDLGELINKM
KLAQQYVMTSLQQEYKKQMLTAAHALAVDAKNLLDVIDQARLKMLG
;
;DKVYENVTGLVKAVIEMSSKIQPAPPEEYVPMVKEVGLALRTLLATVDETIPLLPASTHREIEMAQKLLNSDLGELINKM
KLAQQYVMTSLQQEYKKQMLTAAHALAVDAKNLLDVIDQARLKMLG
;
A ? 
2 'polypeptide(L)' no yes '(ACE)NL(2JN)ELDRLL(UZA)ELN(NH2)' XNLXELDRLLXELNX B ? 
# 
loop_
_entity_poly_seq.entity_id 
_entity_poly_seq.num 
_entity_poly_seq.mon_id 
_entity_poly_seq.hetero 
1 1   ASP n 
1 2   LYS n 
1 3   VAL n 
1 4   TYR n 
1 5   GLU n 
1 6   ASN n 
1 7   VAL n 
1 8   THR n 
1 9   GLY n 
1 10  LEU n 
1 11  VAL n 
1 12  LYS n 
1 13  ALA n 
1 14  VAL n 
1 15  ILE n 
1 16  GLU n 
1 17  MET n 
1 18  SER n 
1 19  SER n 
1 20  LYS n 
1 21  ILE n 
1 22  GLN n 
1 23  PRO n 
1 24  ALA n 
1 25  PRO n 
1 26  PRO n 
1 27  GLU n 
1 28  GLU n 
1 29  TYR n 
1 30  VAL n 
1 31  PRO n 
1 32  MET n 
1 33  VAL n 
1 34  LYS n 
1 35  GLU n 
1 36  VAL n 
1 37  GLY n 
1 38  LEU n 
1 39  ALA n 
1 40  LEU n 
1 41  ARG n 
1 42  THR n 
1 43  LEU n 
1 44  LEU n 
1 45  ALA n 
1 46  THR n 
1 47  VAL n 
1 48  ASP n 
1 49  GLU n 
1 50  THR n 
1 51  ILE n 
1 52  PRO n 
1 53  LEU n 
1 54  LEU n 
1 55  PRO n 
1 56  ALA n 
1 57  SER n 
1 58  THR n 
1 59  HIS n 
1 60  ARG n 
1 61  GLU n 
1 62  ILE n 
1 63  GLU n 
1 64  MET n 
1 65  ALA n 
1 66  GLN n 
1 67  LYS n 
1 68  LEU n 
1 69  LEU n 
1 70  ASN n 
1 71  SER n 
1 72  ASP n 
1 73  LEU n 
1 74  GLY n 
1 75  GLU n 
1 76  LEU n 
1 77  ILE n 
1 78  ASN n 
1 79  LYS n 
1 80  MET n 
1 81  LYS n 
1 82  LEU n 
1 83  ALA n 
1 84  GLN n 
1 85  GLN n 
1 86  TYR n 
1 87  VAL n 
1 88  MET n 
1 89  THR n 
1 90  SER n 
1 91  LEU n 
1 92  GLN n 
1 93  GLN n 
1 94  GLU n 
1 95  TYR n 
1 96  LYS n 
1 97  LYS n 
1 98  GLN n 
1 99  MET n 
1 100 LEU n 
1 101 THR n 
1 102 ALA n 
1 103 ALA n 
1 104 HIS n 
1 105 ALA n 
1 106 LEU n 
1 107 ALA n 
1 108 VAL n 
1 109 ASP n 
1 110 ALA n 
1 111 LYS n 
1 112 ASN n 
1 113 LEU n 
1 114 LEU n 
1 115 ASP n 
1 116 VAL n 
1 117 ILE n 
1 118 ASP n 
1 119 GLN n 
1 120 ALA n 
1 121 ARG n 
1 122 LEU n 
1 123 LYS n 
1 124 MET n 
1 125 LEU n 
1 126 GLY n 
2 1   ACE n 
2 2   ASN n 
2 3   LEU n 
2 4   2JN n 
2 5   GLU n 
2 6   LEU n 
2 7   ASP n 
2 8   ARG n 
2 9   LEU n 
2 10  LEU n 
2 11  UZA n 
2 12  GLU n 
2 13  LEU n 
2 14  ASN n 
2 15  NH2 n 
# 
_entity_src_gen.entity_id                          1 
_entity_src_gen.pdbx_src_id                        1 
_entity_src_gen.pdbx_alt_source_flag               sample 
_entity_src_gen.pdbx_seq_type                      'Biological sequence' 
_entity_src_gen.pdbx_beg_seq_num                   1 
_entity_src_gen.pdbx_end_seq_num                   126 
_entity_src_gen.gene_src_common_name               Human 
_entity_src_gen.gene_src_genus                     ? 
_entity_src_gen.pdbx_gene_src_gene                 'PTK2, FAK, FAK1' 
_entity_src_gen.gene_src_species                   ? 
_entity_src_gen.gene_src_strain                    ? 
_entity_src_gen.gene_src_tissue                    ? 
_entity_src_gen.gene_src_tissue_fraction           ? 
_entity_src_gen.gene_src_details                   ? 
_entity_src_gen.pdbx_gene_src_fragment             ? 
_entity_src_gen.pdbx_gene_src_scientific_name      'Homo sapiens' 
_entity_src_gen.pdbx_gene_src_ncbi_taxonomy_id     9606 
_entity_src_gen.pdbx_gene_src_variant              ? 
_entity_src_gen.pdbx_gene_src_cell_line            ? 
_entity_src_gen.pdbx_gene_src_atcc                 ? 
_entity_src_gen.pdbx_gene_src_organ                ? 
_entity_src_gen.pdbx_gene_src_organelle            ? 
_entity_src_gen.pdbx_gene_src_cell                 ? 
_entity_src_gen.pdbx_gene_src_cellular_location    ? 
_entity_src_gen.host_org_common_name               ? 
_entity_src_gen.pdbx_host_org_scientific_name      'Escherichia coli' 
_entity_src_gen.pdbx_host_org_ncbi_taxonomy_id     562 
_entity_src_gen.host_org_genus                     ? 
_entity_src_gen.pdbx_host_org_gene                 ? 
_entity_src_gen.pdbx_host_org_organ                ? 
_entity_src_gen.host_org_species                   ? 
_entity_src_gen.pdbx_host_org_tissue               ? 
_entity_src_gen.pdbx_host_org_tissue_fraction      ? 
_entity_src_gen.pdbx_host_org_strain               ? 
_entity_src_gen.pdbx_host_org_variant              ? 
_entity_src_gen.pdbx_host_org_cell_line            ? 
_entity_src_gen.pdbx_host_org_atcc                 ? 
_entity_src_gen.pdbx_host_org_culture_collection   ? 
_entity_src_gen.pdbx_host_org_cell                 ? 
_entity_src_gen.pdbx_host_org_organelle            ? 
_entity_src_gen.pdbx_host_org_cellular_location    ? 
_entity_src_gen.pdbx_host_org_vector_type          ? 
_entity_src_gen.pdbx_host_org_vector               ? 
_entity_src_gen.host_org_details                   ? 
_entity_src_gen.expression_system_id               ? 
_entity_src_gen.plasmid_name                       ? 
_entity_src_gen.plasmid_details                    ? 
_entity_src_gen.pdbx_description                   ? 
# 
_pdbx_entity_src_syn.entity_id              2 
_pdbx_entity_src_syn.pdbx_src_id            1 
_pdbx_entity_src_syn.pdbx_alt_source_flag   sample 
_pdbx_entity_src_syn.pdbx_beg_seq_num       1 
_pdbx_entity_src_syn.pdbx_end_seq_num       15 
_pdbx_entity_src_syn.organism_scientific    'Homo sapiens' 
_pdbx_entity_src_syn.organism_common_name   Human 
_pdbx_entity_src_syn.ncbi_taxonomy_id       9606 
_pdbx_entity_src_syn.details                ? 
# 
loop_
_struct_ref.id 
_struct_ref.db_name 
_struct_ref.db_code 
_struct_ref.pdbx_db_accession 
_struct_ref.pdbx_db_isoform 
_struct_ref.entity_id 
_struct_ref.pdbx_seq_one_letter_code 
_struct_ref.pdbx_align_begin 
1 UNP FAK1_HUMAN Q05397 Q05397-2 1 
;DKVYENVTGLVKAVIEMSSKIQPAPPEEYVPMVKEVGLALRTLLATVDETIPLLPASTHREIEMAQKLLNSDLGELINKM
KLAQQYVMTSLQQEYKKQMLTAAHALAVDAKNLLDVIDQARLKMLG
;
749 
2 PDB 6PW8       6PW8   ?        2 ? 1   
# 
loop_
_struct_ref_seq.align_id 
_struct_ref_seq.ref_id 
_struct_ref_seq.pdbx_PDB_id_code 
_struct_ref_seq.pdbx_strand_id 
_struct_ref_seq.seq_align_beg 
_struct_ref_seq.pdbx_seq_align_beg_ins_code 
_struct_ref_seq.seq_align_end 
_struct_ref_seq.pdbx_seq_align_end_ins_code 
_struct_ref_seq.pdbx_db_accession 
_struct_ref_seq.db_align_beg 
_struct_ref_seq.pdbx_db_align_beg_ins_code 
_struct_ref_seq.db_align_end 
_struct_ref_seq.pdbx_db_align_end_ins_code 
_struct_ref_seq.pdbx_auth_seq_align_beg 
_struct_ref_seq.pdbx_auth_seq_align_end 
1 1 6PW8 A 1 ? 126 ? Q05397 749 ? 874 ? 922 1047 
2 2 6PW8 B 1 ? 15  ? 6PW8   0   ? 14  ? 0   14   
# 
loop_
_chem_comp.id 
_chem_comp.type 
_chem_comp.mon_nstd_flag 
_chem_comp.name 
_chem_comp.pdbx_synonyms 
_chem_comp.formula 
_chem_comp.formula_weight 
2JN 'D-peptide linking' . 2-methyl-D-norleucine                      ? 'C7 H15 N O2'    145.199 
ACE non-polymer         . 'ACETYL GROUP'                             ? 'C2 H4 O'        44.053  
ALA 'L-peptide linking' y ALANINE                                    ? 'C3 H7 N O2'     89.093  
ARG 'L-peptide linking' y ARGININE                                   ? 'C6 H15 N4 O2 1' 175.209 
ASN 'L-peptide linking' y ASPARAGINE                                 ? 'C4 H8 N2 O3'    132.118 
ASP 'L-peptide linking' y 'ASPARTIC ACID'                            ? 'C4 H7 N O4'     133.103 
CL  non-polymer         . 'CHLORIDE ION'                             ? 'Cl -1'          35.453  
GLN 'L-peptide linking' y GLUTAMINE                                  ? 'C5 H10 N2 O3'   146.144 
GLU 'L-peptide linking' y 'GLUTAMIC ACID'                            ? 'C5 H9 N O4'     147.129 
GLY 'peptide linking'   y GLYCINE                                    ? 'C2 H5 N O2'     75.067  
HIS 'L-peptide linking' y HISTIDINE                                  ? 'C6 H10 N3 O2 1' 156.162 
HOH non-polymer         . WATER                                      ? 'H2 O'           18.015  
ILE 'L-peptide linking' y ISOLEUCINE                                 ? 'C6 H13 N O2'    131.173 
LEU 'L-peptide linking' y LEUCINE                                    ? 'C6 H13 N O2'    131.173 
LYS 'L-peptide linking' y LYSINE                                     ? 'C6 H15 N2 O2 1' 147.195 
MET 'L-peptide linking' y METHIONINE                                 ? 'C5 H11 N O2 S'  149.211 
NH2 non-polymer         . 'AMINO GROUP'                              ? 'H2 N'           16.023  
PRO 'L-peptide linking' y PROLINE                                    ? 'C5 H9 N O2'     115.130 
SER 'L-peptide linking' y SERINE                                     ? 'C3 H7 N O3'     105.093 
THR 'L-peptide linking' y THREONINE                                  ? 'C4 H9 N O3'     119.119 
TYR 'L-peptide linking' y TYROSINE                                   ? 'C9 H11 N O3'    181.189 
UZA 'L-peptide linking' . '(2S,6E)-2-amino-2-methylnon-6-enoic acid' ? 'C10 H19 N O2'   185.263 
VAL 'L-peptide linking' y VALINE                                     ? 'C5 H11 N O2'    117.146 
ZN  non-polymer         . 'ZINC ION'                                 ? 'Zn 2'           65.409  
# 
_exptl.absorpt_coefficient_mu     ? 
_exptl.absorpt_correction_T_max   ? 
_exptl.absorpt_correction_T_min   ? 
_exptl.absorpt_correction_type    ? 
_exptl.absorpt_process_details    ? 
_exptl.entry_id                   6PW8 
_exptl.crystals_number            1 
_exptl.details                    ? 
_exptl.method                     'X-RAY DIFFRACTION' 
_exptl.method_details             ? 
# 
_exptl_crystal.colour                      ? 
_exptl_crystal.density_diffrn              ? 
_exptl_crystal.density_Matthews            2.15 
_exptl_crystal.density_method              ? 
_exptl_crystal.density_percent_sol         42.85 
_exptl_crystal.description                 ? 
_exptl_crystal.F_000                       ? 
_exptl_crystal.id                          1 
_exptl_crystal.preparation                 ? 
_exptl_crystal.size_max                    ? 
_exptl_crystal.size_mid                    ? 
_exptl_crystal.size_min                    ? 
_exptl_crystal.size_rad                    ? 
_exptl_crystal.colour_lustre               ? 
_exptl_crystal.colour_modifier             ? 
_exptl_crystal.colour_primary              ? 
_exptl_crystal.density_meas                ? 
_exptl_crystal.density_meas_esd            ? 
_exptl_crystal.density_meas_gt             ? 
_exptl_crystal.density_meas_lt             ? 
_exptl_crystal.density_meas_temp           ? 
_exptl_crystal.density_meas_temp_esd       ? 
_exptl_crystal.density_meas_temp_gt        ? 
_exptl_crystal.density_meas_temp_lt        ? 
_exptl_crystal.pdbx_crystal_image_url      ? 
_exptl_crystal.pdbx_crystal_image_format   ? 
_exptl_crystal.pdbx_mosaicity              ? 
_exptl_crystal.pdbx_mosaicity_esd          ? 
# 
_exptl_crystal_grow.apparatus       ? 
_exptl_crystal_grow.atmosphere      ? 
_exptl_crystal_grow.crystal_id      1 
_exptl_crystal_grow.details         ? 
_exptl_crystal_grow.method          'VAPOR DIFFUSION, HANGING DROP' 
_exptl_crystal_grow.method_ref      ? 
_exptl_crystal_grow.pH              ? 
_exptl_crystal_grow.pressure        ? 
_exptl_crystal_grow.pressure_esd    ? 
_exptl_crystal_grow.seeding         ? 
_exptl_crystal_grow.seeding_ref     ? 
_exptl_crystal_grow.temp            293 
_exptl_crystal_grow.temp_details    ? 
_exptl_crystal_grow.temp_esd        ? 
_exptl_crystal_grow.time            ? 
_exptl_crystal_grow.pdbx_details    '0.02 M zinc chloride, 20% PEG3350' 
_exptl_crystal_grow.pdbx_pH_range   ? 
# 
_diffrn.ambient_environment              ? 
_diffrn.ambient_temp                     293 
_diffrn.ambient_temp_details             ? 
_diffrn.ambient_temp_esd                 ? 
_diffrn.crystal_id                       1 
_diffrn.crystal_support                  ? 
_diffrn.crystal_treatment                ? 
_diffrn.details                          ? 
_diffrn.id                               1 
_diffrn.ambient_pressure                 ? 
_diffrn.ambient_pressure_esd             ? 
_diffrn.ambient_pressure_gt              ? 
_diffrn.ambient_pressure_lt              ? 
_diffrn.ambient_temp_gt                  ? 
_diffrn.ambient_temp_lt                  ? 
_diffrn.pdbx_serial_crystal_experiment   N 
# 
_diffrn_detector.details                      'K-B Pair Bimorph Mirrors' 
_diffrn_detector.detector                     PIXEL 
_diffrn_detector.diffrn_id                    1 
_diffrn_detector.type                         'DECTRIS PILATUS3 6M' 
_diffrn_detector.area_resol_mean              ? 
_diffrn_detector.dtime                        ? 
_diffrn_detector.pdbx_frames_total            ? 
_diffrn_detector.pdbx_collection_time_total   ? 
_diffrn_detector.pdbx_collection_date         2019-04-21 
_diffrn_detector.pdbx_frequency               ? 
# 
_diffrn_radiation.collimation                      ? 
_diffrn_radiation.diffrn_id                        1 
_diffrn_radiation.filter_edge                      ? 
_diffrn_radiation.inhomogeneity                    ? 
_diffrn_radiation.monochromator                    'Si(111)' 
_diffrn_radiation.polarisn_norm                    ? 
_diffrn_radiation.polarisn_ratio                   ? 
_diffrn_radiation.probe                            ? 
_diffrn_radiation.type                             ? 
_diffrn_radiation.xray_symbol                      ? 
_diffrn_radiation.wavelength_id                    1 
_diffrn_radiation.pdbx_monochromatic_or_laue_m_l   M 
_diffrn_radiation.pdbx_wavelength_list             ? 
_diffrn_radiation.pdbx_wavelength                  ? 
_diffrn_radiation.pdbx_diffrn_protocol             'SINGLE WAVELENGTH' 
_diffrn_radiation.pdbx_analyzer                    ? 
_diffrn_radiation.pdbx_scattering_type             x-ray 
# 
_diffrn_radiation_wavelength.id           1 
_diffrn_radiation_wavelength.wavelength   1.02 
_diffrn_radiation_wavelength.wt           1.0 
# 
_diffrn_source.current                     ? 
_diffrn_source.details                     ? 
_diffrn_source.diffrn_id                   1 
_diffrn_source.power                       ? 
_diffrn_source.size                        ? 
_diffrn_source.source                      SYNCHROTRON 
_diffrn_source.target                      ? 
_diffrn_source.type                        'APS BEAMLINE 23-ID-D' 
_diffrn_source.voltage                     ? 
_diffrn_source.take-off_angle              ? 
_diffrn_source.pdbx_wavelength_list        1.02 
_diffrn_source.pdbx_wavelength             ? 
_diffrn_source.pdbx_synchrotron_beamline   23-ID-D 
_diffrn_source.pdbx_synchrotron_site       APS 
# 
_reflns.B_iso_Wilson_estimate            33.57 
_reflns.entry_id                         6PW8 
_reflns.data_reduction_details           ? 
_reflns.data_reduction_method            ? 
_reflns.d_resolution_high                1.95 
_reflns.d_resolution_low                 47.49 
_reflns.details                          ? 
_reflns.limit_h_max                      ? 
_reflns.limit_h_min                      ? 
_reflns.limit_k_max                      ? 
_reflns.limit_k_min                      ? 
_reflns.limit_l_max                      ? 
_reflns.limit_l_min                      ? 
_reflns.number_all                       ? 
_reflns.number_obs                       10290 
_reflns.observed_criterion               ? 
_reflns.observed_criterion_F_max         ? 
_reflns.observed_criterion_F_min         ? 
_reflns.observed_criterion_I_max         ? 
_reflns.observed_criterion_I_min         ? 
_reflns.observed_criterion_sigma_F       ? 
_reflns.observed_criterion_sigma_I       ? 
_reflns.percent_possible_obs             99.7 
_reflns.R_free_details                   ? 
_reflns.Rmerge_F_all                     ? 
_reflns.Rmerge_F_obs                     ? 
_reflns.Friedel_coverage                 ? 
_reflns.number_gt                        ? 
_reflns.threshold_expression             ? 
_reflns.pdbx_redundancy                  2.0 
_reflns.pdbx_Rmerge_I_obs                0.114 
_reflns.pdbx_Rmerge_I_all                ? 
_reflns.pdbx_Rsym_value                  ? 
_reflns.pdbx_netI_over_av_sigmaI         ? 
_reflns.pdbx_netI_over_sigmaI            12.8 
_reflns.pdbx_res_netI_over_av_sigmaI_2   ? 
_reflns.pdbx_res_netI_over_sigmaI_2      ? 
_reflns.pdbx_chi_squared                 ? 
_reflns.pdbx_scaling_rejects             ? 
_reflns.pdbx_d_res_high_opt              ? 
_reflns.pdbx_d_res_low_opt               ? 
_reflns.pdbx_d_res_opt_method            ? 
_reflns.phase_calculation_details        ? 
_reflns.pdbx_Rrim_I_all                  ? 
_reflns.pdbx_Rpim_I_all                  ? 
_reflns.pdbx_d_opt                       ? 
_reflns.pdbx_number_measured_all         ? 
_reflns.pdbx_diffrn_id                   1 
_reflns.pdbx_ordinal                     1 
_reflns.pdbx_CC_half                     ? 
_reflns.pdbx_CC_star                     ? 
_reflns.pdbx_R_split                     ? 
# 
_reflns_shell.d_res_high                  1.95 
_reflns_shell.d_res_low                   2.02 
_reflns_shell.meanI_over_sigI_all         ? 
_reflns_shell.meanI_over_sigI_obs         ? 
_reflns_shell.number_measured_all         ? 
_reflns_shell.number_measured_obs         ? 
_reflns_shell.number_possible             ? 
_reflns_shell.number_unique_all           ? 
_reflns_shell.number_unique_obs           1014 
_reflns_shell.percent_possible_all        99.5 
_reflns_shell.percent_possible_obs        ? 
_reflns_shell.Rmerge_F_all                ? 
_reflns_shell.Rmerge_F_obs                ? 
_reflns_shell.Rmerge_I_all                ? 
_reflns_shell.Rmerge_I_obs                1.859 
_reflns_shell.meanI_over_sigI_gt          ? 
_reflns_shell.meanI_over_uI_all           ? 
_reflns_shell.meanI_over_uI_gt            ? 
_reflns_shell.number_measured_gt          ? 
_reflns_shell.number_unique_gt            ? 
_reflns_shell.percent_possible_gt         ? 
_reflns_shell.Rmerge_F_gt                 ? 
_reflns_shell.Rmerge_I_gt                 ? 
_reflns_shell.pdbx_redundancy             ? 
_reflns_shell.pdbx_Rsym_value             ? 
_reflns_shell.pdbx_chi_squared            ? 
_reflns_shell.pdbx_netI_over_sigmaI_all   ? 
_reflns_shell.pdbx_netI_over_sigmaI_obs   ? 
_reflns_shell.pdbx_Rrim_I_all             ? 
_reflns_shell.pdbx_Rpim_I_all             ? 
_reflns_shell.pdbx_rejects                ? 
_reflns_shell.pdbx_ordinal                1 
_reflns_shell.pdbx_diffrn_id              1 
_reflns_shell.pdbx_CC_half                ? 
_reflns_shell.pdbx_CC_star                ? 
_reflns_shell.pdbx_R_split                ? 
# 
_refine.aniso_B[1][1]                            ? 
_refine.aniso_B[1][2]                            ? 
_refine.aniso_B[1][3]                            ? 
_refine.aniso_B[2][2]                            ? 
_refine.aniso_B[2][3]                            ? 
_refine.aniso_B[3][3]                            ? 
_refine.B_iso_max                                ? 
_refine.B_iso_mean                               38.06 
_refine.B_iso_min                                ? 
_refine.correlation_coeff_Fo_to_Fc               ? 
_refine.correlation_coeff_Fo_to_Fc_free          ? 
_refine.details                                  ? 
_refine.diff_density_max                         ? 
_refine.diff_density_max_esd                     ? 
_refine.diff_density_min                         ? 
_refine.diff_density_min_esd                     ? 
_refine.diff_density_rms                         ? 
_refine.diff_density_rms_esd                     ? 
_refine.entry_id                                 6PW8 
_refine.pdbx_refine_id                           'X-RAY DIFFRACTION' 
_refine.ls_abs_structure_details                 ? 
_refine.ls_abs_structure_Flack                   ? 
_refine.ls_abs_structure_Flack_esd               ? 
_refine.ls_abs_structure_Rogers                  ? 
_refine.ls_abs_structure_Rogers_esd              ? 
_refine.ls_d_res_high                            1.95 
_refine.ls_d_res_low                             37.66 
_refine.ls_extinction_coef                       ? 
_refine.ls_extinction_coef_esd                   ? 
_refine.ls_extinction_expression                 ? 
_refine.ls_extinction_method                     ? 
_refine.ls_goodness_of_fit_all                   ? 
_refine.ls_goodness_of_fit_all_esd               ? 
_refine.ls_goodness_of_fit_obs                   ? 
_refine.ls_goodness_of_fit_obs_esd               ? 
_refine.ls_hydrogen_treatment                    ? 
_refine.ls_matrix_type                           ? 
_refine.ls_number_constraints                    ? 
_refine.ls_number_parameters                     ? 
_refine.ls_number_reflns_all                     ? 
_refine.ls_number_reflns_obs                     10289 
_refine.ls_number_reflns_R_free                  520 
_refine.ls_number_reflns_R_work                  9769 
_refine.ls_number_restraints                     ? 
_refine.ls_percent_reflns_obs                    99.73 
_refine.ls_percent_reflns_R_free                 5.05 
_refine.ls_R_factor_all                          ? 
_refine.ls_R_factor_obs                          0.2190 
_refine.ls_R_factor_R_free                       0.2495 
_refine.ls_R_factor_R_free_error                 ? 
_refine.ls_R_factor_R_free_error_details         ? 
_refine.ls_R_factor_R_work                       0.2172 
_refine.ls_R_Fsqd_factor_obs                     ? 
_refine.ls_R_I_factor_obs                        ? 
_refine.ls_redundancy_reflns_all                 ? 
_refine.ls_redundancy_reflns_obs                 ? 
_refine.ls_restrained_S_all                      ? 
_refine.ls_restrained_S_obs                      ? 
_refine.ls_shift_over_esd_max                    ? 
_refine.ls_shift_over_esd_mean                   ? 
_refine.ls_structure_factor_coef                 ? 
_refine.ls_weighting_details                     ? 
_refine.ls_weighting_scheme                      ? 
_refine.ls_wR_factor_all                         ? 
_refine.ls_wR_factor_obs                         ? 
_refine.ls_wR_factor_R_free                      ? 
_refine.ls_wR_factor_R_work                      ? 
_refine.occupancy_max                            ? 
_refine.occupancy_min                            ? 
_refine.solvent_model_details                    'FLAT BULK SOLVENT MODEL' 
_refine.solvent_model_param_bsol                 ? 
_refine.solvent_model_param_ksol                 ? 
_refine.pdbx_R_complete                          ? 
_refine.ls_R_factor_gt                           ? 
_refine.ls_goodness_of_fit_gt                    ? 
_refine.ls_goodness_of_fit_ref                   ? 
_refine.ls_shift_over_su_max                     ? 
_refine.ls_shift_over_su_max_lt                  ? 
_refine.ls_shift_over_su_mean                    ? 
_refine.ls_shift_over_su_mean_lt                 ? 
_refine.pdbx_ls_sigma_I                          ? 
_refine.pdbx_ls_sigma_F                          1.35 
_refine.pdbx_ls_sigma_Fsqd                       ? 
_refine.pdbx_data_cutoff_high_absF               ? 
_refine.pdbx_data_cutoff_high_rms_absF           ? 
_refine.pdbx_data_cutoff_low_absF                ? 
_refine.pdbx_isotropic_thermal_model             ? 
_refine.pdbx_ls_cross_valid_method               THROUGHOUT 
_refine.pdbx_method_to_determine_struct          'MOLECULAR REPLACEMENT' 
_refine.pdbx_starting_model                      'PDB entry 1K05' 
_refine.pdbx_stereochemistry_target_values       'CDL v1.2' 
_refine.pdbx_R_Free_selection_details            ? 
_refine.pdbx_stereochem_target_val_spec_case     ? 
_refine.pdbx_overall_ESU_R                       ? 
_refine.pdbx_overall_ESU_R_Free                  ? 
_refine.pdbx_solvent_vdw_probe_radii             1.1100 
_refine.pdbx_solvent_ion_probe_radii             ? 
_refine.pdbx_solvent_shrinkage_radii             0.9000 
_refine.pdbx_real_space_R                        ? 
_refine.pdbx_density_correlation                 ? 
_refine.pdbx_pd_number_of_powder_patterns        ? 
_refine.pdbx_pd_number_of_points                 ? 
_refine.pdbx_pd_meas_number_of_points            ? 
_refine.pdbx_pd_proc_ls_prof_R_factor            ? 
_refine.pdbx_pd_proc_ls_prof_wR_factor           ? 
_refine.pdbx_pd_Marquardt_correlation_coeff      ? 
_refine.pdbx_pd_Fsqrd_R_factor                   ? 
_refine.pdbx_pd_ls_matrix_band_width             ? 
_refine.pdbx_overall_phase_error                 29.0201 
_refine.pdbx_overall_SU_R_free_Cruickshank_DPI   ? 
_refine.pdbx_overall_SU_R_free_Blow_DPI          ? 
_refine.pdbx_overall_SU_R_Blow_DPI               ? 
_refine.pdbx_TLS_residual_ADP_flag               ? 
_refine.pdbx_diffrn_id                           1 
_refine.overall_SU_B                             ? 
_refine.overall_SU_ML                            0.2365 
_refine.overall_SU_R_Cruickshank_DPI             ? 
_refine.overall_SU_R_free                        ? 
_refine.overall_FOM_free_R_set                   ? 
_refine.overall_FOM_work_R_set                   ? 
_refine.pdbx_average_fsc_overall                 ? 
_refine.pdbx_average_fsc_work                    ? 
_refine.pdbx_average_fsc_free                    ? 
# 
_refine_hist.pdbx_refine_id                   'X-RAY DIFFRACTION' 
_refine_hist.cycle_id                         LAST 
_refine_hist.details                          ? 
_refine_hist.d_res_high                       1.95 
_refine_hist.d_res_low                        37.66 
_refine_hist.number_atoms_solvent             92 
_refine_hist.number_atoms_total               1189 
_refine_hist.number_reflns_all                ? 
_refine_hist.number_reflns_obs                ? 
_refine_hist.number_reflns_R_free             ? 
_refine_hist.number_reflns_R_work             ? 
_refine_hist.R_factor_all                     ? 
_refine_hist.R_factor_obs                     ? 
_refine_hist.R_factor_R_free                  ? 
_refine_hist.R_factor_R_work                  ? 
_refine_hist.pdbx_number_residues_total       ? 
_refine_hist.pdbx_B_iso_mean_ligand           ? 
_refine_hist.pdbx_B_iso_mean_solvent          ? 
_refine_hist.pdbx_number_atoms_protein        1095 
_refine_hist.pdbx_number_atoms_nucleic_acid   0 
_refine_hist.pdbx_number_atoms_ligand         2 
_refine_hist.pdbx_number_atoms_lipid          ? 
_refine_hist.pdbx_number_atoms_carb           ? 
_refine_hist.pdbx_pseudo_atom_details         ? 
# 
loop_
_refine_ls_restr.pdbx_refine_id 
_refine_ls_restr.criterion 
_refine_ls_restr.dev_ideal 
_refine_ls_restr.dev_ideal_target 
_refine_ls_restr.number 
_refine_ls_restr.rejects 
_refine_ls_restr.type 
_refine_ls_restr.weight 
_refine_ls_restr.pdbx_restraint_function 
'X-RAY DIFFRACTION' ? 0.0101  ? 1106 ? f_bond_d           ? ? 
'X-RAY DIFFRACTION' ? 1.1235  ? 1494 ? f_angle_d          ? ? 
'X-RAY DIFFRACTION' ? 0.0570  ? 183  ? f_chiral_restr     ? ? 
'X-RAY DIFFRACTION' ? 0.0081  ? 189  ? f_plane_restr      ? ? 
'X-RAY DIFFRACTION' ? 22.7508 ? 433  ? f_dihedral_angle_d ? ? 
# 
loop_
_refine_ls_shell.pdbx_refine_id 
_refine_ls_shell.d_res_high 
_refine_ls_shell.d_res_low 
_refine_ls_shell.number_reflns_all 
_refine_ls_shell.number_reflns_obs 
_refine_ls_shell.number_reflns_R_free 
_refine_ls_shell.number_reflns_R_work 
_refine_ls_shell.percent_reflns_obs 
_refine_ls_shell.percent_reflns_R_free 
_refine_ls_shell.R_factor_all 
_refine_ls_shell.R_factor_obs 
_refine_ls_shell.R_factor_R_free 
_refine_ls_shell.R_factor_R_free_error 
_refine_ls_shell.R_factor_R_work 
_refine_ls_shell.redundancy_reflns_all 
_refine_ls_shell.redundancy_reflns_obs 
_refine_ls_shell.wR_factor_all 
_refine_ls_shell.wR_factor_obs 
_refine_ls_shell.wR_factor_R_free 
_refine_ls_shell.wR_factor_R_work 
_refine_ls_shell.pdbx_R_complete 
_refine_ls_shell.pdbx_total_number_of_bins_used 
_refine_ls_shell.pdbx_phase_error 
_refine_ls_shell.pdbx_fsc_work 
_refine_ls_shell.pdbx_fsc_free 
'X-RAY DIFFRACTION' 1.95 2.15  . . 143 2375 99.60 . . . 0.3112 . 0.2315 . . . . . . . . . . . 
'X-RAY DIFFRACTION' 2.15 2.46  . . 111 2418 99.72 . . . 0.3067 . 0.2131 . . . . . . . . . . . 
'X-RAY DIFFRACTION' 2.46 3.10  . . 127 2434 99.84 . . . 0.2930 . 0.2377 . . . . . . . . . . . 
'X-RAY DIFFRACTION' 3.10 37.66 . . 139 2542 99.74 . . . 0.2188 . 0.2075 . . . . . . . . . . . 
# 
_struct.entry_id                     6PW8 
_struct.title                        
'Hydrocarbon-Stapled Paxillin Peptide Bound to the Focal Adhesion Targeting (FAT) Domain of the Focal Adhesion Kinase (FAK)' 
_struct.pdbx_model_details           ? 
_struct.pdbx_formula_weight          ? 
_struct.pdbx_formula_weight_method   ? 
_struct.pdbx_model_type_details      ? 
_struct.pdbx_CASP_flag               N 
# 
_struct_keywords.entry_id        6PW8 
_struct_keywords.text            'Inhibitor, Stapled Peptide, Tyrosine Kinase, PROTEIN BINDING-INHIBITOR complex' 
_struct_keywords.pdbx_keywords   'PROTEIN BINDING/INHIBITOR' 
# 
loop_
_struct_asym.id 
_struct_asym.pdbx_blank_PDB_chainid_flag 
_struct_asym.pdbx_modified 
_struct_asym.entity_id 
_struct_asym.details 
A N N 1 ? 
B N N 2 ? 
C N N 3 ? 
D N N 4 ? 
E N N 5 ? 
F N N 5 ? 
# 
loop_
_struct_conf.conf_type_id 
_struct_conf.id 
_struct_conf.pdbx_PDB_helix_id 
_struct_conf.beg_label_comp_id 
_struct_conf.beg_label_asym_id 
_struct_conf.beg_label_seq_id 
_struct_conf.pdbx_beg_PDB_ins_code 
_struct_conf.end_label_comp_id 
_struct_conf.end_label_asym_id 
_struct_conf.end_label_seq_id 
_struct_conf.pdbx_end_PDB_ins_code 
_struct_conf.beg_auth_comp_id 
_struct_conf.beg_auth_asym_id 
_struct_conf.beg_auth_seq_id 
_struct_conf.end_auth_comp_id 
_struct_conf.end_auth_asym_id 
_struct_conf.end_auth_seq_id 
_struct_conf.pdbx_PDB_helix_class 
_struct_conf.details 
_struct_conf.pdbx_PDB_helix_length 
HELX_P HELX_P1  AA1 ASP A 1  ? ILE A 21  ? ASP A 922  ILE A 942  1 ? 21 
HELX_P HELX_P2  AA2 PRO A 25 ? GLU A 28  ? PRO A 946  GLU A 949  5 ? 4  
HELX_P HELX_P3  AA3 TYR A 29 ? ILE A 51  ? TYR A 950  ILE A 972  1 ? 23 
HELX_P HELX_P4  AA4 PRO A 52 ? LEU A 54  ? PRO A 973  LEU A 975  5 ? 3  
HELX_P HELX_P5  AA5 PRO A 55 ? SER A 57  ? PRO A 976  SER A 978  5 ? 3  
HELX_P HELX_P6  AA6 THR A 58 ? TYR A 86  ? THR A 979  TYR A 1007 1 ? 29 
HELX_P HELX_P7  AA7 LEU A 91 ? GLY A 126 ? LEU A 1012 GLY A 1047 1 ? 36 
HELX_P HELX_P8  AA8 ASN B 2  ? LEU B 3   ? ASN B 1    LEU B 2    5 ? 2  
HELX_P HELX_P9  AA9 GLU B 5  ? GLU B 5   ? GLU B 4    GLU B 4    5 ? 1  
HELX_P HELX_P10 AB1 LEU B 6  ? GLU B 12  ? LEU B 5    GLU B 11   1 ? 7  
# 
_struct_conf_type.id          HELX_P 
_struct_conf_type.criteria    ? 
_struct_conf_type.reference   ? 
# 
loop_
_struct_conn.id 
_struct_conn.conn_type_id 
_struct_conn.pdbx_leaving_atom_flag 
_struct_conn.pdbx_PDB_id 
_struct_conn.ptnr1_label_asym_id 
_struct_conn.ptnr1_label_comp_id 
_struct_conn.ptnr1_label_seq_id 
_struct_conn.ptnr1_label_atom_id 
_struct_conn.pdbx_ptnr1_label_alt_id 
_struct_conn.pdbx_ptnr1_PDB_ins_code 
_struct_conn.pdbx_ptnr1_standard_comp_id 
_struct_conn.ptnr1_symmetry 
_struct_conn.ptnr2_label_asym_id 
_struct_conn.ptnr2_label_comp_id 
_struct_conn.ptnr2_label_seq_id 
_struct_conn.ptnr2_label_atom_id 
_struct_conn.pdbx_ptnr2_label_alt_id 
_struct_conn.pdbx_ptnr2_PDB_ins_code 
_struct_conn.ptnr1_auth_asym_id 
_struct_conn.ptnr1_auth_comp_id 
_struct_conn.ptnr1_auth_seq_id 
_struct_conn.ptnr2_auth_asym_id 
_struct_conn.ptnr2_auth_comp_id 
_struct_conn.ptnr2_auth_seq_id 
_struct_conn.ptnr2_symmetry 
_struct_conn.pdbx_ptnr3_label_atom_id 
_struct_conn.pdbx_ptnr3_label_seq_id 
_struct_conn.pdbx_ptnr3_label_comp_id 
_struct_conn.pdbx_ptnr3_label_asym_id 
_struct_conn.pdbx_ptnr3_label_alt_id 
_struct_conn.pdbx_ptnr3_PDB_ins_code 
_struct_conn.details 
_struct_conn.pdbx_dist_value 
_struct_conn.pdbx_value_order 
_struct_conn.pdbx_role 
covale1 covale both ? B ACE 1  C   ? ? ? 1_555 B ASN 2  N   ? ? B ACE 0    B ASN 1    1_555 ? ? ? ? ? ? ? 1.332 ? ? 
covale2 covale both ? B LEU 3  C   ? ? ? 1_555 B 2JN 4  N   ? ? B LEU 2    B 2JN 3    1_555 ? ? ? ? ? ? ? 1.332 ? ? 
covale3 covale both ? B 2JN 4  C   ? ? ? 1_555 B GLU 5  N   ? ? B 2JN 3    B GLU 4    1_555 ? ? ? ? ? ? ? 1.333 ? ? 
covale4 covale one  ? B 2JN 4  CAI ? ? ? 1_555 B UZA 11 C05 ? ? B 2JN 3    B UZA 10   1_555 ? ? ? ? ? ? ? 1.492 ? ? 
covale5 covale both ? B LEU 10 C   ? ? ? 1_555 B UZA 11 N   ? ? B LEU 9    B UZA 10   1_555 ? ? ? ? ? ? ? 1.330 ? ? 
covale6 covale both ? B UZA 11 C   ? ? ? 1_555 B GLU 12 N   ? ? B UZA 10   B GLU 11   1_555 ? ? ? ? ? ? ? 1.335 ? ? 
covale7 covale both ? B ASN 14 C   ? ? ? 1_555 B NH2 15 N   ? ? B ASN 13   B NH2 14   1_555 ? ? ? ? ? ? ? 1.330 ? ? 
metalc1 metalc ?    ? A GLU 16 OE1 ? ? ? 1_555 C ZN  .  ZN  ? ? A GLU 937  A ZN  1101 1_555 ? ? ? ? ? ? ? 1.976 ? ? 
metalc2 metalc ?    ? A GLU 35 OE2 ? ? ? 1_555 C ZN  .  ZN  ? ? A GLU 956  A ZN  1101 1_555 ? ? ? ? ? ? ? 1.908 ? ? 
metalc3 metalc ?    ? A HIS 59 ND1 ? ? ? 1_555 C ZN  .  ZN  ? ? A HIS 980  A ZN  1101 2_454 ? ? ? ? ? ? ? 2.106 ? ? 
metalc4 metalc ?    ? C ZN  .  ZN  ? ? ? 1_555 E HOH .  O   ? ? A ZN  1101 A HOH 1216 1_555 ? ? ? ? ? ? ? 1.876 ? ? 
# 
loop_
_struct_conn_type.id 
_struct_conn_type.criteria 
_struct_conn_type.reference 
covale ? ? 
metalc ? ? 
# 
loop_
_struct_site.id 
_struct_site.pdbx_evidence_code 
_struct_site.pdbx_auth_asym_id 
_struct_site.pdbx_auth_comp_id 
_struct_site.pdbx_auth_seq_id 
_struct_site.pdbx_auth_ins_code 
_struct_site.pdbx_num_residues 
_struct_site.details 
AC1 Software A ZN 1101 ? 4 'binding site for residue ZN A 1101' 
AC2 Software A CL 1102 ? 4 'binding site for residue CL A 1102' 
# 
loop_
_struct_site_gen.id 
_struct_site_gen.site_id 
_struct_site_gen.pdbx_num_res 
_struct_site_gen.label_comp_id 
_struct_site_gen.label_asym_id 
_struct_site_gen.label_seq_id 
_struct_site_gen.pdbx_auth_ins_code 
_struct_site_gen.auth_comp_id 
_struct_site_gen.auth_asym_id 
_struct_site_gen.auth_seq_id 
_struct_site_gen.label_atom_id 
_struct_site_gen.label_alt_id 
_struct_site_gen.symmetry 
_struct_site_gen.details 
1 AC1 4 GLU A 16  ? GLU A 937  . ? 1_555 ? 
2 AC1 4 GLU A 35  ? GLU A 956  . ? 1_555 ? 
3 AC1 4 HIS A 59  ? HIS A 980  . ? 2_455 ? 
4 AC1 4 HOH E .   ? HOH A 1216 . ? 1_555 ? 
5 AC2 4 HIS A 104 ? HIS A 1025 . ? 1_555 ? 
6 AC2 4 ASP A 118 ? ASP A 1039 . ? 4_555 ? 
7 AC2 4 HOH E .   ? HOH A 1254 . ? 1_555 ? 
8 AC2 4 HOH E .   ? HOH A 1256 . ? 4_555 ? 
# 
_atom_sites.entry_id                    6PW8 
_atom_sites.Cartn_transf_matrix[1][1]   ? 
_atom_sites.Cartn_transf_matrix[1][2]   ? 
_atom_sites.Cartn_transf_matrix[1][3]   ? 
_atom_sites.Cartn_transf_matrix[2][1]   ? 
_atom_sites.Cartn_transf_matrix[2][2]   ? 
_atom_sites.Cartn_transf_matrix[2][3]   ? 
_atom_sites.Cartn_transf_matrix[3][1]   ? 
_atom_sites.Cartn_transf_matrix[3][2]   ? 
_atom_sites.Cartn_transf_matrix[3][3]   ? 
_atom_sites.Cartn_transf_vector[1]      ? 
_atom_sites.Cartn_transf_vector[2]      ? 
_atom_sites.Cartn_transf_vector[3]      ? 
_atom_sites.fract_transf_matrix[1][1]   -0.00047739 
_atom_sites.fract_transf_matrix[1][2]   -0.02094197 
_atom_sites.fract_transf_matrix[1][3]   0.00215527 
_atom_sites.fract_transf_matrix[2][1]   -0.00398954 
_atom_sites.fract_transf_matrix[2][2]   -0.00179447 
_atom_sites.fract_transf_matrix[2][3]   -0.01831995 
_atom_sites.fract_transf_matrix[3][1]   0.01829032 
_atom_sites.fract_transf_matrix[3][2]   -0.00081861 
_atom_sites.fract_transf_matrix[3][3]   -0.00390290 
_atom_sites.fract_transf_vector[1]      -0.069611 
_atom_sites.fract_transf_vector[2]      0.012165 
_atom_sites.fract_transf_vector[3]      -0.041633 
_atom_sites.solution_primary            ? 
_atom_sites.solution_secondary          ? 
_atom_sites.solution_hydrogens          ? 
_atom_sites.special_details             ? 
# 
loop_
_atom_type.symbol 
_atom_type.scat_dispersion_real 
_atom_type.scat_dispersion_imag 
_atom_type.scat_Cromer_Mann_a1 
_atom_type.scat_Cromer_Mann_a2 
_atom_type.scat_Cromer_Mann_a3 
_atom_type.scat_Cromer_Mann_a4 
_atom_type.scat_Cromer_Mann_b1 
_atom_type.scat_Cromer_Mann_b2 
_atom_type.scat_Cromer_Mann_b3 
_atom_type.scat_Cromer_Mann_b4 
_atom_type.scat_Cromer_Mann_c 
_atom_type.scat_source 
_atom_type.scat_dispersion_source 
C  ? ? 3.54356  2.42580 ? ? 25.62398 1.50364  ? ? 0.0 
;2-Gaussian fit: Grosse-Kunstleve RW, Sauter NK, Adams PD: Newsletter of the IUCr Commission on Crystallographic Computing 2004, 3, 22-31.
;
? 
CL ? ? 9.50761  7.44341 ? ? 1.04373  23.83732 ? ? 0.0 
;2-Gaussian fit: Grosse-Kunstleve RW, Sauter NK, Adams PD: Newsletter of the IUCr Commission on Crystallographic Computing 2004, 3, 22-31.
;
? 
N  ? ? 4.01032  2.96436 ? ? 19.97189 1.75589  ? ? 0.0 
;2-Gaussian fit: Grosse-Kunstleve RW, Sauter NK, Adams PD: Newsletter of the IUCr Commission on Crystallographic Computing 2004, 3, 22-31.
;
? 
O  ? ? 4.49882  3.47563 ? ? 15.80542 1.70748  ? ? 0.0 
;2-Gaussian fit: Grosse-Kunstleve RW, Sauter NK, Adams PD: Newsletter of the IUCr Commission on Crystallographic Computing 2004, 3, 22-31.
;
? 
S  ? ? 9.55732  6.39887 ? ? 1.23737  29.19336 ? ? 0.0 
;2-Gaussian fit: Grosse-Kunstleve RW, Sauter NK, Adams PD: Newsletter of the IUCr Commission on Crystallographic Computing 2004, 3, 22-31.
;
? 
ZN ? ? 24.64596 5.25405 ? ? 2.14387  29.76375 ? ? 0.0 
;2-Gaussian fit: Grosse-Kunstleve RW, Sauter NK, Adams PD: Newsletter of the IUCr Commission on Crystallographic Computing 2004, 3, 22-31.
;
? 
# 
loop_
_atom_site.group_PDB 
_atom_site.id 
_atom_site.type_symbol 
_atom_site.label_atom_id 
_atom_site.label_alt_id 
_atom_site.label_comp_id 
_atom_site.label_asym_id 
_atom_site.label_entity_id 
_atom_site.label_seq_id 
_atom_site.pdbx_PDB_ins_code 
_atom_site.Cartn_x 
_atom_site.Cartn_y 
_atom_site.Cartn_z 
_atom_site.occupancy 
_atom_site.B_iso_or_equiv 
_atom_site.pdbx_formal_charge 
_atom_site.auth_seq_id 
_atom_site.auth_comp_id 
_atom_site.auth_asym_id 
_atom_site.auth_atom_id 
_atom_site.pdbx_PDB_model_num 
ATOM   1    N  N   . ASP A 1 1   ? 6.80888   16.96963  -7.85389  1.000 37.56000 ?  922  ASP A N   1 
ATOM   2    C  CA  . ASP A 1 1   ? 5.54874   16.18568  -7.72886  1.000 35.31000 ?  922  ASP A CA  1 
ATOM   3    C  C   . ASP A 1 1   ? 5.69640   15.19154  -6.57898  1.000 36.29000 ?  922  ASP A C   1 
ATOM   4    O  O   . ASP A 1 1   ? 6.06847   14.06135  -6.83820  1.000 32.36000 ?  922  ASP A O   1 
ATOM   5    C  CB  . ASP A 1 1   ? 5.21397   15.44775  -9.02304  1.000 37.72000 ?  922  ASP A CB  1 
ATOM   6    C  CG  . ASP A 1 1   ? 3.81403   14.85385  -9.05582  1.000 37.45000 ?  922  ASP A CG  1 
ATOM   7    O  OD1 . ASP A 1 1   ? 3.20018   14.75995  -8.01335  1.000 33.07000 ?  922  ASP A OD1 1 
ATOM   8    O  OD2 . ASP A 1 1   ? 3.37014   14.51072  -10.13358 1.000 42.86000 -1 922  ASP A OD2 1 
ATOM   9    N  N   . LYS A 1 2   ? 5.37926   15.58802  -5.36642  1.000 33.93000 ?  923  LYS A N   1 
ATOM   10   C  CA  . LYS A 1 2   ? 5.55815   14.65253  -4.24553  1.000 35.82000 ?  923  LYS A CA  1 
ATOM   11   C  C   . LYS A 1 2   ? 4.63983   13.42753  -4.38307  1.000 31.33000 ?  923  LYS A C   1 
ATOM   12   O  O   . LYS A 1 2   ? 5.04598   12.37464  -3.95200  1.000 32.89000 ?  923  LYS A O   1 
ATOM   13   C  CB  . LYS A 1 2   ? 5.41852   15.41307  -2.93457  1.000 41.93000 ?  923  LYS A CB  1 
ATOM   14   C  CG  . LYS A 1 2   ? 6.67376   16.14603  -2.51069  1.000 48.42000 ?  923  LYS A CG  1 
ATOM   15   C  CD  . LYS A 1 2   ? 6.58873   16.65985  -1.10314  1.000 48.03000 ?  923  LYS A CD  1 
ATOM   16   C  CE  . LYS A 1 2   ? 7.37612   15.85981  -0.08485  1.000 53.31000 ?  923  LYS A CE  1 
ATOM   17   N  NZ  . LYS A 1 2   ? 6.85194   16.09469  1.28012   1.000 51.13000 ?  923  LYS A NZ  1 
ATOM   18   N  N   . VAL A 1 3   ? 3.45916   13.56046  -4.97483  1.000 28.87000 ?  924  VAL A N   1 
ATOM   19   C  CA  . VAL A 1 3   ? 2.59870   12.38504  -5.08665  1.000 30.68000 ?  924  VAL A CA  1 
ATOM   20   C  C   . VAL A 1 3   ? 3.28049   11.31871  -5.93671  1.000 30.94000 ?  924  VAL A C   1 
ATOM   21   O  O   . VAL A 1 3   ? 3.31700   10.13687  -5.58010  1.000 29.95000 ?  924  VAL A O   1 
ATOM   22   C  CB  . VAL A 1 3   ? 1.22847   12.76166  -5.66820  1.000 29.98000 ?  924  VAL A CB  1 
ATOM   23   C  CG1 . VAL A 1 3   ? 0.42347   11.49093  -5.93183  1.000 33.11000 ?  924  VAL A CG1 1 
ATOM   24   C  CG2 . VAL A 1 3   ? 0.48446   13.66002  -4.69560  1.000 29.80000 ?  924  VAL A CG2 1 
ATOM   25   N  N   . TYR A 1 4   ? 3.80095   11.71980  -7.09278  1.000 31.02000 ?  925  TYR A N   1 
ATOM   26   C  CA  . TYR A 1 4   ? 4.53357   10.77463  -7.92671  1.000 32.73000 ?  925  TYR A CA  1 
ATOM   27   C  C   . TYR A 1 4   ? 5.73448   10.19318  -7.18439  1.000 30.40000 ?  925  TYR A C   1 
ATOM   28   O  O   . TYR A 1 4   ? 5.99740   8.98807   -7.28707  1.000 30.49000 ?  925  TYR A O   1 
ATOM   29   C  CB  . TYR A 1 4   ? 4.96628   11.44571  -9.23406  1.000 34.22000 ?  925  TYR A CB  1 
ATOM   30   C  CG  . TYR A 1 4   ? 5.88953   10.57909  -10.08327 1.000 36.15000 ?  925  TYR A CG  1 
ATOM   31   C  CD1 . TYR A 1 4   ? 5.37745   9.58585   -10.90772 1.000 40.94000 ?  925  TYR A CD1 1 
ATOM   32   C  CD2 . TYR A 1 4   ? 7.26544   10.75018  -10.04085 1.000 38.26000 ?  925  TYR A CD2 1 
ATOM   33   C  CE1 . TYR A 1 4   ? 6.21594   8.77960   -11.67756 1.000 43.97000 ?  925  TYR A CE1 1 
ATOM   34   C  CE2 . TYR A 1 4   ? 8.11703   9.95488   -10.81873 1.000 42.08000 ?  925  TYR A CE2 1 
ATOM   35   C  CZ  . TYR A 1 4   ? 7.58399   8.97069   -11.62819 1.000 42.36000 ?  925  TYR A CZ  1 
ATOM   36   O  OH  . TYR A 1 4   ? 8.40731   8.16733   -12.39296 1.000 46.49000 ?  925  TYR A OH  1 
ATOM   37   N  N   . GLU A 1 5   ? 6.48599   11.02230  -6.43610  1.000 31.35000 ?  926  GLU A N   1 
ATOM   38   C  CA  . GLU A 1 5   ? 7.63169   10.48292  -5.68793  1.000 32.30000 ?  926  GLU A CA  1 
ATOM   39   C  C   . GLU A 1 5   ? 7.18628   9.45184   -4.65716  1.000 30.56000 ?  926  GLU A C   1 
ATOM   40   O  O   . GLU A 1 5   ? 7.84100   8.41791   -4.47537  1.000 29.93000 ?  926  GLU A O   1 
ATOM   41   C  CB  . GLU A 1 5   ? 8.39275   11.58061  -4.94644  1.000 38.21000 ?  926  GLU A CB  1 
ATOM   42   C  CG  . GLU A 1 5   ? 9.23915   12.51562  -5.73743  1.000 40.21000 ?  926  GLU A CG  1 
ATOM   43   C  CD  . GLU A 1 5   ? 9.74656   13.65321  -4.85002  1.000 45.81000 ?  926  GLU A CD  1 
ATOM   44   O  OE1 . GLU A 1 5   ? 10.00416  13.40303  -3.64788  1.000 49.22000 ?  926  GLU A OE1 1 
ATOM   45   O  OE2 . GLU A 1 5   ? 9.86360   14.79548  -5.34210  1.000 52.60000 -1 926  GLU A OE2 1 
ATOM   46   N  N   . ASN A 1 6   ? 6.10857   9.75789   -3.92503  1.000 29.33000 ?  927  ASN A N   1 
ATOM   47   C  CA  . ASN A 1 6   ? 5.59962   8.86347   -2.88970  1.000 28.83000 ?  927  ASN A CA  1 
ATOM   48   C  C   . ASN A 1 6   ? 5.07663   7.55927   -3.47466  1.000 28.75000 ?  927  ASN A C   1 
ATOM   49   O  O   . ASN A 1 6   ? 5.30151   6.48205   -2.89995  1.000 28.64000 ?  927  ASN A O   1 
ATOM   50   C  CB  . ASN A 1 6   ? 4.48240   9.55670   -2.11697  1.000 30.88000 ?  927  ASN A CB  1 
ATOM   51   C  CG  . ASN A 1 6   ? 4.98542   10.66132  -1.24800  1.000 34.73000 ?  927  ASN A CG  1 
ATOM   52   O  OD1 . ASN A 1 6   ? 4.19531   11.40206  -0.68378  1.000 38.18000 ?  927  ASN A OD1 1 
ATOM   53   N  ND2 . ASN A 1 6   ? 6.32002   10.79465  -1.13222  1.000 34.32000 ?  927  ASN A ND2 1 
ATOM   54   N  N   . VAL A 1 7   ? 4.32750   7.63858   -4.57976  1.000 28.27000 ?  928  VAL A N   1 
ATOM   55   C  CA  . VAL A 1 7   ? 3.88421   6.41386   -5.24436  1.000 28.79000 ?  928  VAL A CA  1 
ATOM   56   C  C   . VAL A 1 7   ? 5.09231   5.59934   -5.70011  1.000 30.35000 ?  928  VAL A C   1 
ATOM   57   O  O   . VAL A 1 7   ? 5.12554   4.37259   -5.54606  1.000 28.45000 ?  928  VAL A O   1 
ATOM   58   C  CB  . VAL A 1 7   ? 2.93717   6.72335   -6.42349  1.000 28.00000 ?  928  VAL A CB  1 
ATOM   59   C  CG1 . VAL A 1 7   ? 2.73099   5.45910   -7.28287  1.000 29.43000 ?  928  VAL A CG1 1 
ATOM   60   C  CG2 . VAL A 1 7   ? 1.58485   7.26014   -5.92352  1.000 25.95000 ?  928  VAL A CG2 1 
ATOM   61   N  N   . THR A 1 8   ? 6.10013   6.26309   -6.28686  1.000 27.55000 ?  929  THR A N   1 
ATOM   62   C  CA  . THR A 1 8   ? 7.30357   5.54131   -6.70236  1.000 27.99000 ?  929  THR A CA  1 
ATOM   63   C  C   . THR A 1 8   ? 7.93805   4.81554   -5.53365  1.000 28.24000 ?  929  THR A C   1 
ATOM   64   O  O   . THR A 1 8   ? 8.30823   3.63550   -5.64262  1.000 29.35000 ?  929  THR A O   1 
ATOM   65   C  CB  . THR A 1 8   ? 8.31375   6.51367   -7.31883  1.000 30.85000 ?  929  THR A CB  1 
ATOM   66   O  OG1 . THR A 1 8   ? 7.78259   7.03157   -8.54006  1.000 33.28000 ?  929  THR A OG1 1 
ATOM   67   C  CG2 . THR A 1 8   ? 9.63286   5.79399   -7.60037  1.000 35.92000 ?  929  THR A CG2 1 
ATOM   68   N  N   . GLY A 1 9   ? 8.08601   5.51390   -4.40157  1.000 29.28000 ?  930  GLY A N   1 
ATOM   69   C  CA  . GLY A 1 9   ? 8.69571   4.88943   -3.23122  1.000 25.63000 ?  930  GLY A CA  1 
ATOM   70   C  C   . GLY A 1 9   ? 7.90193   3.69571   -2.72450  1.000 28.12000 ?  930  GLY A C   1 
ATOM   71   O  O   . GLY A 1 9   ? 8.46865   2.65313   -2.39212  1.000 27.48000 ?  930  GLY A O   1 
ATOM   72   N  N   . LEU A 1 10  ? 6.57333   3.82507   -2.68019  1.000 27.02000 ?  931  LEU A N   1 
ATOM   73   C  CA  . LEU A 1 10  ? 5.73785   2.71124   -2.23699  1.000 26.01000 ?  931  LEU A CA  1 
ATOM   74   C  C   . LEU A 1 10  ? 5.84175   1.51354   -3.19200  1.000 25.86000 ?  931  LEU A C   1 
ATOM   75   O  O   . LEU A 1 10  ? 5.99729   0.36153   -2.76347  1.000 25.77000 ?  931  LEU A O   1 
ATOM   76   C  CB  . LEU A 1 10  ? 4.29269   3.21599   -2.09817  1.000 27.15000 ?  931  LEU A CB  1 
ATOM   77   C  CG  . LEU A 1 10  ? 3.18386   2.19519   -1.86672  1.000 27.11000 ?  931  LEU A CG  1 
ATOM   78   C  CD1 . LEU A 1 10  ? 3.48834   1.37217   -0.64129  1.000 29.08000 ?  931  LEU A CD1 1 
ATOM   79   C  CD2 . LEU A 1 10  ? 1.83382   2.90390   -1.71822  1.000 25.05000 ?  931  LEU A CD2 1 
ATOM   80   N  N   . VAL A 1 11  ? 5.76030   1.76249   -4.49407  1.000 26.91000 ?  932  VAL A N   1 
ATOM   81   C  CA  . VAL A 1 11  ? 5.83748   0.63662   -5.42151  1.000 27.80000 ?  932  VAL A CA  1 
ATOM   82   C  C   . VAL A 1 11  ? 7.20973   -0.01756  -5.34784  1.000 29.99000 ?  932  VAL A C   1 
ATOM   83   O  O   . VAL A 1 11  ? 7.32945   -1.25005  -5.38684  1.000 26.97000 ?  932  VAL A O   1 
ATOM   84   C  CB  . VAL A 1 11  ? 5.49159   1.09667   -6.85117  1.000 31.15000 ?  932  VAL A CB  1 
ATOM   85   C  CG1 . VAL A 1 11  ? 5.72821   -0.01601  -7.84959  1.000 31.07000 ?  932  VAL A CG1 1 
ATOM   86   C  CG2 . VAL A 1 11  ? 4.01748   1.58559   -6.92144  1.000 29.96000 ?  932  VAL A CG2 1 
ATOM   87   N  N   . LYS A 1 12  ? 8.27096   0.76806   -5.12950  1.000 26.57000 ?  933  LYS A N   1 
ATOM   88   C  CA  . LYS A 1 12  ? 9.59501   0.18122   -4.99846  1.000 29.31000 ?  933  LYS A CA  1 
ATOM   89   C  C   . LYS A 1 12  ? 9.68114   -0.70501  -3.76144  1.000 28.20000 ?  933  LYS A C   1 
ATOM   90   O  O   . LYS A 1 12  ? 10.27415  -1.78500  -3.80639  1.000 26.53000 ?  933  LYS A O   1 
ATOM   91   C  CB  . LYS A 1 12  ? 10.65468  1.28474   -4.95486  1.000 28.76000 ?  933  LYS A CB  1 
ATOM   92   C  CG  . LYS A 1 12  ? 12.01175  0.77537   -4.48390  1.000 32.44000 ?  933  LYS A CG  1 
ATOM   93   C  CD  . LYS A 1 12  ? 12.97745  1.91788   -4.12139  1.000 37.97000 ?  933  LYS A CD  1 
ATOM   94   C  CE  . LYS A 1 12  ? 12.40812  3.00459   -3.17546  1.000 33.17000 ?  933  LYS A CE  1 
ATOM   95   N  NZ  . LYS A 1 12  ? 11.43586  2.60308   -2.04537  1.000 36.97000 ?  933  LYS A NZ  1 
ATOM   96   N  N   . ALA A 1 13  ? 9.06308   -0.28195  -2.65045  1.000 29.05000 ?  934  ALA A N   1 
ATOM   97   C  CA  . ALA A 1 13  ? 9.07215   -1.14042  -1.47340  1.000 28.41000 ?  934  ALA A CA  1 
ATOM   98   C  C   . ALA A 1 13  ? 8.30678   -2.43137  -1.72929  1.000 30.59000 ?  934  ALA A C   1 
ATOM   99   O  O   . ALA A 1 13  ? 8.69558   -3.49480  -1.22863  1.000 29.84000 ?  934  ALA A O   1 
ATOM   100  C  CB  . ALA A 1 13  ? 8.50160   -0.41095  -0.25678  1.000 28.34000 ?  934  ALA A CB  1 
ATOM   101  N  N   . VAL A 1 14  ? 7.23832   -2.36518  -2.53429  1.000 32.08000 ?  935  VAL A N   1 
ATOM   102  C  CA  . VAL A 1 14  ? 6.48968   -3.58095  -2.84745  1.000 28.81000 ?  935  VAL A CA  1 
ATOM   103  C  C   . VAL A 1 14  ? 7.30954   -4.52343  -3.73355  1.000 32.79000 ?  935  VAL A C   1 
ATOM   104  O  O   . VAL A 1 14  ? 7.34745   -5.74472  -3.50600  1.000 33.38000 ?  935  VAL A O   1 
ATOM   105  C  CB  . VAL A 1 14  ? 5.14406   -3.22786  -3.49580  1.000 27.47000 ?  935  VAL A CB  1 
ATOM   106  C  CG1 . VAL A 1 14  ? 4.57433   -4.45829  -4.21455  1.000 29.76000 ?  935  VAL A CG1 1 
ATOM   107  C  CG2 . VAL A 1 14  ? 4.16678   -2.71255  -2.44722  1.000 27.86000 ?  935  VAL A CG2 1 
ATOM   108  N  N   . ILE A 1 15  ? 7.96318   -3.98380  -4.76460  1.000 30.05000 ?  936  ILE A N   1 
ATOM   109  C  CA  . ILE A 1 15  ? 8.80839   -4.81680  -5.62685  1.000 31.24000 ?  936  ILE A CA  1 
ATOM   110  C  C   . ILE A 1 15  ? 9.92790   -5.47503  -4.81815  1.000 34.38000 ?  936  ILE A C   1 
ATOM   111  O  O   . ILE A 1 15  ? 10.23883  -6.67029  -5.00011  1.000 33.97000 ?  936  ILE A O   1 
ATOM   112  C  CB  . ILE A 1 15  ? 9.36091   -3.98085  -6.80062  1.000 29.15000 ?  936  ILE A CB  1 
ATOM   113  C  CG1 . ILE A 1 15  ? 8.22654   -3.60268  -7.75446  1.000 30.97000 ?  936  ILE A CG1 1 
ATOM   114  C  CG2 . ILE A 1 15  ? 10.41878  -4.75249  -7.55686  1.000 35.35000 ?  936  ILE A CG2 1 
ATOM   115  C  CD1 . ILE A 1 15  ? 8.55216   -2.41471  -8.65524  1.000 32.84000 ?  936  ILE A CD1 1 
ATOM   116  N  N   . GLU A 1 16  ? 10.53462  -4.72196  -3.89312  1.000 32.27000 ?  937  GLU A N   1 
ATOM   117  C  CA  . GLU A 1 16  ? 11.55550  -5.30353  -3.01596  1.000 36.02000 ?  937  GLU A CA  1 
ATOM   118  C  C   . GLU A 1 16  ? 11.00679  -6.49220  -2.22999  1.000 37.21000 ?  937  GLU A C   1 
ATOM   119  O  O   . GLU A 1 16  ? 11.59159  -7.58933  -2.22829  1.000 36.28000 ?  937  GLU A O   1 
ATOM   120  C  CB  . GLU A 1 16  ? 12.06918  -4.24933  -2.03847  1.000 34.76000 ?  937  GLU A CB  1 
ATOM   121  C  CG  . GLU A 1 16  ? 13.07269  -3.33079  -2.60298  1.000 34.97000 ?  937  GLU A CG  1 
ATOM   122  C  CD  . GLU A 1 16  ? 13.36884  -2.18385  -1.67151  1.000 35.81000 ?  937  GLU A CD  1 
ATOM   123  O  OE1 . GLU A 1 16  ? 12.74665  -2.11983  -0.57175  1.000 30.24000 ?  937  GLU A OE1 1 
ATOM   124  O  OE2 . GLU A 1 16  ? 14.24431  -1.36030  -2.03433  1.000 37.72000 -1 937  GLU A OE2 1 
ATOM   125  N  N   . MET A 1 17  ? 9.88404   -6.29521  -1.57092  1.000 37.42000 ?  938  MET A N   1 
ATOM   126  C  CA  . MET A 1 17  ? 9.27443   -7.37259  -0.77232  1.000 40.58000 ?  938  MET A CA  1 
ATOM   127  C  C   . MET A 1 17  ? 8.99821   -8.57392  -1.67093  1.000 40.47000 ?  938  MET A C   1 
ATOM   128  O  O   . MET A 1 17  ? 9.16840   -9.67445  -1.23727  1.000 42.91000 ?  938  MET A O   1 
ATOM   129  C  CB  . MET A 1 17  ? 7.96171   -6.83941  -0.21070  1.000 36.78000 ?  938  MET A CB  1 
ATOM   130  C  CG  . MET A 1 17  ? 6.96124   -7.87224  0.13301   1.000 47.34000 ?  938  MET A CG  1 
ATOM   131  S  SD  . MET A 1 17  ? 5.58538   -7.01365  0.88212   1.000 50.15000 ?  938  MET A SD  1 
ATOM   132  C  CE  . MET A 1 17  ? 6.26437   -6.65622  2.48303   1.000 40.02000 ?  938  MET A CE  1 
ATOM   133  N  N   . SER A 1 18  ? 8.63590   -8.32885  -2.91660  1.000 40.39000 ?  939  SER A N   1 
ATOM   134  C  CA  . SER A 1 18  ? 8.28761   -9.42499  -3.80570  1.000 41.67000 ?  939  SER A CA  1 
ATOM   135  C  C   . SER A 1 18  ? 9.49864   -10.14994 -4.34798  1.000 44.47000 ?  939  SER A C   1 
ATOM   136  O  O   . SER A 1 18  ? 9.36074   -11.26992 -4.84567  1.000 50.64000 ?  939  SER A O   1 
ATOM   137  C  CB  . SER A 1 18  ? 7.44369   -8.90985  -4.96678  1.000 40.25000 ?  939  SER A CB  1 
ATOM   138  O  OG  . SER A 1 18  ? 6.31972   -8.21479  -4.46109  1.000 41.71000 ?  939  SER A OG  1 
ATOM   139  N  N   . SER A 1 19  ? 10.67031  -9.53032  -4.31118  1.000 42.60000 ?  940  SER A N   1 
ATOM   140  C  CA  . SER A 1 19  ? 11.81964  -10.37009 -4.61492  1.000 45.69000 ?  940  SER A CA  1 
ATOM   141  C  C   . SER A 1 19  ? 12.38173  -11.03572 -3.36643  1.000 50.00000 ?  940  SER A C   1 
ATOM   142  O  O   . SER A 1 19  ? 13.06532  -12.06176 -3.48264  1.000 51.99000 ?  940  SER A O   1 
ATOM   143  C  CB  . SER A 1 19  ? 12.92406  -9.56594  -5.30124  1.000 44.12000 ?  940  SER A CB  1 
ATOM   144  O  OG  . SER A 1 19  ? 13.22921  -8.37958  -4.57093  1.000 46.52000 ?  940  SER A OG  1 
ATOM   145  N  N   . LYS A 1 20  ? 12.00514  -10.58728 -2.16040  1.000 47.75000 ?  941  LYS A N   1 
ATOM   146  C  CA  . LYS A 1 20  ? 12.51650  -11.19494 -0.93635  1.000 48.49000 ?  941  LYS A CA  1 
ATOM   147  C  C   . LYS A 1 20  ? 11.55031  -12.19002 -0.27686  1.000 52.46000 ?  941  LYS A C   1 
ATOM   148  O  O   . LYS A 1 20  ? 11.95950  -12.88431 0.65921   1.000 52.13000 ?  941  LYS A O   1 
ATOM   149  C  CB  . LYS A 1 20  ? 12.90875  -10.09264 0.07109   1.000 49.96000 ?  941  LYS A CB  1 
ATOM   150  C  CG  . LYS A 1 20  ? 13.98962  -9.10873  -0.44675  1.000 47.74000 ?  941  LYS A CG  1 
ATOM   151  C  CD  . LYS A 1 20  ? 14.08589  -7.79937  0.38690   1.000 48.71000 ?  941  LYS A CD  1 
ATOM   152  C  CE  . LYS A 1 20  ? 14.84470  -6.67088  -0.38032  1.000 47.47000 ?  941  LYS A CE  1 
ATOM   153  N  NZ  . LYS A 1 20  ? 15.00901  -5.36808  0.37542   1.000 38.67000 ?  941  LYS A NZ  1 
ATOM   154  N  N   . ILE A 1 21  ? 10.30011  -12.30023 -0.74536  1.000 50.27000 ?  942  ILE A N   1 
ATOM   155  C  CA  . ILE A 1 21  ? 9.29039   -13.13325 -0.08404  1.000 53.09000 ?  942  ILE A CA  1 
ATOM   156  C  C   . ILE A 1 21  ? 9.65114   -14.61330 -0.17904  1.000 55.51000 ?  942  ILE A C   1 
ATOM   157  O  O   . ILE A 1 21  ? 9.53447   -15.36029 0.80269   1.000 54.18000 ?  942  ILE A O   1 
ATOM   158  C  CB  . ILE A 1 21  ? 7.89563   -12.86131 -0.68186  1.000 52.21000 ?  942  ILE A CB  1 
ATOM   159  C  CG1 . ILE A 1 21  ? 7.25224   -11.62347 -0.05230  1.000 51.12000 ?  942  ILE A CG1 1 
ATOM   160  C  CG2 . ILE A 1 21  ? 6.98490   -14.07258 -0.51808  1.000 51.96000 ?  942  ILE A CG2 1 
ATOM   161  C  CD1 . ILE A 1 21  ? 5.95701   -11.17141 -0.76347  1.000 43.49000 ?  942  ILE A CD1 1 
ATOM   162  N  N   . GLN A 1 22  ? 10.03750  -15.05925 -1.37818  1.000 55.49000 ?  943  GLN A N   1 
ATOM   163  C  CA  . GLN A 1 22  ? 10.33580  -16.48071 -1.55271  1.000 59.64000 ?  943  GLN A CA  1 
ATOM   164  C  C   . GLN A 1 22  ? 11.60192  -16.90140 -0.81668  1.000 60.25000 ?  943  GLN A C   1 
ATOM   165  O  O   . GLN A 1 22  ? 11.55421  -17.90804 -0.08568  1.000 59.79000 ?  943  GLN A O   1 
ATOM   166  C  CB  . GLN A 1 22  ? 10.38865  -16.82463 -3.04597  1.000 60.72000 ?  943  GLN A CB  1 
ATOM   167  C  CG  . GLN A 1 22  ? 9.03358   -16.71438 -3.74044  1.000 62.88000 ?  943  GLN A CG  1 
ATOM   168  C  CD  . GLN A 1 22  ? 8.80833   -15.36507 -4.43631  1.000 62.49000 ?  943  GLN A CD  1 
ATOM   169  O  OE1 . GLN A 1 22  ? 9.33938   -14.32005 -4.02306  1.000 56.91000 ?  943  GLN A OE1 1 
ATOM   170  N  NE2 . GLN A 1 22  ? 8.01575   -15.38985 -5.50736  1.000 60.21000 ?  943  GLN A NE2 1 
ATOM   171  N  N   . PRO A 1 23  ? 12.76361  -16.18864 -0.94208  1.000 58.47000 ?  944  PRO A N   1 
ATOM   172  C  CA  . PRO A 1 23  ? 13.95552  -16.58830 -0.17448  1.000 59.78000 ?  944  PRO A CA  1 
ATOM   173  C  C   . PRO A 1 23  ? 13.81675  -16.43433 1.33965   1.000 61.27000 ?  944  PRO A C   1 
ATOM   174  O  O   . PRO A 1 23  ? 14.17692  -17.35393 2.08845   1.000 59.86000 ?  944  PRO A O   1 
ATOM   175  C  CB  . PRO A 1 23  ? 15.05541  -15.66496 -0.72960  1.000 58.44000 ?  944  PRO A CB  1 
ATOM   176  C  CG  . PRO A 1 23  ? 14.33286  -14.49516 -1.27698  1.000 59.05000 ?  944  PRO A CG  1 
ATOM   177  C  CD  . PRO A 1 23  ? 13.06091  -15.05400 -1.83970  1.000 58.01000 ?  944  PRO A CD  1 
ATOM   178  N  N   . ALA A 1 24  ? 13.29494  -15.29346 1.80624   1.000 60.49000 ?  945  ALA A N   1 
ATOM   179  C  CA  . ALA A 1 24  ? 13.31402  -14.98728 3.23201   1.000 60.63000 ?  945  ALA A CA  1 
ATOM   180  C  C   . ALA A 1 24  ? 12.39028  -15.92574 4.01140   1.000 59.40000 ?  945  ALA A C   1 
ATOM   181  O  O   . ALA A 1 24  ? 11.37078  -16.38764 3.48907   1.000 59.56000 ?  945  ALA A O   1 
ATOM   182  C  CB  . ALA A 1 24  ? 12.90939  -13.53550 3.48225   1.000 58.57000 ?  945  ALA A CB  1 
ATOM   183  N  N   . PRO A 1 25  ? 12.75343  -16.25306 5.24952   1.000 60.86000 ?  946  PRO A N   1 
ATOM   184  C  CA  . PRO A 1 25  ? 11.88285  -17.07528 6.09539   1.000 60.98000 ?  946  PRO A CA  1 
ATOM   185  C  C   . PRO A 1 25  ? 10.75613  -16.24633 6.68005   1.000 58.98000 ?  946  PRO A C   1 
ATOM   186  O  O   . PRO A 1 25  ? 10.95416  -15.06899 7.02538   1.000 56.31000 ?  946  PRO A O   1 
ATOM   187  C  CB  . PRO A 1 25  ? 12.83469  -17.58461 7.19024   1.000 62.54000 ?  946  PRO A CB  1 
ATOM   188  C  CG  . PRO A 1 25  ? 14.19902  -17.48742 6.56078   1.000 64.09000 ?  946  PRO A CG  1 
ATOM   189  C  CD  . PRO A 1 25  ? 14.12572  -16.21145 5.77218   1.000 63.40000 ?  946  PRO A CD  1 
ATOM   190  N  N   . PRO A 1 26  ? 9.56439   -16.83713 6.83090   1.000 57.33000 ?  947  PRO A N   1 
ATOM   191  C  CA  . PRO A 1 26  ? 8.34669   -16.02950 7.04164   1.000 58.43000 ?  947  PRO A CA  1 
ATOM   192  C  C   . PRO A 1 26  ? 8.37991   -15.10003 8.25421   1.000 55.72000 ?  947  PRO A C   1 
ATOM   193  O  O   . PRO A 1 26  ? 7.51160   -14.21520 8.35457   1.000 53.56000 ?  947  PRO A O   1 
ATOM   194  C  CB  . PRO A 1 26  ? 7.24364   -17.09373 7.18458   1.000 54.21000 ?  947  PRO A CB  1 
ATOM   195  C  CG  . PRO A 1 26  ? 7.74628   -18.23782 6.36984   1.000 54.20000 ?  947  PRO A CG  1 
ATOM   196  C  CD  . PRO A 1 26  ? 9.24503   -18.25923 6.61102   1.000 59.99000 ?  947  PRO A CD  1 
ATOM   197  N  N   . GLU A 1 27  ? 9.33602   -15.24991 9.16898   1.000 57.74000 ?  948  GLU A N   1 
ATOM   198  C  CA  . GLU A 1 27  ? 9.38300   -14.38439 10.33958  1.000 58.17000 ?  948  GLU A CA  1 
ATOM   199  C  C   . GLU A 1 27  ? 10.41280  -13.26669 10.21146  1.000 55.72000 ?  948  GLU A C   1 
ATOM   200  O  O   . GLU A 1 27  ? 10.69223  -12.58406 11.20028  1.000 56.65000 ?  948  GLU A O   1 
ATOM   201  C  CB  . GLU A 1 27  ? 9.63013   -15.21359 11.59969  1.000 61.20000 ?  948  GLU A CB  1 
ATOM   202  C  CG  . GLU A 1 27  ? 10.65111  -16.31515 11.44002  1.000 60.50000 ?  948  GLU A CG  1 
ATOM   203  C  CD  . GLU A 1 27  ? 10.02911  -17.69511 11.58213  1.000 62.70000 ?  948  GLU A CD  1 
ATOM   204  O  OE1 . GLU A 1 27  ? 9.06896   -18.00493 10.84075  1.000 64.62000 ?  948  GLU A OE1 1 
ATOM   205  O  OE2 . GLU A 1 27  ? 10.49176  -18.47741 12.43704  1.000 62.16000 -1 948  GLU A OE2 1 
ATOM   206  N  N   . GLU A 1 28  ? 10.95924  -13.04056 9.01239   1.000 54.19000 ?  949  GLU A N   1 
ATOM   207  C  CA  . GLU A 1 28  ? 11.66228  -11.79484 8.70745   1.000 49.92000 ?  949  GLU A CA  1 
ATOM   208  C  C   . GLU A 1 28  ? 10.84191  -10.90038 7.77860   1.000 48.23000 ?  949  GLU A C   1 
ATOM   209  O  O   . GLU A 1 28  ? 11.37379  -9.97210  7.15546   1.000 46.14000 ?  949  GLU A O   1 
ATOM   210  C  CB  . GLU A 1 28  ? 13.03112  -12.10052 8.10208   1.000 54.44000 ?  949  GLU A CB  1 
ATOM   211  C  CG  . GLU A 1 28  ? 13.90753  -12.94520 9.03852   1.000 60.28000 ?  949  GLU A CG  1 
ATOM   212  C  CD  . GLU A 1 28  ? 14.62728  -14.08444 8.33847   1.000 63.99000 ?  949  GLU A CD  1 
ATOM   213  O  OE1 . GLU A 1 28  ? 14.26329  -15.25631 8.58598   1.000 63.60000 ?  949  GLU A OE1 1 
ATOM   214  O  OE2 . GLU A 1 28  ? 15.56499  -13.81453 7.55367   1.000 64.36000 -1 949  GLU A OE2 1 
ATOM   215  N  N   . TYR A 1 29  ? 9.54299   -11.16305 7.70371   1.000 44.97000 ?  950  TYR A N   1 
ATOM   216  C  CA  . TYR A 1 29  ? 8.65176   -10.41679 6.83359   1.000 42.92000 ?  950  TYR A CA  1 
ATOM   217  C  C   . TYR A 1 29  ? 8.25557   -9.07689  7.42503   1.000 39.22000 ?  950  TYR A C   1 
ATOM   218  O  O   . TYR A 1 29  ? 7.93342   -8.15659  6.67199   1.000 36.31000 ?  950  TYR A O   1 
ATOM   219  C  CB  . TYR A 1 29  ? 7.38992   -11.23770 6.56987   1.000 43.98000 ?  950  TYR A CB  1 
ATOM   220  C  CG  . TYR A 1 29  ? 7.62577   -12.39315 5.63441   1.000 46.86000 ?  950  TYR A CG  1 
ATOM   221  C  CD1 . TYR A 1 29  ? 8.83232   -12.51824 4.95005   1.000 47.40000 ?  950  TYR A CD1 1 
ATOM   222  C  CD2 . TYR A 1 29  ? 6.64339   -13.33891 5.41151   1.000 47.12000 ?  950  TYR A CD2 1 
ATOM   223  C  CE1 . TYR A 1 29  ? 9.05547   -13.56305 4.08055   1.000 52.18000 ?  950  TYR A CE1 1 
ATOM   224  C  CE2 . TYR A 1 29  ? 6.85648   -14.39621 4.54542   1.000 52.44000 ?  950  TYR A CE2 1 
ATOM   225  C  CZ  . TYR A 1 29  ? 8.06571   -14.50140 3.87909   1.000 52.75000 ?  950  TYR A CZ  1 
ATOM   226  O  OH  . TYR A 1 29  ? 8.28111   -15.54927 3.00746   1.000 54.98000 ?  950  TYR A OH  1 
ATOM   227  N  N   . VAL A 1 30  ? 8.22910   -8.95425  8.75738   1.000 32.94000 ?  951  VAL A N   1 
ATOM   228  C  CA  . VAL A 1 30  ? 7.64738   -7.75454  9.37211   1.000 35.64000 ?  951  VAL A CA  1 
ATOM   229  C  C   . VAL A 1 30  ? 8.36566   -6.48927  8.92828   1.000 32.75000 ?  951  VAL A C   1 
ATOM   230  O  O   . VAL A 1 30  ? 7.68602   -5.50929  8.59784   1.000 30.28000 ?  951  VAL A O   1 
ATOM   231  C  CB  . VAL A 1 30  ? 7.58930   -7.91289  10.89823  1.000 33.69000 ?  951  VAL A CB  1 
ATOM   232  C  CG1 . VAL A 1 30  ? 7.27746   -6.57478  11.54961  1.000 37.10000 ?  951  VAL A CG1 1 
ATOM   233  C  CG2 . VAL A 1 30  ? 6.52331   -8.93012  11.30095  1.000 36.66000 ?  951  VAL A CG2 1 
ATOM   234  N  N   . PRO A 1 31  ? 9.70566   -6.41617  8.89971   1.000 34.48000 ?  952  PRO A N   1 
ATOM   235  C  CA  . PRO A 1 31  ? 10.34171  -5.15420  8.47411   1.000 34.92000 ?  952  PRO A CA  1 
ATOM   236  C  C   . PRO A 1 31  ? 9.99688   -4.76404  7.05929   1.000 32.42000 ?  952  PRO A C   1 
ATOM   237  O  O   . PRO A 1 31  ? 9.89044   -3.56419  6.76446   1.000 31.14000 ?  952  PRO A O   1 
ATOM   238  C  CB  . PRO A 1 31  ? 11.84362  -5.44406  8.61855   1.000 33.56000 ?  952  PRO A CB  1 
ATOM   239  C  CG  . PRO A 1 31  ? 11.91487  -6.53788  9.62314   1.000 36.50000 ?  952  PRO A CG  1 
ATOM   240  C  CD  . PRO A 1 31  ? 10.71342  -7.39995  9.34413   1.000 35.41000 ?  952  PRO A CD  1 
ATOM   241  N  N   . MET A 1 32  ? 9.81352   -5.73783  6.16443   1.000 29.95000 ?  953  MET A N   1 
ATOM   242  C  CA  . MET A 1 32  ? 9.45121   -5.39462  4.78784   1.000 34.71000 ?  953  MET A CA  1 
ATOM   243  C  C   . MET A 1 32  ? 8.02410   -4.87920  4.69240   1.000 31.71000 ?  953  MET A C   1 
ATOM   244  O  O   . MET A 1 32  ? 7.75886   -3.88961  3.99010   1.000 29.11000 ?  953  MET A O   1 
ATOM   245  C  CB  . MET A 1 32  ? 9.63094   -6.59750  3.87748   1.000 36.83000 ?  953  MET A CB  1 
ATOM   246  C  CG  . MET A 1 32  ? 11.06825  -6.91573  3.62443   1.000 41.95000 ?  953  MET A CG  1 
ATOM   247  S  SD  . MET A 1 32  ? 11.18030  -8.31357  2.51452   1.000 59.87000 ?  953  MET A SD  1 
ATOM   248  C  CE  . MET A 1 32  ? 10.15685  -9.47942  3.37799   1.000 44.45000 ?  953  MET A CE  1 
ATOM   249  N  N   . VAL A 1 33  ? 7.08631   -5.53860  5.38583   1.000 28.90000 ?  954  VAL A N   1 
ATOM   250  C  CA  . VAL A 1 33  ? 5.70528   -5.05191  5.38290   1.000 27.06000 ?  954  VAL A CA  1 
ATOM   251  C  C   . VAL A 1 33  ? 5.63418   -3.68958  6.04939   1.000 26.22000 ?  954  VAL A C   1 
ATOM   252  O  O   . VAL A 1 33  ? 4.89320   -2.81032  5.61571   1.000 28.81000 ?  954  VAL A O   1 
ATOM   253  C  CB  . VAL A 1 33  ? 4.76625   -6.06607  6.06816   1.000 30.46000 ?  954  VAL A CB  1 
ATOM   254  C  CG1 . VAL A 1 33  ? 3.35684   -5.45793  6.24252   1.000 26.81000 ?  954  VAL A CG1 1 
ATOM   255  C  CG2 . VAL A 1 33  ? 4.68110   -7.33789  5.25000   1.000 31.39000 ?  954  VAL A CG2 1 
ATOM   256  N  N   . LYS A 1 34  ? 6.44498   -3.49940  7.07045   1.000 29.38000 ?  955  LYS A N   1 
ATOM   257  C  CA  . LYS A 1 34  ? 6.48788   -2.20196  7.76680   1.000 28.26000 ?  955  LYS A CA  1 
ATOM   258  C  C   . LYS A 1 34  ? 7.00733   -1.11053  6.82092   1.000 29.28000 ?  955  LYS A C   1 
ATOM   259  O  O   . LYS A 1 34  ? 6.45478   -0.04193  6.83247   1.000 26.67000 ?  955  LYS A O   1 
ATOM   260  C  CB  . LYS A 1 34  ? 7.32791   -2.30583  9.03443   1.000 30.44000 ?  955  LYS A CB  1 
ATOM   261  C  CG  . LYS A 1 34  ? 7.18611   -1.08799  9.92273   1.000 35.18000 ?  955  LYS A CG  1 
ATOM   262  C  CD  . LYS A 1 34  ? 7.82264   -1.19769  11.25478  1.000 36.45000 ?  955  LYS A CD  1 
ATOM   263  C  CE  . LYS A 1 34  ? 7.85931   0.13922   11.94244  1.000 40.81000 ?  955  LYS A CE  1 
ATOM   264  N  NZ  . LYS A 1 34  ? 8.60820   0.05803   13.20508  1.000 45.73000 ?  955  LYS A NZ  1 
ATOM   265  N  N   . GLU A 1 35  ? 8.05289   -1.38648  6.05171   1.000 28.19000 ?  956  GLU A N   1 
ATOM   266  C  CA  . GLU A 1 35  ? 8.55695   -0.37542  5.11295   1.000 26.49000 ?  956  GLU A CA  1 
ATOM   267  C  C   . GLU A 1 35  ? 7.48456   -0.00609  4.08685   1.000 24.77000 ?  956  GLU A C   1 
ATOM   268  O  O   . GLU A 1 35  ? 7.30757   1.17627   3.74330   1.000 26.32000 ?  956  GLU A O   1 
ATOM   269  C  CB  . GLU A 1 35  ? 9.83397   -0.87205  4.40028   1.000 27.90000 ?  956  GLU A CB  1 
ATOM   270  C  CG  . GLU A 1 35  ? 10.25377  0.05996   3.25114   1.000 27.95000 ?  956  GLU A CG  1 
ATOM   271  C  CD  . GLU A 1 35  ? 11.42255  -0.43727  2.37191   1.000 27.67000 ?  956  GLU A CD  1 
ATOM   272  O  OE1 . GLU A 1 35  ? 11.82528  -1.61165  2.48149   1.000 28.50000 ?  956  GLU A OE1 1 
ATOM   273  O  OE2 . GLU A 1 35  ? 11.94478  0.38362   1.56296   1.000 30.83000 -1 956  GLU A OE2 1 
ATOM   274  N  N   . VAL A 1 36  ? 6.73715   -1.00799  3.61471   1.000 26.46000 ?  957  VAL A N   1 
ATOM   275  C  CA  . VAL A 1 36  ? 5.61622   -0.74281  2.70911   1.000 24.71000 ?  957  VAL A CA  1 
ATOM   276  C  C   . VAL A 1 36  ? 4.54802   0.09997   3.40202   1.000 25.14000 ?  957  VAL A C   1 
ATOM   277  O  O   . VAL A 1 36  ? 4.07980   1.10299   2.85364   1.000 23.74000 ?  957  VAL A O   1 
ATOM   278  C  CB  . VAL A 1 36  ? 5.04220   -2.06951  2.17756   1.000 25.79000 ?  957  VAL A CB  1 
ATOM   279  C  CG1 . VAL A 1 36  ? 3.70727   -1.84175  1.45691   1.000 26.12000 ?  957  VAL A CG1 1 
ATOM   280  C  CG2 . VAL A 1 36  ? 6.06716   -2.74326  1.25132   1.000 25.72000 ?  957  VAL A CG2 1 
ATOM   281  N  N   . GLY A 1 37  ? 4.12959   -0.30265  4.60490   1.000 28.63000 ?  958  GLY A N   1 
ATOM   282  C  CA  . GLY A 1 37  ? 3.09992   0.45887   5.31795   1.000 25.79000 ?  958  GLY A CA  1 
ATOM   283  C  C   . GLY A 1 37  ? 3.48995   1.91040   5.54629   1.000 28.42000 ?  958  GLY A C   1 
ATOM   284  O  O   . GLY A 1 37  ? 2.65868   2.82098   5.42633   1.000 28.19000 ?  958  GLY A O   1 
ATOM   285  N  N   . LEU A 1 38  ? 4.76541   2.15498   5.86041   1.000 26.18000 ?  959  LEU A N   1 
ATOM   286  C  CA  . LEU A 1 38  ? 5.19685   3.52553   6.13187   1.000 27.10000 ?  959  LEU A CA  1 
ATOM   287  C  C   . LEU A 1 38  ? 5.27827   4.34254   4.84561   1.000 26.18000 ?  959  LEU A C   1 
ATOM   288  O  O   . LEU A 1 38  ? 4.96912   5.54585   4.84237   1.000 27.46000 ?  959  LEU A O   1 
ATOM   289  C  CB  . LEU A 1 38  ? 6.54239   3.51809   6.86564   1.000 29.29000 ?  959  LEU A CB  1 
ATOM   290  C  CG  . LEU A 1 38  ? 6.57006   3.00611   8.31622   1.000 31.90000 ?  959  LEU A CG  1 
ATOM   291  C  CD1 . LEU A 1 38  ? 7.94189   3.21110   8.96075   1.000 38.51000 ?  959  LEU A CD1 1 
ATOM   292  C  CD2 . LEU A 1 38  ? 5.49387   3.70033   9.14675   1.000 36.94000 ?  959  LEU A CD2 1 
ATOM   293  N  N   . ALA A 1 39  ? 5.70002   3.71388   3.74508   1.000 25.85000 ?  960  ALA A N   1 
ATOM   294  C  CA  . ALA A 1 39  ? 5.61850   4.37948   2.44643   1.000 25.51000 ?  960  ALA A CA  1 
ATOM   295  C  C   . ALA A 1 39  ? 4.17750   4.76449   2.12621   1.000 28.61000 ?  960  ALA A C   1 
ATOM   296  O  O   . ALA A 1 39  ? 3.90329   5.85984   1.59953   1.000 24.65000 ?  960  ALA A O   1 
ATOM   297  C  CB  . ALA A 1 39  ? 6.18065   3.46537   1.35870   1.000 24.30000 ?  960  ALA A CB  1 
ATOM   298  N  N   . LEU A 1 40  ? 3.23908   3.87329   2.45282   1.000 23.80000 ?  961  LEU A N   1 
ATOM   299  C  CA  . LEU A 1 40  ? 1.83858   4.19901   2.20054   1.000 25.87000 ?  961  LEU A CA  1 
ATOM   300  C  C   . LEU A 1 40  ? 1.40213   5.37534   3.05014   1.000 27.47000 ?  961  LEU A C   1 
ATOM   301  O  O   . LEU A 1 40  ? 0.67615   6.24727   2.57793   1.000 27.92000 ?  961  LEU A O   1 
ATOM   302  C  CB  . LEU A 1 40  ? 0.95519   2.98531   2.47376   1.000 24.64000 ?  961  LEU A CB  1 
ATOM   303  C  CG  . LEU A 1 40  ? -0.55547  3.24344   2.41967   1.000 29.02000 ?  961  LEU A CG  1 
ATOM   304  C  CD1 . LEU A 1 40  ? -0.92777  3.83194   1.06954   1.000 24.56000 ?  961  LEU A CD1 1 
ATOM   305  C  CD2 . LEU A 1 40  ? -1.26969  1.92142   2.64506   1.000 26.94000 ?  961  LEU A CD2 1 
ATOM   306  N  N   . ARG A 1 41  ? 1.81854   5.39511   4.31155   1.000 30.30000 ?  962  ARG A N   1 
ATOM   307  C  CA  . ARG A 1 41  ? 1.48723   6.49113   5.21501   1.000 30.69000 ?  962  ARG A CA  1 
ATOM   308  C  C   . ARG A 1 41  ? 1.95576   7.82416   4.65136   1.000 31.29000 ?  962  ARG A C   1 
ATOM   309  O  O   . ARG A 1 41  ? 1.21937   8.82664   4.69296   1.000 32.30000 ?  962  ARG A O   1 
ATOM   310  C  CB  . ARG A 1 41  ? 2.11115   6.22654   6.57321   1.000 35.72000 ?  962  ARG A CB  1 
ATOM   311  C  CG  . ARG A 1 41  ? 1.42181   6.92141   7.70085   1.000 42.58000 ?  962  ARG A CG  1 
ATOM   312  C  CD  . ARG A 1 41  ? 2.28361   8.02879   8.21692   1.000 41.47000 ?  962  ARG A CD  1 
ATOM   313  N  NE  . ARG A 1 41  ? 1.72958   8.53899   9.46581   1.000 49.76000 ?  962  ARG A NE  1 
ATOM   314  C  CZ  . ARG A 1 41  ? 1.15523   9.72922   9.58945   1.000 48.01000 ?  962  ARG A CZ  1 
ATOM   315  N  NH1 . ARG A 1 41  ? 0.66756   10.10467  10.76512  1.000 51.67000 ?  962  ARG A NH1 1 
ATOM   316  N  NH2 . ARG A 1 41  ? 1.07007   10.54126  8.54044   1.000 47.94000 ?  962  ARG A NH2 1 
ATOM   317  N  N   . THR A 1 42  ? 3.19459   7.84292   4.15047   1.000 30.67000 ?  963  THR A N   1 
ATOM   318  C  CA  . THR A 1 42  ? 3.74945   9.04985   3.52382   1.000 29.47000 ?  963  THR A CA  1 
ATOM   319  C  C   . THR A 1 42  ? 2.88840   9.50304   2.35301   1.000 31.66000 ?  963  THR A C   1 
ATOM   320  O  O   . THR A 1 42  ? 2.51199   10.68604  2.24508   1.000 31.21000 ?  963  THR A O   1 
ATOM   321  C  CB  . THR A 1 42  ? 5.17622   8.75966   3.05236   1.000 28.95000 ?  963  THR A CB  1 
ATOM   322  O  OG1 . THR A 1 42  ? 5.98053   8.42271   4.18713   1.000 31.08000 ?  963  THR A OG1 1 
ATOM   323  C  CG2 . THR A 1 42  ? 5.77216   9.96397   2.32140   1.000 32.96000 ?  963  THR A CG2 1 
ATOM   324  N  N   . LEU A 1 43  ? 2.55657   8.55611   1.47140   1.000 27.59000 ?  964  LEU A N   1 
ATOM   325  C  CA  . LEU A 1 43  ? 1.70024   8.83283   0.32610   1.000 24.82000 ?  964  LEU A CA  1 
ATOM   326  C  C   . LEU A 1 43  ? 0.32964   9.37122   0.74971   1.000 25.56000 ?  964  LEU A C   1 
ATOM   327  O  O   . LEU A 1 43  ? -0.17971  10.33233  0.16607   1.000 26.27000 ?  964  LEU A O   1 
ATOM   328  C  CB  . LEU A 1 43  ? 1.54832   7.54959   -0.49080  1.000 26.64000 ?  964  LEU A CB  1 
ATOM   329  C  CG  . LEU A 1 43  ? 0.50378   7.63029   -1.60881  1.000 28.09000 ?  964  LEU A CG  1 
ATOM   330  C  CD1 . LEU A 1 43  ? 0.89594   8.71264   -2.59290  1.000 23.08000 ?  964  LEU A CD1 1 
ATOM   331  C  CD2 . LEU A 1 43  ? 0.38522   6.30506   -2.30857  1.000 23.12000 ?  964  LEU A CD2 1 
ATOM   332  N  N   . LEU A 1 44  ? -0.31462  8.73467   1.72036   1.000 28.07000 ?  965  LEU A N   1 
ATOM   333  C  CA  . LEU A 1 44  ? -1.64505  9.21478   2.11419   1.000 28.15000 ?  965  LEU A CA  1 
ATOM   334  C  C   . LEU A 1 44  ? -1.57550  10.63343  2.66537   1.000 31.36000 ?  965  LEU A C   1 
ATOM   335  O  O   . LEU A 1 44  ? -2.41229  11.48040  2.32666   1.000 31.58000 ?  965  LEU A O   1 
ATOM   336  C  CB  . LEU A 1 44  ? -2.28072  8.27117   3.12231   1.000 26.36000 ?  965  LEU A CB  1 
ATOM   337  C  CG  . LEU A 1 44  ? -2.72073  6.95451   2.44441   1.000 28.20000 ?  965  LEU A CG  1 
ATOM   338  C  CD1 . LEU A 1 44  ? -3.79125  6.22471   3.25486   1.000 36.78000 ?  965  LEU A CD1 1 
ATOM   339  C  CD2 . LEU A 1 44  ? -3.20130  7.15458   1.00889   1.000 28.61000 ?  965  LEU A CD2 1 
ATOM   340  N  N   . ALA A 1 45  ? -0.55736  10.93379  3.47422   1.000 28.90000 ?  966  ALA A N   1 
ATOM   341  C  CA  . ALA A 1 45  ? -0.44237  12.28670  4.02194   1.000 30.82000 ?  966  ALA A CA  1 
ATOM   342  C  C   . ALA A 1 45  ? -0.23458  13.32020  2.91314   1.000 32.91000 ?  966  ALA A C   1 
ATOM   343  O  O   . ALA A 1 45  ? -0.82487  14.41820  2.93825   1.000 27.45000 ?  966  ALA A O   1 
ATOM   344  C  CB  . ALA A 1 45  ? 0.69945   12.32703  5.03803   1.000 34.54000 ?  966  ALA A CB  1 
ATOM   345  N  N   . THR A 1 46  ? 0.59671   12.98285  1.92005   1.000 27.02000 ?  967  THR A N   1 
ATOM   346  C  CA  . THR A 1 46  ? 0.78053   13.88733  0.79313   1.000 28.82000 ?  967  THR A CA  1 
ATOM   347  C  C   . THR A 1 46  ? -0.53560  14.11540  0.04059   1.000 27.79000 ?  967  THR A C   1 
ATOM   348  O  O   . THR A 1 46  ? -0.86976  15.25869  -0.30706  1.000 27.42000 ?  967  THR A O   1 
ATOM   349  C  CB  . THR A 1 46  ? 1.85162   13.31934  -0.13090  1.000 27.53000 ?  967  THR A CB  1 
ATOM   350  O  OG1 . THR A 1 46  ? 3.12678   13.33486  0.53678   1.000 31.32000 ?  967  THR A OG1 1 
ATOM   351  C  CG2 . THR A 1 46  ? 1.92256   14.08086  -1.41150  1.000 32.34000 ?  967  THR A CG2 1 
ATOM   352  N  N   . VAL A 1 47  ? -1.29424  13.04007  -0.21937  1.000 25.72000 ?  968  VAL A N   1 
ATOM   353  C  CA  . VAL A 1 47  ? -2.56650  13.17899  -0.94908  1.000 25.38000 ?  968  VAL A CA  1 
ATOM   354  C  C   . VAL A 1 47  ? -3.57230  14.01918  -0.15024  1.000 28.13000 ?  968  VAL A C   1 
ATOM   355  O  O   . VAL A 1 47  ? -4.32142  14.83887  -0.71511  1.000 26.85000 ?  968  VAL A O   1 
ATOM   356  C  CB  . VAL A 1 47  ? -3.12596  11.78530  -1.28806  1.000 24.89000 ?  968  VAL A CB  1 
ATOM   357  C  CG1 . VAL A 1 47  ? -4.57938  11.86248  -1.82731  1.000 25.67000 ?  968  VAL A CG1 1 
ATOM   358  C  CG2 . VAL A 1 47  ? -2.23690  11.08678  -2.27995  1.000 24.64000 ?  968  VAL A CG2 1 
ATOM   359  N  N   . ASP A 1 48  ? -3.64851  13.78944  1.16681   1.000 27.62000 ?  969  ASP A N   1 
ATOM   360  C  CA  . ASP A 1 48  ? -4.46724  14.64049  2.02460   1.000 29.43000 ?  969  ASP A CA  1 
ATOM   361  C  C   . ASP A 1 48  ? -4.07371  16.10858  1.87735   1.000 32.57000 ?  969  ASP A C   1 
ATOM   362  O  O   . ASP A 1 48  ? -4.94019  16.98574  1.79609   1.000 30.77000 ?  969  ASP A O   1 
ATOM   363  C  CB  . ASP A 1 48  ? -4.31925  14.21219  3.47471   1.000 30.89000 ?  969  ASP A CB  1 
ATOM   364  C  CG  . ASP A 1 48  ? -5.06811  12.92676  3.78426   1.000 35.50000 ?  969  ASP A CG  1 
ATOM   365  O  OD1 . ASP A 1 48  ? -5.02682  12.46731  4.94709   1.000 33.94000 ?  969  ASP A OD1 1 
ATOM   366  O  OD2 . ASP A 1 48  ? -5.69482  12.38150  2.85145   1.000 38.88000 -1 969  ASP A OD2 1 
ATOM   367  N  N   . GLU A 1 49  ? -2.76671  16.38944  1.83766   1.000 26.68000 ?  970  GLU A N   1 
ATOM   368  C  CA  . GLU A 1 49  ? -2.29883  17.76917  1.65923   1.000 30.83000 ?  970  GLU A CA  1 
ATOM   369  C  C   . GLU A 1 49  ? -2.73643  18.33707  0.31917   1.000 30.19000 ?  970  GLU A C   1 
ATOM   370  O  O   . GLU A 1 49  ? -3.02442  19.53749  0.20467   1.000 33.69000 ?  970  GLU A O   1 
ATOM   371  C  CB  . GLU A 1 49  ? -0.77207  17.82484  1.74693   1.000 35.55000 ?  970  GLU A CB  1 
ATOM   372  C  CG  . GLU A 1 49  ? -0.22020  18.30413  3.04795   1.000 38.15000 ?  970  GLU A CG  1 
ATOM   373  C  CD  . GLU A 1 49  ? 1.27316   18.05274  3.14422   1.000 43.79000 ?  970  GLU A CD  1 
ATOM   374  O  OE1 . GLU A 1 49  ? 1.90127   17.72124  2.10432   1.000 40.27000 ?  970  GLU A OE1 1 
ATOM   375  O  OE2 . GLU A 1 49  ? 1.81963   18.17914  4.25891   1.000 52.11000 -1 970  GLU A OE2 1 
ATOM   376  N  N   . THR A 1 50  ? -2.76842  17.49440  -0.71403  1.000 25.82000 ?  971  THR A N   1 
ATOM   377  C  CA  . THR A 1 50  ? -3.01165  17.94975  -2.08847  1.000 30.00000 ?  971  THR A CA  1 
ATOM   378  C  C   . THR A 1 50  ? -4.49258  18.14626  -2.41237  1.000 31.84000 ?  971  THR A C   1 
ATOM   379  O  O   . THR A 1 50  ? -4.84299  18.99767  -3.24503  1.000 29.54000 ?  971  THR A O   1 
ATOM   380  C  CB  . THR A 1 50  ? -2.41635  16.92664  -3.05554  1.000 32.58000 ?  971  THR A CB  1 
ATOM   381  O  OG1 . THR A 1 50  ? -1.05396  16.69688  -2.69023  1.000 34.05000 ?  971  THR A OG1 1 
ATOM   382  C  CG2 . THR A 1 50  ? -2.49282  17.40932  -4.47926  1.000 34.93000 ?  971  THR A CG2 1 
ATOM   383  N  N   . ILE A 1 51  ? -5.35854  17.34333  -1.80792  1.000 28.87000 ?  972  ILE A N   1 
ATOM   384  C  CA  . ILE A 1 51  ? -6.78716  17.39508  -2.13931  1.000 28.73000 ?  972  ILE A CA  1 
ATOM   385  C  C   . ILE A 1 51  ? -7.35758  18.81657  -2.12245  1.000 28.97000 ?  972  ILE A C   1 
ATOM   386  O  O   . ILE A 1 51  ? -8.04888  19.18581  -3.08451  1.000 32.89000 ?  972  ILE A O   1 
ATOM   387  C  CB  . ILE A 1 51  ? -7.56790  16.42601  -1.23488  1.000 29.82000 ?  972  ILE A CB  1 
ATOM   388  C  CG1 . ILE A 1 51  ? -7.35017  14.99528  -1.73229  1.000 29.04000 ?  972  ILE A CG1 1 
ATOM   389  C  CG2 . ILE A 1 51  ? -9.09091  16.77675  -1.22236  1.000 28.13000 ?  972  ILE A CG2 1 
ATOM   390  C  CD1 . ILE A 1 51  ? -8.02614  13.91149  -0.88364  1.000 31.82000 ?  972  ILE A CD1 1 
ATOM   391  N  N   . PRO A 1 52  ? -7.10621  19.66927  -1.08970  1.000 31.34000 ?  973  PRO A N   1 
ATOM   392  C  CA  . PRO A 1 52  ? -7.80305  20.97518  -1.03193  1.000 35.92000 ?  973  PRO A CA  1 
ATOM   393  C  C   . PRO A 1 52  ? -7.66466  21.83003  -2.27982  1.000 37.27000 ?  973  PRO A C   1 
ATOM   394  O  O   . PRO A 1 52  ? -8.46628  22.74212  -2.51536  1.000 41.46000 ?  973  PRO A O   1 
ATOM   395  C  CB  . PRO A 1 52  ? -7.14303  21.66953  0.16484   1.000 38.88000 ?  973  PRO A CB  1 
ATOM   396  C  CG  . PRO A 1 52  ? -6.73047  20.56216  1.04502   1.000 39.02000 ?  973  PRO A CG  1 
ATOM   397  C  CD  . PRO A 1 52  ? -6.30573  19.44897  0.13215   1.000 32.19000 ?  973  PRO A CD  1 
ATOM   398  N  N   . LEU A 1 53  ? -6.63244  21.55735  -3.06906  1.000 36.75000 ?  974  LEU A N   1 
ATOM   399  C  CA  . LEU A 1 53  ? -6.38060  22.39030  -4.26033  1.000 38.16000 ?  974  LEU A CA  1 
ATOM   400  C  C   . LEU A 1 53  ? -6.98057  21.79298  -5.52698  1.000 39.20000 ?  974  LEU A C   1 
ATOM   401  O  O   . LEU A 1 53  ? -7.00918  22.52352  -6.48574  1.000 43.02000 ?  974  LEU A O   1 
ATOM   402  C  CB  . LEU A 1 53  ? -4.87823  22.59960  -4.43426  1.000 43.43000 ?  974  LEU A CB  1 
ATOM   403  C  CG  . LEU A 1 53  ? -4.26437  23.72409  -3.60165  1.000 47.71000 ?  974  LEU A CG  1 
ATOM   404  C  CD1 . LEU A 1 53  ? -2.77316  23.75957  -3.79621  1.000 48.41000 ?  974  LEU A CD1 1 
ATOM   405  C  CD2 . LEU A 1 53  ? -4.85022  25.06445  -3.96622  1.000 51.19000 ?  974  LEU A CD2 1 
ATOM   406  N  N   . LEU A 1 54  ? -7.40234  20.53604  -5.52277  1.000 30.00000 ?  975  LEU A N   1 
ATOM   407  C  CA  . LEU A 1 54  ? -7.99374  19.89473  -6.68725  1.000 30.23000 ?  975  LEU A CA  1 
ATOM   408  C  C   . LEU A 1 54  ? -9.48875  20.20535  -6.76531  1.000 32.56000 ?  975  LEU A C   1 
ATOM   409  O  O   . LEU A 1 54  ? -10.11711 20.53235  -5.74960  1.000 30.83000 ?  975  LEU A O   1 
ATOM   410  C  CB  . LEU A 1 54  ? -7.76253  18.38599  -6.62066  1.000 28.84000 ?  975  LEU A CB  1 
ATOM   411  C  CG  . LEU A 1 54  ? -6.29800  17.93648  -6.56040  1.000 29.24000 ?  975  LEU A CG  1 
ATOM   412  C  CD1 . LEU A 1 54  ? -6.17220  16.45231  -6.26866  1.000 32.50000 ?  975  LEU A CD1 1 
ATOM   413  C  CD2 . LEU A 1 54  ? -5.59725  18.25762  -7.84762  1.000 31.83000 ?  975  LEU A CD2 1 
ATOM   414  N  N   . PRO A 1 55  ? -10.09373 20.12951  -7.95857  1.000 33.03000 ?  976  PRO A N   1 
ATOM   415  C  CA  . PRO A 1 55  ? -11.52790 20.44595  -8.07410  1.000 32.14000 ?  976  PRO A CA  1 
ATOM   416  C  C   . PRO A 1 55  ? -12.35173 19.59674  -7.11857  1.000 29.71000 ?  976  PRO A C   1 
ATOM   417  O  O   . PRO A 1 55  ? -12.08673 18.40484  -6.93615  1.000 28.78000 ?  976  PRO A O   1 
ATOM   418  C  CB  . PRO A 1 55  ? -11.86519 20.10072  -9.52957  1.000 32.76000 ?  976  PRO A CB  1 
ATOM   419  C  CG  . PRO A 1 55  ? -10.57746 19.93910  -10.23831 1.000 35.06000 ?  976  PRO A CG  1 
ATOM   420  C  CD  . PRO A 1 55  ? -9.53924  19.59693  -9.21977  1.000 32.84000 ?  976  PRO A CD  1 
ATOM   421  N  N   . ALA A 1 56  ? -13.36375 20.21947  -6.51914  1.000 30.26000 ?  977  ALA A N   1 
ATOM   422  C  CA  . ALA A 1 56  ? -14.22255 19.51560  -5.56612  1.000 31.20000 ?  977  ALA A CA  1 
ATOM   423  C  C   . ALA A 1 56  ? -14.80971 18.24351  -6.16595  1.000 26.97000 ?  977  ALA A C   1 
ATOM   424  O  O   . ALA A 1 56  ? -14.88177 17.19876  -5.49789  1.000 29.64000 ?  977  ALA A O   1 
ATOM   425  C  CB  . ALA A 1 56  ? -15.34418 20.45137  -5.08555  1.000 30.13000 ?  977  ALA A CB  1 
ATOM   426  N  N   . SER A 1 57  ? -15.17418 18.28989  -7.44721  1.000 27.64000 ?  978  SER A N   1 
ATOM   427  C  CA  . SER A 1 57  ? -15.82340 17.15178  -8.08778  1.000 30.32000 ?  978  SER A CA  1 
ATOM   428  C  C   . SER A 1 57  ? -14.90307 15.94700  -8.23702  1.000 31.31000 ?  978  SER A C   1 
ATOM   429  O  O   . SER A 1 57  ? -15.37902 14.87950  -8.64156  1.000 34.69000 ?  978  SER A O   1 
ATOM   430  C  CB  . SER A 1 57  ? -16.34226 17.55360  -9.46687  1.000 33.98000 ?  978  SER A CB  1 
ATOM   431  O  OG  . SER A 1 57  ? -15.25030 17.79303  -10.33779 1.000 34.32000 ?  978  SER A OG  1 
ATOM   432  N  N   . THR A 1 58  ? -13.60753 16.08275  -7.94025  1.000 28.15000 ?  979  THR A N   1 
ATOM   433  C  CA  . THR A 1 58  ? -12.69713 14.93867  -7.99046  1.000 29.00000 ?  979  THR A CA  1 
ATOM   434  C  C   . THR A 1 58  ? -12.43831 14.31533  -6.61323  1.000 28.83000 ?  979  THR A C   1 
ATOM   435  O  O   . THR A 1 58  ? -11.97069 13.15548  -6.53360  1.000 29.34000 ?  979  THR A O   1 
ATOM   436  C  CB  . THR A 1 58  ? -11.37248 15.36651  -8.64983  1.000 28.76000 ?  979  THR A CB  1 
ATOM   437  O  OG1 . THR A 1 58  ? -10.66282 16.25938  -7.78969  1.000 28.35000 ?  979  THR A OG1 1 
ATOM   438  C  CG2 . THR A 1 58  ? -11.64243 16.11453  -9.97105  1.000 30.49000 ?  979  THR A CG2 1 
ATOM   439  N  N   . HIS A 1 59  ? -12.79006 15.02333  -5.52749  1.000 26.99000 ?  980  HIS A N   1 
ATOM   440  C  CA  . HIS A 1 59  ? -12.36468 14.58759  -4.19566  1.000 26.94000 ?  980  HIS A CA  1 
ATOM   441  C  C   . HIS A 1 59  ? -12.89383 13.20064  -3.86643  1.000 29.67000 ?  980  HIS A C   1 
ATOM   442  O  O   . HIS A 1 59  ? -12.13340 12.32293  -3.43303  1.000 29.60000 ?  980  HIS A O   1 
ATOM   443  C  CB  . HIS A 1 59  ? -12.79847 15.59158  -3.13441  1.000 27.89000 ?  980  HIS A CB  1 
ATOM   444  C  CG  . HIS A 1 59  ? -12.11137 16.91622  -3.25238  1.000 27.88000 ?  980  HIS A CG  1 
ATOM   445  N  ND1 . HIS A 1 59  ? -12.16097 17.87556  -2.26630  1.000 28.72000 ?  980  HIS A ND1 1 
ATOM   446  C  CD2 . HIS A 1 59  ? -11.36129 17.44195  -4.25064  1.000 27.45000 ?  980  HIS A CD2 1 
ATOM   447  C  CE1 . HIS A 1 59  ? -11.47951 18.94132  -2.65378  1.000 29.82000 ?  980  HIS A CE1 1 
ATOM   448  N  NE2 . HIS A 1 59  ? -10.98871 18.70363  -3.85803  1.000 28.98000 ?  980  HIS A NE2 1 
ATOM   449  N  N   . ARG A 1 60  ? -14.18952 12.96681  -4.10010  1.000 29.51000 ?  981  ARG A N   1 
ATOM   450  C  CA  . ARG A 1 60  ? -14.76502 11.68248  -3.71223  1.000 31.78000 ?  981  ARG A CA  1 
ATOM   451  C  C   . ARG A 1 60  ? -13.95476 10.52645  -4.29156  1.000 31.00000 ?  981  ARG A C   1 
ATOM   452  O  O   . ARG A 1 60  ? -13.53324 9.62271   -3.56076  1.000 33.46000 ?  981  ARG A O   1 
ATOM   453  C  CB  . ARG A 1 60  ? -16.22075 11.59069  -4.16451  1.000 33.52000 ?  981  ARG A CB  1 
ATOM   454  C  CG  . ARG A 1 60  ? -16.91472 10.32811  -3.66969  1.000 37.16000 ?  981  ARG A CG  1 
ATOM   455  C  CD  . ARG A 1 60  ? -16.54199 10.03724  -2.21207  1.000 40.41000 ?  981  ARG A CD  1 
ATOM   456  N  NE  . ARG A 1 60  ? -17.19341 8.82122   -1.71464  1.000 47.48000 ?  981  ARG A NE  1 
ATOM   457  C  CZ  . ARG A 1 60  ? -16.72669 8.07593   -0.71413  1.000 49.88000 ?  981  ARG A CZ  1 
ATOM   458  N  NH1 . ARG A 1 60  ? -17.38364 6.97910   -0.32997  1.000 49.99000 ?  981  ARG A NH1 1 
ATOM   459  N  NH2 . ARG A 1 60  ? -15.59366 8.42145   -0.10539  1.000 44.98000 ?  981  ARG A NH2 1 
ATOM   460  N  N   . GLU A 1 61  ? -13.73706 10.54897  -5.59753  1.000 31.22000 ?  982  GLU A N   1 
ATOM   461  C  CA  . GLU A 1 61  ? -13.00572 9.47360   -6.30945  1.000 31.55000 ?  982  GLU A CA  1 
ATOM   462  C  C   . GLU A 1 61  ? -11.60517 9.27812   -5.71010  1.000 29.95000 ?  982  GLU A C   1 
ATOM   463  O  O   . GLU A 1 61  ? -11.21483 8.16035   -5.50261  1.000 32.69000 ?  982  GLU A O   1 
ATOM   464  C  CB  . GLU A 1 61  ? -13.01068 9.75356   -7.81114  1.000 33.21000 ?  982  GLU A CB  1 
ATOM   465  C  CG  . GLU A 1 61  ? -12.60823 8.55669   -8.64310  1.000 38.81000 ?  982  GLU A CG  1 
ATOM   466  C  CD  . GLU A 1 61  ? -12.28756 8.81856   -10.10187 1.000 38.62000 ?  982  GLU A CD  1 
ATOM   467  O  OE1 . GLU A 1 61  ? -12.34155 9.99055   -10.52876 1.000 32.86000 ?  982  GLU A OE1 1 
ATOM   468  O  OE2 . GLU A 1 61  ? -11.97726 7.85127   -10.80465 1.000 43.10000 -1 982  GLU A OE2 1 
ATOM   469  N  N   . ILE A 1 62  ? -10.89923 10.35827  -5.42473  1.000 28.29000 ?  983  ILE A N   1 
ATOM   470  C  CA  . ILE A 1 62  ? -9.57334  10.26484  -4.82734  1.000 29.48000 ?  983  ILE A CA  1 
ATOM   471  C  C   . ILE A 1 62  ? -9.67592  9.61361   -3.45915  1.000 30.12000 ?  983  ILE A C   1 
ATOM   472  O  O   . ILE A 1 62  ? -8.93110  8.67629   -3.12960  1.000 30.47000 ?  983  ILE A O   1 
ATOM   473  C  CB  . ILE A 1 62  ? -8.94054  11.66165  -4.75446  1.000 28.42000 ?  983  ILE A CB  1 
ATOM   474  C  CG1 . ILE A 1 62  ? -8.68581  12.17168  -6.18102  1.000 25.95000 ?  983  ILE A CG1 1 
ATOM   475  C  CG2 . ILE A 1 62  ? -7.67027  11.65537  -3.88926  1.000 29.71000 ?  983  ILE A CG2 1 
ATOM   476  C  CD1 . ILE A 1 62  ? -8.18061  13.56729  -6.22623  1.000 28.11000 ?  983  ILE A CD1 1 
ATOM   477  N  N   . GLU A 1 63  ? -10.62938 10.06212  -2.67344  1.000 28.46000 ?  984  GLU A N   1 
ATOM   478  C  CA  . GLU A 1 63  ? -10.85903 9.52781   -1.32091  1.000 32.57000 ?  984  GLU A CA  1 
ATOM   479  C  C   . GLU A 1 63  ? -11.17084 8.02866   -1.36935  1.000 32.08000 ?  984  GLU A C   1 
ATOM   480  O  O   . GLU A 1 63  ? -10.68154 7.33681   -0.51882  1.000 29.53000 ?  984  GLU A O   1 
ATOM   481  C  CB  . GLU A 1 63  ? -11.89734 10.37931  -0.59526  1.000 31.43000 ?  984  GLU A CB  1 
ATOM   482  C  CG  . GLU A 1 63  ? -11.28593 11.58367  0.07482   1.000 35.27000 ?  984  GLU A CG  1 
ATOM   483  C  CD  . GLU A 1 63  ? -12.10257 12.86622  0.09413   1.000 39.28000 ?  984  GLU A CD  1 
ATOM   484  O  OE1 . GLU A 1 63  ? -13.27032 12.84191  -0.32260  1.000 38.39000 ?  984  GLU A OE1 1 
ATOM   485  O  OE2 . GLU A 1 63  ? -11.55478 13.87952  0.52535   1.000 37.31000 -1 984  GLU A OE2 1 
ATOM   486  N  N   . MET A 1 64  ? -11.93652 7.57475   -2.35385  1.000 31.03000 ?  985  MET A N   1 
ATOM   487  C  CA  . MET A 1 64  ? -12.21938 6.13860   -2.41889  1.000 30.26000 ?  985  MET A CA  1 
ATOM   488  C  C   . MET A 1 64  ? -10.94182 5.37037   -2.71232  1.000 32.53000 ?  985  MET A C   1 
ATOM   489  O  O   . MET A 1 64  ? -10.66418 4.32171   -2.10255  1.000 29.28000 ?  985  MET A O   1 
ATOM   490  C  CB  . MET A 1 64  ? -13.27812 5.85060   -3.47816  1.000 32.46000 ?  985  MET A CB  1 
ATOM   491  C  CG  . MET A 1 64  ? -14.62314 6.48153   -3.12676  1.000 37.28000 ?  985  MET A CG  1 
ATOM   492  S  SD  . MET A 1 64  ? -15.98006 5.99987   -4.22859  1.000 49.95000 ?  985  MET A SD  1 
ATOM   493  C  CE  . MET A 1 64  ? -15.62918 6.97662   -5.69095  1.000 38.96000 ?  985  MET A CE  1 
ATOM   494  N  N   . ALA A 1 65  ? -10.12000 5.92337   -3.60551  1.000 29.92000 ?  986  ALA A N   1 
ATOM   495  C  CA  . ALA A 1 65  ? -8.86550  5.27799   -3.95120  1.000 25.87000 ?  986  ALA A CA  1 
ATOM   496  C  C   . ALA A 1 65  ? -7.96101  5.21016   -2.73918  1.000 28.66000 ?  986  ALA A C   1 
ATOM   497  O  O   . ALA A 1 65  ? -7.30847  4.18151   -2.49676  1.000 31.18000 ?  986  ALA A O   1 
ATOM   498  C  CB  . ALA A 1 65  ? -8.20488  6.02914   -5.10422  1.000 27.73000 ?  986  ALA A CB  1 
ATOM   499  N  N   . GLN A 1 66  ? -7.95539  6.26941   -1.92296  1.000 26.88000 ?  987  GLN A N   1 
ATOM   500  C  CA  . GLN A 1 66  ? -7.15008  6.22106   -0.70976  1.000 28.97000 ?  987  GLN A CA  1 
ATOM   501  C  C   . GLN A 1 66  ? -7.63584  5.10874   0.19690   1.000 31.95000 ?  987  GLN A C   1 
ATOM   502  O  O   . GLN A 1 66  ? -6.83976  4.32048   0.72584   1.000 32.08000 ?  987  GLN A O   1 
ATOM   503  C  CB  . GLN A 1 66  ? -7.22860  7.54888   0.02033   1.000 31.26000 ?  987  GLN A CB  1 
ATOM   504  C  CG  . GLN A 1 66  ? -6.25621  8.59465   -0.44808  1.000 30.93000 ?  987  GLN A CG  1 
ATOM   505  C  CD  . GLN A 1 66  ? -6.52799  9.89393   0.27446   1.000 33.39000 ?  987  GLN A CD  1 
ATOM   506  O  OE1 . GLN A 1 66  ? -7.60001  10.47037  0.12759   1.000 35.22000 ?  987  GLN A OE1 1 
ATOM   507  N  NE2 . GLN A 1 66  ? -5.57354  10.34269  1.08469   1.000 33.59000 ?  987  GLN A NE2 1 
ATOM   508  N  N   . LYS A 1 67  ? -8.95467  5.00477   0.35035   1.000 29.38000 ?  988  LYS A N   1 
ATOM   509  C  CA  . LYS A 1 67  ? -9.49007  3.98584   1.23502   1.000 32.02000 ?  988  LYS A CA  1 
ATOM   510  C  C   . LYS A 1 67  ? -9.10734  2.60368   0.73805   1.000 30.92000 ?  988  LYS A C   1 
ATOM   511  O  O   . LYS A 1 67  ? -8.81043  1.70075   1.53703   1.000 33.71000 ?  988  LYS A O   1 
ATOM   512  C  CB  . LYS A 1 67  ? -11.00566 4.13175   1.32048   1.000 34.98000 ?  988  LYS A CB  1 
ATOM   513  C  CG  . LYS A 1 67  ? -11.70030 3.00169   2.07697   1.000 37.21000 ?  988  LYS A CG  1 
ATOM   514  C  CD  . LYS A 1 67  ? -13.22550 3.17397   2.01595   1.000 44.05000 ?  988  LYS A CD  1 
ATOM   515  C  CE  . LYS A 1 67  ? -13.94639 1.88554   1.57946   1.000 50.40000 ?  988  LYS A CE  1 
ATOM   516  N  NZ  . LYS A 1 67  ? -15.44201 2.00955   1.70076   1.000 48.08000 ?  988  LYS A NZ  1 
ATOM   517  N  N   . LEU A 1 68  ? -9.07182  2.42761   -0.58385  1.000 30.77000 ?  989  LEU A N   1 
ATOM   518  C  CA  . LEU A 1 68  ? -8.76668  1.10488   -1.10676  1.000 30.14000 ?  989  LEU A CA  1 
ATOM   519  C  C   . LEU A 1 68  ? -7.37156  0.69913   -0.67583  1.000 30.10000 ?  989  LEU A C   1 
ATOM   520  O  O   . LEU A 1 68  ? -7.13980  -0.45284  -0.26904  1.000 28.73000 ?  989  LEU A O   1 
ATOM   521  C  CB  . LEU A 1 68  ? -8.89707  1.09569   -2.63197  1.000 29.46000 ?  989  LEU A CB  1 
ATOM   522  C  CG  . LEU A 1 68  ? -8.59852  -0.21542  -3.35610  1.000 30.00000 ?  989  LEU A CG  1 
ATOM   523  C  CD1 . LEU A 1 68  ? -9.41438  -1.39133  -2.78874  1.000 33.75000 ?  989  LEU A CD1 1 
ATOM   524  C  CD2 . LEU A 1 68  ? -8.85163  -0.04334  -4.83738  1.000 33.52000 ?  989  LEU A CD2 1 
ATOM   525  N  N   . LEU A 1 69  ? -6.43957  1.66307   -0.69767  1.000 29.57000 ?  990  LEU A N   1 
ATOM   526  C  CA  . LEU A 1 69  ? -5.07989  1.35426   -0.29010  1.000 28.91000 ?  990  LEU A CA  1 
ATOM   527  C  C   . LEU A 1 69  ? -5.05919  0.89174   1.15098   1.000 27.85000 ?  990  LEU A C   1 
ATOM   528  O  O   . LEU A 1 69  ? -4.36199  -0.07185  1.48834   1.000 30.79000 ?  990  LEU A O   1 
ATOM   529  C  CB  . LEU A 1 69  ? -4.16390  2.56995   -0.47809  1.000 26.28000 ?  990  LEU A CB  1 
ATOM   530  C  CG  . LEU A 1 69  ? -3.90904  2.96943   -1.94320  1.000 29.25000 ?  990  LEU A CG  1 
ATOM   531  C  CD1 . LEU A 1 69  ? -3.19793  4.29268   -2.01074  1.000 24.75000 ?  990  LEU A CD1 1 
ATOM   532  C  CD2 . LEU A 1 69  ? -3.08243  1.92102   -2.66514  1.000 27.81000 ?  990  LEU A CD2 1 
ATOM   533  N  N   . ASN A 1 70  ? -5.83450  1.55458   2.01673   1.000 29.68000 ?  991  ASN A N   1 
ATOM   534  C  CA  . ASN A 1 70  ? -5.88489  1.11221   3.40347   1.000 30.72000 ?  991  ASN A CA  1 
ATOM   535  C  C   . ASN A 1 70  ? -6.31876  -0.34176  3.47382   1.000 32.33000 ?  991  ASN A C   1 
ATOM   536  O  O   . ASN A 1 70  ? -5.63418  -1.18224  4.07636   1.000 29.27000 ?  991  ASN A O   1 
ATOM   537  C  CB  . ASN A 1 70  ? -6.82879  2.00438   4.20327   1.000 35.60000 ?  991  ASN A CB  1 
ATOM   538  C  CG  . ASN A 1 70  ? -6.13385  3.22073   4.73472   1.000 42.76000 ?  991  ASN A CG  1 
ATOM   539  O  OD1 . ASN A 1 70  ? -4.90503  3.23372   4.85962   1.000 42.48000 ?  991  ASN A OD1 1 
ATOM   540  N  ND2 . ASN A 1 70  ? -6.89797  4.25624   5.04233   1.000 43.88000 ?  991  ASN A ND2 1 
ATOM   541  N  N   . SER A 1 71  ? -7.41302  -0.67477  2.78036   1.000 32.18000 ?  992  SER A N   1 
ATOM   542  C  CA  . SER A 1 71  ? -7.90793  -2.04846  2.83558   1.000 32.68000 ?  992  SER A CA  1 
ATOM   543  C  C   . SER A 1 71  ? -6.84883  -3.01481  2.32742   1.000 28.29000 ?  992  SER A C   1 
ATOM   544  O  O   . SER A 1 71  ? -6.66170  -4.09898  2.89458   1.000 30.04000 ?  992  SER A O   1 
ATOM   545  C  CB  . SER A 1 71  ? -9.19681  -2.17234  2.03037   1.000 33.98000 ?  992  SER A CB  1 
ATOM   546  O  OG  . SER A 1 71  ? -10.03424 -1.05469  2.26981   1.000 38.44000 ?  992  SER A OG  1 
ATOM   547  N  N   . ASP A 1 72  ? -6.08805  -2.58057  1.31214   1.000 30.24000 ?  993  ASP A N   1 
ATOM   548  C  CA  . ASP A 1 72  ? -5.05732  -3.43090  0.73299   1.000 32.04000 ?  993  ASP A CA  1 
ATOM   549  C  C   . ASP A 1 72  ? -3.96853  -3.70906  1.74967   1.000 28.84000 ?  993  ASP A C   1 
ATOM   550  O  O   . ASP A 1 72  ? -3.51421  -4.85495  1.89355   1.000 28.52000 ?  993  ASP A O   1 
ATOM   551  C  CB  . ASP A 1 72  ? -4.45233  -2.76313  -0.50976  1.000 30.67000 ?  993  ASP A CB  1 
ATOM   552  C  CG  . ASP A 1 72  ? -5.38419  -2.79593  -1.70905  1.000 32.79000 ?  993  ASP A CG  1 
ATOM   553  O  OD1 . ASP A 1 72  ? -6.42628  -3.47789  -1.62916  1.000 31.91000 ?  993  ASP A OD1 1 
ATOM   554  O  OD2 . ASP A 1 72  ? -5.07968  -2.14134  -2.73599  1.000 31.41000 -1 993  ASP A OD2 1 
ATOM   555  N  N   . LEU A 1 73  ? -3.54504  -2.67260  2.47608   1.000 29.31000 ?  994  LEU A N   1 
ATOM   556  C  CA  . LEU A 1 73  ? -2.53939  -2.89297  3.50829   1.000 28.81000 ?  994  LEU A CA  1 
ATOM   557  C  C   . LEU A 1 73  ? -3.06587  -3.85499  4.55715   1.000 27.89000 ?  994  LEU A C   1 
ATOM   558  O  O   . LEU A 1 73  ? -2.35208  -4.77767  4.97324   1.000 30.38000 ?  994  LEU A O   1 
ATOM   559  C  CB  . LEU A 1 73  ? -2.13214  -1.56714  4.14102   1.000 29.88000 ?  994  LEU A CB  1 
ATOM   560  C  CG  . LEU A 1 73  ? -1.04097  -1.75916  5.19398   1.000 30.69000 ?  994  LEU A CG  1 
ATOM   561  C  CD1 . LEU A 1 73  ? 0.23373   -2.22892  4.53676   1.000 29.67000 ?  994  LEU A CD1 1 
ATOM   562  C  CD2 . LEU A 1 73  ? -0.81626  -0.47290  5.91968   1.000 31.66000 ?  994  LEU A CD2 1 
ATOM   563  N  N   . GLY A 1 74  ? -4.34163  -3.70400  4.94047   1.000 30.65000 ?  995  GLY A N   1 
ATOM   564  C  CA  . GLY A 1 74  ? -4.90634  -4.63910  5.90042   1.000 32.23000 ?  995  GLY A CA  1 
ATOM   565  C  C   . GLY A 1 74  ? -4.74470  -6.06014  5.41633   1.000 30.14000 ?  995  GLY A C   1 
ATOM   566  O  O   . GLY A 1 74  ? -4.21966  -6.92476  6.13002   1.000 33.05000 ?  995  GLY A O   1 
ATOM   567  N  N   . GLU A 1 75  ? -5.08536  -6.29362  4.14703   1.000 32.19000 ?  996  GLU A N   1 
ATOM   568  C  CA  . GLU A 1 75  ? -5.00081  -7.66091  3.64053   1.000 30.95000 ?  996  GLU A CA  1 
ATOM   569  C  C   . GLU A 1 75  ? -3.56228  -8.13796  3.64233   1.000 33.48000 ?  996  GLU A C   1 
ATOM   570  O  O   . GLU A 1 75  ? -3.26915  -9.26087  4.08123   1.000 32.36000 ?  996  GLU A O   1 
ATOM   571  C  CB  . GLU A 1 75  ? -5.59735  -7.73643  2.24698   1.000 33.76000 ?  996  GLU A CB  1 
ATOM   572  C  CG  . GLU A 1 75  ? -7.05158  -7.29843  2.18457   1.000 36.98000 ?  996  GLU A CG  1 
ATOM   573  C  CD  . GLU A 1 75  ? -7.72830  -7.73509  0.88909   1.000 52.71000 ?  996  GLU A CD  1 
ATOM   574  O  OE1 . GLU A 1 75  ? -8.37383  -6.88200  0.22231   1.000 48.90000 ?  996  GLU A OE1 1 
ATOM   575  O  OE2 . GLU A 1 75  ? -7.61536  -8.93321  0.53770   1.000 63.10000 -1 996  GLU A OE2 1 
ATOM   576  N  N   . LEU A 1 76  ? -2.63082  -7.27290  3.22624   1.000 28.46000 ?  997  LEU A N   1 
ATOM   577  C  CA  . LEU A 1 76  ? -1.23304  -7.66535  3.23993   1.000 28.02000 ?  997  LEU A CA  1 
ATOM   578  C  C   . LEU A 1 76  ? -0.81614  -8.10557  4.63368   1.000 28.26000 ?  997  LEU A C   1 
ATOM   579  O  O   . LEU A 1 76  ? -0.16867  -9.15066  4.79347   1.000 27.78000 ?  997  LEU A O   1 
ATOM   580  C  CB  . LEU A 1 76  ? -0.35517  -6.51233  2.75693   1.000 26.68000 ?  997  LEU A CB  1 
ATOM   581  C  CG  . LEU A 1 76  ? 1.15421   -6.78020  2.70635   1.000 27.58000 ?  997  LEU A CG  1 
ATOM   582  C  CD1 . LEU A 1 76  ? 1.45204   -8.05575  1.99535   1.000 28.34000 ?  997  LEU A CD1 1 
ATOM   583  C  CD2 . LEU A 1 76  ? 1.84732   -5.62875  1.97175   1.000 26.25000 ?  997  LEU A CD2 1 
ATOM   584  N  N   . ILE A 1 77  ? -1.20610  -7.33577  5.65692   1.000 29.07000 ?  998  ILE A N   1 
ATOM   585  C  CA  . ILE A 1 77  ? -0.78412  -7.68799  7.00804   1.000 28.79000 ?  998  ILE A CA  1 
ATOM   586  C  C   . ILE A 1 77  ? -1.40446  -9.01747  7.39673   1.000 32.44000 ?  998  ILE A C   1 
ATOM   587  O  O   . ILE A 1 77  ? -0.73547  -9.90435  7.94553   1.000 32.17000 ?  998  ILE A O   1 
ATOM   588  C  CB  . ILE A 1 77  ? -1.14779  -6.56810  7.99949   1.000 29.21000 ?  998  ILE A CB  1 
ATOM   589  C  CG1 . ILE A 1 77  ? -0.25481  -5.33827  7.76784   1.000 32.61000 ?  998  ILE A CG1 1 
ATOM   590  C  CG2 . ILE A 1 77  ? -0.94861  -7.03096  9.43772   1.000 35.26000 ?  998  ILE A CG2 1 
ATOM   591  C  CD1 . ILE A 1 77  ? -0.76777  -4.09139  8.43596   1.000 34.59000 ?  998  ILE A CD1 1 
ATOM   592  N  N   . ASN A 1 78  ? -2.67037  -9.21380  7.03570   1.000 31.45000 ?  999  ASN A N   1 
ATOM   593  C  CA  . ASN A 1 78  ? -3.30128  -10.48554 7.36758   1.000 33.27000 ?  999  ASN A CA  1 
ATOM   594  C  C   . ASN A 1 78  ? -2.55665  -11.64298 6.71118   1.000 32.68000 ?  999  ASN A C   1 
ATOM   595  O  O   . ASN A 1 78  ? -2.19921  -12.62370 7.38328   1.000 34.97000 ?  999  ASN A O   1 
ATOM   596  C  CB  . ASN A 1 78  ? -4.76518  -10.44933 6.96520   1.000 30.90000 ?  999  ASN A CB  1 
ATOM   597  C  CG  . ASN A 1 78  ? -5.57943  -9.56386  7.87519   1.000 34.96000 ?  999  ASN A CG  1 
ATOM   598  O  OD1 . ASN A 1 78  ? -5.10498  -9.15503  8.93369   1.000 39.91000 ?  999  ASN A OD1 1 
ATOM   599  N  ND2 . ASN A 1 78  ? -6.81823  -9.25721  7.47339   1.000 40.01000 ?  999  ASN A ND2 1 
ATOM   600  N  N   . LYS A 1 79  ? -2.21640  -11.50035 5.41713   1.000 30.01000 ?  1000 LYS A N   1 
ATOM   601  C  CA  . LYS A 1 79  ? -1.56212  -12.60963 4.73971   1.000 28.82000 ?  1000 LYS A CA  1 
ATOM   602  C  C   . LYS A 1 79  ? -0.16888  -12.80740 5.29564   1.000 32.95000 ?  1000 LYS A C   1 
ATOM   603  O  O   . LYS A 1 79  ? 0.30894   -13.94832 5.38559   1.000 28.41000 ?  1000 LYS A O   1 
ATOM   604  C  CB  . LYS A 1 79  ? -1.50997  -12.38022 3.22848   1.000 30.19000 ?  1000 LYS A CB  1 
ATOM   605  C  CG  . LYS A 1 79  ? -2.86798  -12.31962 2.57858   1.000 28.50000 ?  1000 LYS A CG  1 
ATOM   606  C  CD  . LYS A 1 79  ? -3.63879  -13.59007 2.92126   1.000 33.27000 ?  1000 LYS A CD  1 
ATOM   607  C  CE  . LYS A 1 79  ? -5.12072  -13.43496 2.65407   1.000 38.51000 ?  1000 LYS A CE  1 
ATOM   608  N  NZ  . LYS A 1 79  ? -5.50648  -14.00683 1.34034   1.000 40.84000 ?  1000 LYS A NZ  1 
ATOM   609  N  N   . MET A 1 80  ? 0.47074   -11.71265 5.72767   1.000 27.14000 ?  1001 MET A N   1 
ATOM   610  C  CA  . MET A 1 80  ? 1.79712   -11.85258 6.31307   1.000 31.43000 ?  1001 MET A CA  1 
ATOM   611  C  C   . MET A 1 80  ? 1.70677   -12.73604 7.53787   1.000 32.37000 ?  1001 MET A C   1 
ATOM   612  O  O   . MET A 1 80  ? 2.42548   -13.73904 7.65335   1.000 32.02000 ?  1001 MET A O   1 
ATOM   613  C  CB  . MET A 1 80  ? 2.37338   -10.47877 6.66782   1.000 25.89000 ?  1001 MET A CB  1 
ATOM   614  C  CG  . MET A 1 80  ? 3.72042   -10.50325 7.41218   1.000 33.67000 ?  1001 MET A CG  1 
ATOM   615  S  SD  . MET A 1 80  ? 3.97396   -8.98230  8.35331   1.000 40.31000 ?  1001 MET A SD  1 
ATOM   616  C  CE  . MET A 1 80  ? 2.84862   -9.25027  9.73087   1.000 34.77000 ?  1001 MET A CE  1 
ATOM   617  N  N   . LYS A 1 81  ? 0.71944   -12.44635 8.39483   1.000 32.19000 ?  1002 LYS A N   1 
ATOM   618  C  CA  . LYS A 1 81  ? 0.56799   -13.19992 9.62741   1.000 33.91000 ?  1002 LYS A CA  1 
ATOM   619  C  C   . LYS A 1 81  ? 0.26974   -14.65497 9.31672   1.000 33.56000 ?  1002 LYS A C   1 
ATOM   620  O  O   . LYS A 1 81  ? 0.79239   -15.55946 9.98444   1.000 35.03000 ?  1002 LYS A O   1 
ATOM   621  C  CB  . LYS A 1 81  ? -0.53756  -12.57380 10.48334  1.000 32.19000 ?  1002 LYS A CB  1 
ATOM   622  C  CG  . LYS A 1 81  ? -0.11875  -11.23382 11.11935  1.000 31.63000 ?  1002 LYS A CG  1 
ATOM   623  C  CD  . LYS A 1 81  ? -1.31747  -10.49596 11.72143  1.000 39.87000 ?  1002 LYS A CD  1 
ATOM   624  C  CE  . LYS A 1 81  ? -0.84345  -9.34267  12.60737  1.000 48.76000 ?  1002 LYS A CE  1 
ATOM   625  N  NZ  . LYS A 1 81  ? -1.94448  -8.46242  13.10020  1.000 55.15000 ?  1002 LYS A NZ  1 
ATOM   626  N  N   . LEU A 1 82  ? -0.50767  -14.90307 8.25807   1.000 31.87000 ?  1003 LEU A N   1 
ATOM   627  C  CA  . LEU A 1 82  ? -0.84597  -16.28843 7.95133   1.000 36.12000 ?  1003 LEU A CA  1 
ATOM   628  C  C   . LEU A 1 82  ? 0.38197   -17.02000 7.46565   1.000 36.14000 ?  1003 LEU A C   1 
ATOM   629  O  O   . LEU A 1 82  ? 0.64287   -18.16206 7.87746   1.000 36.82000 ?  1003 LEU A O   1 
ATOM   630  C  CB  . LEU A 1 82  ? -1.94766  -16.36147 6.89989   1.000 37.10000 ?  1003 LEU A CB  1 
ATOM   631  C  CG  . LEU A 1 82  ? -3.37251  -16.12501 7.37722   1.000 34.32000 ?  1003 LEU A CG  1 
ATOM   632  C  CD1 . LEU A 1 82  ? -4.28073  -15.91769 6.16160   1.000 37.74000 ?  1003 LEU A CD1 1 
ATOM   633  C  CD2 . LEU A 1 82  ? -3.86804  -17.27325 8.26485   1.000 39.81000 ?  1003 LEU A CD2 1 
ATOM   634  N  N   . ALA A 1 83  ? 1.17051   -16.35198 6.61780   1.000 32.45000 ?  1004 ALA A N   1 
ATOM   635  C  CA  . ALA A 1 83  ? 2.42452   -16.93885 6.17601   1.000 33.02000 ?  1004 ALA A CA  1 
ATOM   636  C  C   . ALA A 1 83  ? 3.31287   -17.24871 7.36796   1.000 38.32000 ?  1004 ALA A C   1 
ATOM   637  O  O   . ALA A 1 83  ? 4.06472   -18.22887 7.34136   1.000 43.54000 ?  1004 ALA A O   1 
ATOM   638  C  CB  . ALA A 1 83  ? 3.13175   -15.99793 5.19679   1.000 38.02000 ?  1004 ALA A CB  1 
ATOM   639  N  N   . GLN A 1 84  ? 3.21877   -16.44865 8.43793   1.000 36.81000 ?  1005 GLN A N   1 
ATOM   640  C  CA  . GLN A 1 84  ? 4.00681   -16.74595 9.63198   1.000 40.87000 ?  1005 GLN A CA  1 
ATOM   641  C  C   . GLN A 1 84  ? 3.42788   -17.93316 10.38635  1.000 42.07000 ?  1005 GLN A C   1 
ATOM   642  O  O   . GLN A 1 84  ? 4.17755   -18.79866 10.85791  1.000 46.86000 ?  1005 GLN A O   1 
ATOM   643  C  CB  . GLN A 1 84  ? 4.08808   -15.52478 10.54335  1.000 40.79000 ?  1005 GLN A CB  1 
ATOM   644  C  CG  . GLN A 1 84  ? 4.66725   -14.29677 9.86307   1.000 43.66000 ?  1005 GLN A CG  1 
ATOM   645  C  CD  . GLN A 1 84  ? 4.67494   -13.06996 10.76420  1.000 44.02000 ?  1005 GLN A CD  1 
ATOM   646  O  OE1 . GLN A 1 84  ? 3.64702   -12.68172 11.31912  1.000 42.90000 ?  1005 GLN A OE1 1 
ATOM   647  N  NE2 . GLN A 1 84  ? 5.84615   -12.46159 10.91632  1.000 44.47000 ?  1005 GLN A NE2 1 
ATOM   648  N  N   . GLN A 1 85  ? 2.09577   -18.00672 10.49036  1.000 38.34000 ?  1006 GLN A N   1 
ATOM   649  C  CA  . GLN A 1 85  ? 1.48378   -19.09347 11.24620  1.000 41.85000 ?  1006 GLN A CA  1 
ATOM   650  C  C   . GLN A 1 85  ? 1.79738   -20.44953 10.62601  1.000 43.86000 ?  1006 GLN A C   1 
ATOM   651  O  O   . GLN A 1 85  ? 1.90179   -21.45481 11.34534  1.000 41.61000 ?  1006 GLN A O   1 
ATOM   652  C  CB  . GLN A 1 85  ? -0.02874  -18.87435 11.34027  1.000 42.67000 ?  1006 GLN A CB  1 
ATOM   653  C  CG  . GLN A 1 85  ? -0.81855  -20.02026 11.98024  1.000 47.10000 ?  1006 GLN A CG  1 
ATOM   654  C  CD  . GLN A 1 85  ? -2.30288  -19.69242 12.15005  1.000 49.91000 ?  1006 GLN A CD  1 
ATOM   655  O  OE1 . GLN A 1 85  ? -2.71515  -18.53175 12.04183  1.000 49.10000 ?  1006 GLN A OE1 1 
ATOM   656  N  NE2 . GLN A 1 85  ? -3.10813  -20.71486 12.43275  1.000 52.83000 ?  1006 GLN A NE2 1 
ATOM   657  N  N   . TYR A 1 86  ? 1.98574   -20.49454 9.30220   1.000 41.33000 ?  1007 TYR A N   1 
ATOM   658  C  CA  . TYR A 1 86  ? 2.07675   -21.74972 8.56742   1.000 44.83000 ?  1007 TYR A CA  1 
ATOM   659  C  C   . TYR A 1 86  ? 3.48273   -22.03212 8.04009   1.000 45.86000 ?  1007 TYR A C   1 
ATOM   660  O  O   . TYR A 1 86  ? 3.64408   -22.83063 7.10749   1.000 45.84000 ?  1007 TYR A O   1 
ATOM   661  C  CB  . TYR A 1 86  ? 1.04827   -21.76101 7.43847   1.000 41.60000 ?  1007 TYR A CB  1 
ATOM   662  C  CG  . TYR A 1 86  ? -0.35640  -21.92670 7.97958   1.000 45.43000 ?  1007 TYR A CG  1 
ATOM   663  C  CD1 . TYR A 1 86  ? -0.92565  -23.19050 8.12864   1.000 47.63000 ?  1007 TYR A CD1 1 
ATOM   664  C  CD2 . TYR A 1 86  ? -1.09233  -20.82827 8.38695   1.000 42.87000 ?  1007 TYR A CD2 1 
ATOM   665  C  CE1 . TYR A 1 86  ? -2.20433  -23.34218 8.64814   1.000 48.80000 ?  1007 TYR A CE1 1 
ATOM   666  C  CE2 . TYR A 1 86  ? -2.36246  -20.97011 8.89643   1.000 47.94000 ?  1007 TYR A CE2 1 
ATOM   667  C  CZ  . TYR A 1 86  ? -2.91421  -22.22291 9.02929   1.000 49.78000 ?  1007 TYR A CZ  1 
ATOM   668  O  OH  . TYR A 1 86  ? -4.17946  -22.34333 9.54280   1.000 51.54000 ?  1007 TYR A OH  1 
ATOM   669  N  N   . VAL A 1 87  ? 4.50224   -21.41048 8.63930   1.000 44.72000 ?  1008 VAL A N   1 
ATOM   670  C  CA  . VAL A 1 87  ? 5.88016   -21.73858 8.30660   1.000 47.69000 ?  1008 VAL A CA  1 
ATOM   671  C  C   . VAL A 1 87  ? 6.12910   -23.20866 8.62566   1.000 48.75000 ?  1008 VAL A C   1 
ATOM   672  O  O   . VAL A 1 87  ? 5.56684   -23.76972 9.57620   1.000 47.62000 ?  1008 VAL A O   1 
ATOM   673  C  CB  . VAL A 1 87  ? 6.87328   -20.83759 9.06412   1.000 51.57000 ?  1008 VAL A CB  1 
ATOM   674  C  CG1 . VAL A 1 87  ? 6.80305   -21.10921 10.56183  1.000 50.70000 ?  1008 VAL A CG1 1 
ATOM   675  C  CG2 . VAL A 1 87  ? 8.31446   -21.04733 8.55697   1.000 52.77000 ?  1008 VAL A CG2 1 
ATOM   676  N  N   . MET A 1 88  ? 6.96478   -23.84392 7.80678   1.000 50.63000 ?  1009 MET A N   1 
ATOM   677  C  CA  . MET A 1 88  ? 7.38296   -25.24141 7.89167   1.000 49.19000 ?  1009 MET A CA  1 
ATOM   678  C  C   . MET A 1 88  ? 6.20476   -26.19722 7.92829   1.000 51.13000 ?  1009 MET A C   1 
ATOM   679  O  O   . MET A 1 88  ? 6.33859   -27.34250 8.37837   1.000 52.83000 ?  1009 MET A O   1 
ATOM   680  C  CB  . MET A 1 88  ? 8.29518   -25.48181 9.09937   1.000 49.73000 ?  1009 MET A CB  1 
ATOM   681  C  CG  . MET A 1 88  ? 9.54793   -24.63009 9.07419   1.000 52.66000 ?  1009 MET A CG  1 
ATOM   682  S  SD  . MET A 1 88  ? 10.60439  -25.06370 7.67445   1.000 65.71000 ?  1009 MET A SD  1 
ATOM   683  C  CE  . MET A 1 88  ? 11.00070  -26.77186 8.05773   1.000 58.97000 ?  1009 MET A CE  1 
ATOM   684  N  N   . THR A 1 89  ? 5.09757   -25.77726 7.33765   1.000 46.69000 ?  1010 THR A N   1 
ATOM   685  C  CA  . THR A 1 89  ? 3.99196   -26.67663 7.08871   1.000 44.15000 ?  1010 THR A CA  1 
ATOM   686  C  C   . THR A 1 89  ? 3.83285   -26.88893 5.58656   1.000 47.23000 ?  1010 THR A C   1 
ATOM   687  O  O   . THR A 1 89  ? 4.64002   -26.41806 4.77144   1.000 48.66000 ?  1010 THR A O   1 
ATOM   688  C  CB  . THR A 1 89  ? 2.69091   -26.14953 7.71109   1.000 46.42000 ?  1010 THR A CB  1 
ATOM   689  O  OG1 . THR A 1 89  ? 2.15468   -25.08619 6.90328   1.000 43.20000 ?  1010 THR A OG1 1 
ATOM   690  C  CG2 . THR A 1 89  ? 2.91603   -25.66479 9.13928   1.000 47.33000 ?  1010 THR A CG2 1 
ATOM   691  N  N   . SER A 1 90  ? 2.77456   -27.60604 5.23339   1.000 44.81000 ?  1011 SER A N   1 
ATOM   692  C  CA  . SER A 1 90  ? 2.33708   -27.88176 3.87415   1.000 48.26000 ?  1011 SER A CA  1 
ATOM   693  C  C   . SER A 1 90  ? 1.71183   -26.67250 3.18452   1.000 48.67000 ?  1011 SER A C   1 
ATOM   694  O  O   . SER A 1 90  ? 1.38318   -26.76238 1.99415   1.000 49.08000 ?  1011 SER A O   1 
ATOM   695  C  CB  . SER A 1 90  ? 1.33674   -29.03991 3.91860   1.000 41.79000 ?  1011 SER A CB  1 
ATOM   696  O  OG  . SER A 1 90  ? 0.63863   -29.21988 2.69927   1.000 49.47000 ?  1011 SER A OG  1 
ATOM   697  N  N   . LEU A 1 91  ? 1.49708   -25.57143 3.90892   1.000 45.39000 ?  1012 LEU A N   1 
ATOM   698  C  CA  . LEU A 1 91  ? 0.87186   -24.37030 3.36504   1.000 47.15000 ?  1012 LEU A CA  1 
ATOM   699  C  C   . LEU A 1 91  ? 1.81565   -23.18295 3.30846   1.000 46.01000 ?  1012 LEU A C   1 
ATOM   700  O  O   . LEU A 1 91  ? 1.36245   -22.06728 3.02748   1.000 42.53000 ?  1012 LEU A O   1 
ATOM   701  C  CB  . LEU A 1 91  ? -0.34923  -23.97961 4.19413   1.000 41.78000 ?  1012 LEU A CB  1 
ATOM   702  C  CG  . LEU A 1 91  ? -1.47092  -25.00313 4.30836   1.000 42.83000 ?  1012 LEU A CG  1 
ATOM   703  C  CD1 . LEU A 1 91  ? -2.67098  -24.38561 5.01093   1.000 45.62000 ?  1012 LEU A CD1 1 
ATOM   704  C  CD2 . LEU A 1 91  ? -1.84055  -25.45578 2.91570   1.000 44.41000 ?  1012 LEU A CD2 1 
ATOM   705  N  N   . GLN A 1 92  ? 3.10416   -23.38001 3.59412   1.000 45.60000 ?  1013 GLN A N   1 
ATOM   706  C  CA  . GLN A 1 92  ? 4.00306   -22.23770 3.73473   1.000 46.52000 ?  1013 GLN A CA  1 
ATOM   707  C  C   . GLN A 1 92  ? 4.10457   -21.44983 2.43359   1.000 48.53000 ?  1013 GLN A C   1 
ATOM   708  O  O   . GLN A 1 92  ? 3.91801   -20.22277 2.41468   1.000 47.25000 ?  1013 GLN A O   1 
ATOM   709  C  CB  . GLN A 1 92  ? 5.38535   -22.70104 4.18952   1.000 47.39000 ?  1013 GLN A CB  1 
ATOM   710  C  CG  . GLN A 1 92  ? 6.48227   -21.66357 3.96109   1.000 50.05000 ?  1013 GLN A CG  1 
ATOM   711  C  CD  . GLN A 1 92  ? 7.74308   -21.95251 4.76453   1.000 54.20000 ?  1013 GLN A CD  1 
ATOM   712  O  OE1 . GLN A 1 92  ? 7.88416   -23.02194 5.36701   1.000 52.78000 ?  1013 GLN A OE1 1 
ATOM   713  N  NE2 . GLN A 1 92  ? 8.66845   -20.99707 4.77580   1.000 58.52000 ?  1013 GLN A NE2 1 
ATOM   714  N  N   . GLN A 1 93  ? 4.39822   -22.13867 1.32572   1.000 44.54000 ?  1014 GLN A N   1 
ATOM   715  C  CA  . GLN A 1 93  ? 4.57812   -21.41483 0.07444   1.000 47.37000 ?  1014 GLN A CA  1 
ATOM   716  C  C   . GLN A 1 93  ? 3.25703   -20.87804 -0.45433  1.000 45.83000 ?  1014 GLN A C   1 
ATOM   717  O  O   . GLN A 1 93  ? 3.23913   -19.83519 -1.11188  1.000 46.14000 ?  1014 GLN A O   1 
ATOM   718  C  CB  . GLN A 1 93  ? 5.25857   -22.29447 -0.97457  1.000 49.65000 ?  1014 GLN A CB  1 
ATOM   719  C  CG  . GLN A 1 93  ? 6.23893   -21.51383 -1.86803  1.000 53.61000 ?  1014 GLN A CG  1 
ATOM   720  C  CD  . GLN A 1 93  ? 7.34524   -20.81194 -1.07556  1.000 57.77000 ?  1014 GLN A CD  1 
ATOM   721  O  OE1 . GLN A 1 93  ? 7.89629   -19.79404 -1.51735  1.000 59.94000 ?  1014 GLN A OE1 1 
ATOM   722  N  NE2 . GLN A 1 93  ? 7.68186   -21.36184 0.09452   1.000 56.59000 ?  1014 GLN A NE2 1 
ATOM   723  N  N   . GLU A 1 94  ? 2.14039   -21.54881 -0.16500  1.000 45.09000 ?  1015 GLU A N   1 
ATOM   724  C  CA  . GLU A 1 94  ? 0.84817   -21.03585 -0.60622  1.000 43.31000 ?  1015 GLU A CA  1 
ATOM   725  C  C   . GLU A 1 94  ? 0.52366   -19.70209 0.05862   1.000 41.39000 ?  1015 GLU A C   1 
ATOM   726  O  O   . GLU A 1 94  ? 0.00844   -18.77750 -0.58802  1.000 38.09000 ?  1015 GLU A O   1 
ATOM   727  C  CB  . GLU A 1 94  ? -0.25280  -22.04872 -0.31557  1.000 45.16000 ?  1015 GLU A CB  1 
ATOM   728  C  CG  . GLU A 1 94  ? -1.60378  -21.40306 -0.09592  1.000 45.30000 ?  1015 GLU A CG  1 
ATOM   729  C  CD  . GLU A 1 94  ? -2.20245  -20.82203 -1.37340  1.000 52.51000 ?  1015 GLU A CD  1 
ATOM   730  O  OE1 . GLU A 1 94  ? -1.75385  -21.22241 -2.47747  1.000 57.13000 ?  1015 GLU A OE1 1 
ATOM   731  O  OE2 . GLU A 1 94  ? -3.11079  -19.96145 -1.27326  1.000 48.05000 -1 1015 GLU A OE2 1 
ATOM   732  N  N   . TYR A 1 95  ? 0.78169   -19.60298 1.36217   1.000 39.60000 ?  1016 TYR A N   1 
ATOM   733  C  CA  . TYR A 1 95  ? 0.49255   -18.34799 2.04142   1.000 40.88000 ?  1016 TYR A CA  1 
ATOM   734  C  C   . TYR A 1 95  ? 1.52126   -17.28645 1.68977   1.000 39.34000 ?  1016 TYR A C   1 
ATOM   735  O  O   . TYR A 1 95  ? 1.19585   -16.09452 1.67987   1.000 36.11000 ?  1016 TYR A O   1 
ATOM   736  C  CB  . TYR A 1 95  ? 0.40077   -18.57489 3.54870   1.000 39.86000 ?  1016 TYR A CB  1 
ATOM   737  C  CG  . TYR A 1 95  ? -0.94016  -19.14938 3.92269   1.000 40.45000 ?  1016 TYR A CG  1 
ATOM   738  C  CD1 . TYR A 1 95  ? -2.09122  -18.37805 3.83460   1.000 39.05000 ?  1016 TYR A CD1 1 
ATOM   739  C  CD2 . TYR A 1 95  ? -1.06948  -20.48355 4.31594   1.000 43.31000 ?  1016 TYR A CD2 1 
ATOM   740  C  CE1 . TYR A 1 95  ? -3.33145  -18.90235 4.15193   1.000 43.02000 ?  1016 TYR A CE1 1 
ATOM   741  C  CE2 . TYR A 1 95  ? -2.31534  -21.01535 4.63729   1.000 44.54000 ?  1016 TYR A CE2 1 
ATOM   742  C  CZ  . TYR A 1 95  ? -3.44047  -20.21296 4.55388   1.000 45.52000 ?  1016 TYR A CZ  1 
ATOM   743  O  OH  . TYR A 1 95  ? -4.69278  -20.70637 4.86568   1.000 51.37000 ?  1016 TYR A OH  1 
ATOM   744  N  N   . LYS A 1 96  ? 2.75333   -17.69322 1.36158   1.000 37.45000 ?  1017 LYS A N   1 
ATOM   745  C  CA  . LYS A 1 96  ? 3.69809   -16.72537 0.80401   1.000 39.45000 ?  1017 LYS A CA  1 
ATOM   746  C  C   . LYS A 1 96  ? 3.18432   -16.16192 -0.51799  1.000 39.04000 ?  1017 LYS A C   1 
ATOM   747  O  O   . LYS A 1 96  ? 3.26597   -14.94582 -0.75976  1.000 41.13000 ?  1017 LYS A O   1 
ATOM   748  C  CB  . LYS A 1 96  ? 5.07862   -17.36843 0.64553   1.000 41.49000 ?  1017 LYS A CB  1 
ATOM   749  C  CG  . LYS A 1 96  ? 5.82635   -17.47881 1.97605   1.000 46.51000 ?  1017 LYS A CG  1 
ATOM   750  C  CD  . LYS A 1 96  ? 6.84789   -18.61440 2.00362   1.000 52.12000 ?  1017 LYS A CD  1 
ATOM   751  C  CE  . LYS A 1 96  ? 8.19039   -18.21540 1.41001   1.000 54.33000 ?  1017 LYS A CE  1 
ATOM   752  N  NZ  . LYS A 1 96  ? 9.26589   -18.18829 2.44903   1.000 55.27000 ?  1017 LYS A NZ  1 
ATOM   753  N  N   . LYS A 1 97  ? 2.62032   -17.02395 -1.36867  1.000 38.83000 ?  1018 LYS A N   1 
ATOM   754  C  CA  . LYS A 1 97  ? 1.98159   -16.57893 -2.60868  1.000 41.04000 ?  1018 LYS A CA  1 
ATOM   755  C  C   . LYS A 1 97  ? 0.83657   -15.60528 -2.34161  1.000 38.91000 ?  1018 LYS A C   1 
ATOM   756  O  O   . LYS A 1 97  ? 0.67481   -14.60612 -3.05504  1.000 36.90000 ?  1018 LYS A O   1 
ATOM   757  C  CB  . LYS A 1 97  ? 1.46628   -17.78775 -3.38869  1.000 43.49000 ?  1018 LYS A CB  1 
ATOM   758  C  CG  . LYS A 1 97  ? 1.39308   -17.59611 -4.90388  1.000 48.33000 ?  1018 LYS A CG  1 
ATOM   759  C  CD  . LYS A 1 97  ? 0.05512   -17.00277 -5.34610  1.000 51.60000 ?  1018 LYS A CD  1 
ATOM   760  C  CE  . LYS A 1 97  ? 0.16244   -16.36752 -6.74151  1.000 52.18000 ?  1018 LYS A CE  1 
ATOM   761  N  NZ  . LYS A 1 97  ? 1.11441   -15.20746 -6.76841  1.000 46.12000 ?  1018 LYS A NZ  1 
ATOM   762  N  N   . GLN A 1 98  ? -0.00241  -15.89968 -1.35281  1.000 37.86000 ?  1019 GLN A N   1 
ATOM   763  C  CA  . GLN A 1 98  ? -1.09978  -14.98390 -1.07091  1.000 33.38000 ?  1019 GLN A CA  1 
ATOM   764  C  C   . GLN A 1 98  ? -0.57962  -13.63210 -0.59075  1.000 34.28000 ?  1019 GLN A C   1 
ATOM   765  O  O   . GLN A 1 98  ? -1.12717  -12.57923 -0.94579  1.000 28.49000 ?  1019 GLN A O   1 
ATOM   766  C  CB  . GLN A 1 98  ? -2.04895  -15.58570 -0.03521  1.000 33.31000 ?  1019 GLN A CB  1 
ATOM   767  C  CG  . GLN A 1 98  ? -2.79305  -16.83494 -0.54553  1.000 40.35000 ?  1019 GLN A CG  1 
ATOM   768  C  CD  . GLN A 1 98  ? -3.83876  -17.33182 0.43306   1.000 39.21000 ?  1019 GLN A CD  1 
ATOM   769  O  OE1 . GLN A 1 98  ? -4.11842  -16.68509 1.44742   1.000 35.12000 ?  1019 GLN A OE1 1 
ATOM   770  N  NE2 . GLN A 1 98  ? -4.40644  -18.49471 0.14626   1.000 38.76000 ?  1019 GLN A NE2 1 
ATOM   771  N  N   . MET A 1 99  ? 0.45673   -13.63928 0.24322   1.000 33.64000 ?  1020 MET A N   1 
ATOM   772  C  CA  . MET A 1 99  ? 1.06488   -12.37147 0.64974   1.000 32.89000 ?  1020 MET A CA  1 
ATOM   773  C  C   . MET A 1 99  ? 1.55730   -11.58513 -0.56983  1.000 33.91000 ?  1020 MET A C   1 
ATOM   774  O  O   . MET A 1 99  ? 1.30297   -10.37615 -0.69147  1.000 29.37000 ?  1020 MET A O   1 
ATOM   775  C  CB  . MET A 1 99  ? 2.20089   -12.64714 1.64253   1.000 34.56000 ?  1020 MET A CB  1 
ATOM   776  C  CG  . MET A 1 99  ? 2.75449   -11.41033 2.36108   1.000 36.93000 ?  1020 MET A CG  1 
ATOM   777  S  SD  . MET A 1 99  ? 4.20114   -11.82208 3.37049   1.000 38.72000 ?  1020 MET A SD  1 
ATOM   778  C  CE  . MET A 1 99  ? 4.98751   -12.91520 2.22474   1.000 44.59000 ?  1020 MET A CE  1 
ATOM   779  N  N   . LEU A 1 100 ? 2.25446   -12.24383 -1.49093  1.000 31.99000 ?  1021 LEU A N   1 
ATOM   780  C  CA  . LEU A 1 100 ? 2.74993   -11.63655 -2.75942  1.000 36.06000 ?  1021 LEU A CA  1 
ATOM   781  C  C   . LEU A 1 100 ? 1.58538   -11.00789 -3.52354  1.000 33.79000 ?  1021 LEU A C   1 
ATOM   782  O  O   . LEU A 1 100 ? 1.71076   -9.90120  -3.98825  1.000 27.66000 ?  1021 LEU A O   1 
ATOM   783  C  CB  . LEU A 1 100 ? 3.27807   -12.74960 -3.65782  1.000 37.47000 ?  1021 LEU A CB  1 
ATOM   784  C  CG  . LEU A 1 100 ? 4.74862   -13.10350 -3.52701  1.000 44.95000 ?  1021 LEU A CG  1 
ATOM   785  C  CD1 . LEU A 1 100 ? 5.02336   -14.43890 -4.19936  1.000 46.19000 ?  1021 LEU A CD1 1 
ATOM   786  C  CD2 . LEU A 1 100 ? 5.62369   -12.00569 -4.11709  1.000 45.47000 ?  1021 LEU A CD2 1 
ATOM   787  N  N   . THR A 1 101 ? 0.52016   -11.78165 -3.69591  1.000 31.90000 ?  1022 THR A N   1 
ATOM   788  C  CA  . THR A 1 101 ? -0.65677  -11.29160 -4.40263  1.000 30.43000 ?  1022 THR A CA  1 
ATOM   789  C  C   . THR A 1 101 ? -1.23284  -10.04315 -3.73325  1.000 29.77000 ?  1022 THR A C   1 
ATOM   790  O  O   . THR A 1 101 ? -1.63813  -9.09566  -4.41636  1.000 26.85000 ?  1022 THR A O   1 
ATOM   791  C  CB  . THR A 1 101 ? -1.69719  -12.42066 -4.48494  1.000 35.66000 ?  1022 THR A CB  1 
ATOM   792  O  OG1 . THR A 1 101 ? -1.21747  -13.43933 -5.37586  1.000 37.76000 ?  1022 THR A OG1 1 
ATOM   793  C  CG2 . THR A 1 101 ? -3.01784  -11.90731 -4.99712  1.000 36.88000 ?  1022 THR A CG2 1 
ATOM   794  N  N   . ALA A 1 102 ? -1.24790  -10.00532 -2.39199  1.000 28.65000 ?  1023 ALA A N   1 
ATOM   795  C  CA  . ALA A 1 102 ? -1.76178  -8.81153  -1.71229  1.000 29.01000 ?  1023 ALA A CA  1 
ATOM   796  C  C   . ALA A 1 102 ? -0.84879  -7.60503  -1.93162  1.000 28.86000 ?  1023 ALA A C   1 
ATOM   797  O  O   . ALA A 1 102 ? -1.31843  -6.47538  -2.14871  1.000 26.98000 ?  1023 ALA A O   1 
ATOM   798  C  CB  . ALA A 1 102 ? -1.92401  -9.09480  -0.22117  1.000 31.44000 ?  1023 ALA A CB  1 
ATOM   799  N  N   . ALA A 1 103 ? 0.46691   -7.81336  -1.84715  1.000 27.06000 ?  1024 ALA A N   1 
ATOM   800  C  CA  . ALA A 1 103 ? 1.37490   -6.69712  -2.11412  1.000 25.98000 ?  1024 ALA A CA  1 
ATOM   801  C  C   . ALA A 1 103 ? 1.20701   -6.17320  -3.53842  1.000 24.73000 ?  1024 ALA A C   1 
ATOM   802  O  O   . ALA A 1 103 ? 1.22601   -4.94989  -3.78268  1.000 24.19000 ?  1024 ALA A O   1 
ATOM   803  C  CB  . ALA A 1 103 ? 2.80994   -7.14720  -1.87054  1.000 29.59000 ?  1024 ALA A CB  1 
ATOM   804  N  N   . HIS A 1 104 ? 1.09448   -7.07995  -4.50873  1.000 25.25000 ?  1025 HIS A N   1 
ATOM   805  C  CA  . HIS A 1 104 ? 0.88280   -6.62885  -5.87833  1.000 27.09000 ?  1025 HIS A CA  1 
ATOM   806  C  C   . HIS A 1 104 ? -0.39400  -5.80835  -5.99525  1.000 29.50000 ?  1025 HIS A C   1 
ATOM   807  O  O   . HIS A 1 104 ? -0.41476  -4.76186  -6.66692  1.000 25.80000 ?  1025 HIS A O   1 
ATOM   808  C  CB  . HIS A 1 104 ? 0.83999   -7.81112  -6.84300  1.000 30.63000 ?  1025 HIS A CB  1 
ATOM   809  C  CG  . HIS A 1 104 ? 0.88888   -7.40034  -8.28286  1.000 32.24000 ?  1025 HIS A CG  1 
ATOM   810  N  ND1 . HIS A 1 104 ? 0.87011   -8.30039  -9.32360  1.000 33.39000 ?  1025 HIS A ND1 1 
ATOM   811  C  CD2 . HIS A 1 104 ? 0.99351   -6.17456  -8.85547  1.000 35.28000 ?  1025 HIS A CD2 1 
ATOM   812  C  CE1 . HIS A 1 104 ? 0.92184   -7.65271  -10.47371 1.000 32.56000 ?  1025 HIS A CE1 1 
ATOM   813  N  NE2 . HIS A 1 104 ? 1.00565   -6.36127  -10.21750 1.000 35.04000 ?  1025 HIS A NE2 1 
ATOM   814  N  N   . ALA A 1 105 ? -1.47223  -6.26587  -5.35476  1.000 26.78000 ?  1026 ALA A N   1 
ATOM   815  C  CA  . ALA A 1 105 ? -2.70853  -5.49529  -5.42010  1.000 27.54000 ?  1026 ALA A CA  1 
ATOM   816  C  C   . ALA A 1 105 ? -2.48336  -4.09041  -4.87061  1.000 29.03000 ?  1026 ALA A C   1 
ATOM   817  O  O   . ALA A 1 105 ? -2.99033  -3.09876  -5.42075  1.000 24.97000 ?  1026 ALA A O   1 
ATOM   818  C  CB  . ALA A 1 105 ? -3.81649  -6.22200  -4.65629  1.000 30.17000 ?  1026 ALA A CB  1 
ATOM   819  N  N   . LEU A 1 106 ? -1.69091  -3.98844  -3.80196  1.000 26.32000 ?  1027 LEU A N   1 
ATOM   820  C  CA  . LEU A 1 106 ? -1.42208  -2.67527  -3.22524  1.000 25.24000 ?  1027 LEU A CA  1 
ATOM   821  C  C   . LEU A 1 106 ? -0.71080  -1.78016  -4.22862  1.000 25.90000 ?  1027 LEU A C   1 
ATOM   822  O  O   . LEU A 1 106 ? -1.05688  -0.59647  -4.37201  1.000 24.44000 ?  1027 LEU A O   1 
ATOM   823  C  CB  . LEU A 1 106 ? -0.59136  -2.82279  -1.94411  1.000 28.28000 ?  1027 LEU A CB  1 
ATOM   824  C  CG  . LEU A 1 106 ? -0.61213  -1.63128  -0.98192  1.000 28.22000 ?  1027 LEU A CG  1 
ATOM   825  C  CD1 . LEU A 1 106 ? -0.25185  -2.08815  0.43299   1.000 31.58000 ?  1027 LEU A CD1 1 
ATOM   826  C  CD2 . LEU A 1 106 ? 0.32577   -0.60282  -1.43084  1.000 29.96000 ?  1027 LEU A CD2 1 
ATOM   827  N  N   . ALA A 1 107 ? 0.28791   -2.32762  -4.93018  1.000 24.57000 ?  1028 ALA A N   1 
ATOM   828  C  CA  . ALA A 1 107 ? 1.05610   -1.52261  -5.88778  1.000 25.87000 ?  1028 ALA A CA  1 
ATOM   829  C  C   . ALA A 1 107 ? 0.18806   -1.04805  -7.04785  1.000 27.07000 ?  1028 ALA A C   1 
ATOM   830  O  O   . ALA A 1 107 ? 0.27605   0.11869   -7.48459  1.000 27.40000 ?  1028 ALA A O   1 
ATOM   831  C  CB  . ALA A 1 107 ? 2.24346   -2.32682  -6.41405  1.000 29.41000 ?  1028 ALA A CB  1 
ATOM   832  N  N   . VAL A 1 108 ? -0.66167  -1.94477  -7.55634  1.000 26.90000 ?  1029 VAL A N   1 
ATOM   833  C  CA  . VAL A 1 108 ? -1.58268  -1.59107  -8.63238  1.000 26.91000 ?  1029 VAL A CA  1 
ATOM   834  C  C   . VAL A 1 108 ? -2.52585  -0.48195  -8.17681  1.000 27.36000 ?  1029 VAL A C   1 
ATOM   835  O  O   . VAL A 1 108 ? -2.79152  0.48240   -8.90945  1.000 27.89000 ?  1029 VAL A O   1 
ATOM   836  C  CB  . VAL A 1 108 ? -2.36396  -2.83776  -9.09681  1.000 28.55000 ?  1029 VAL A CB  1 
ATOM   837  C  CG1 . VAL A 1 108 ? -3.59111  -2.41777  -9.90911  1.000 29.93000 ?  1029 VAL A CG1 1 
ATOM   838  C  CG2 . VAL A 1 108 ? -1.45599  -3.78622  -9.91412  1.000 30.87000 ?  1029 VAL A CG2 1 
ATOM   839  N  N   . ASP A 1 109 ? -3.07338  -0.61514  -6.96398  1.000 25.61000 ?  1030 ASP A N   1 
ATOM   840  C  CA  . ASP A 1 109 ? -4.01581  0.39146   -6.48825  1.000 28.68000 ?  1030 ASP A CA  1 
ATOM   841  C  C   . ASP A 1 109 ? -3.32488  1.72645   -6.20196  1.000 29.78000 ?  1030 ASP A C   1 
ATOM   842  O  O   . ASP A 1 109 ? -3.93277  2.79214   -6.35800  1.000 26.77000 ?  1030 ASP A O   1 
ATOM   843  C  CB  . ASP A 1 109 ? -4.75859  -0.14560  -5.26634  1.000 28.95000 ?  1030 ASP A CB  1 
ATOM   844  C  CG  . ASP A 1 109 ? -5.71670  -1.29494  -5.63498  1.000 31.21000 ?  1030 ASP A CG  1 
ATOM   845  O  OD1 . ASP A 1 109 ? -6.13994  -1.35392  -6.80984  1.000 34.81000 ?  1030 ASP A OD1 1 
ATOM   846  O  OD2 . ASP A 1 109 ? -6.05731  -2.12616  -4.76896  1.000 33.10000 -1 1030 ASP A OD2 1 
ATOM   847  N  N   . ALA A 1 110 ? -2.05191  1.69623   -5.81308  1.000 26.47000 ?  1031 ALA A N   1 
ATOM   848  C  CA  . ALA A 1 110 ? -1.30918  2.94461   -5.70231  1.000 28.12000 ?  1031 ALA A CA  1 
ATOM   849  C  C   . ALA A 1 110 ? -1.16423  3.61574   -7.06317  1.000 26.21000 ?  1031 ALA A C   1 
ATOM   850  O  O   . ALA A 1 110 ? -1.31567  4.84531   -7.18661  1.000 25.76000 ?  1031 ALA A O   1 
ATOM   851  C  CB  . ALA A 1 110 ? 0.05357   2.67809   -5.05898  1.000 28.58000 ?  1031 ALA A CB  1 
ATOM   852  N  N   . LYS A 1 111 ? -0.87423  2.82819   -8.10505  1.000 26.15000 ?  1032 LYS A N   1 
ATOM   853  C  CA  . LYS A 1 111 ? -0.77687  3.42186   -9.43768  1.000 26.73000 ?  1032 LYS A CA  1 
ATOM   854  C  C   . LYS A 1 111 ? -2.11174  3.99447   -9.87546  1.000 29.60000 ?  1032 LYS A C   1 
ATOM   855  O  O   . LYS A 1 111 ? -2.16174  5.02954   -10.55712 1.000 25.97000 ?  1032 LYS A O   1 
ATOM   856  C  CB  . LYS A 1 111 ? -0.29275  2.40053   -10.46090 1.000 28.85000 ?  1032 LYS A CB  1 
ATOM   857  C  CG  . LYS A 1 111 ? 1.13870   1.98572   -10.22719 1.000 32.18000 ?  1032 LYS A CG  1 
ATOM   858  C  CD  . LYS A 1 111 ? 2.06485   3.19000   -10.24046 1.000 35.33000 ?  1032 LYS A CD  1 
ATOM   859  C  CE  . LYS A 1 111 ? 1.92128   4.01456   -11.52267 1.000 38.71000 ?  1032 LYS A CE  1 
ATOM   860  N  NZ  . LYS A 1 111 ? 2.80738   3.47718   -12.60064 1.000 46.68000 ?  1032 LYS A NZ  1 
ATOM   861  N  N   . ASN A 1 112 ? -3.20911  3.33531   -9.48864  1.000 26.28000 ?  1033 ASN A N   1 
ATOM   862  C  CA  . ASN A 1 112 ? -4.48084  3.90729   -9.89899  1.000 28.95000 ?  1033 ASN A CA  1 
ATOM   863  C  C   . ASN A 1 112 ? -4.78422  5.17475   -9.12121  1.000 28.58000 ?  1033 ASN A C   1 
ATOM   864  O  O   . ASN A 1 112 ? -5.34513  6.11711   -9.68356  1.000 26.73000 ?  1033 ASN A O   1 
ATOM   865  C  CB  . ASN A 1 112 ? -5.63869  2.92468   -9.74696  1.000 32.47000 ?  1033 ASN A CB  1 
ATOM   866  C  CG  . ASN A 1 112 ? -6.94534  3.52171   -10.27347 1.000 36.64000 ?  1033 ASN A CG  1 
ATOM   867  O  OD1 . ASN A 1 112 ? -7.07938  3.75572   -11.47832 1.000 43.09000 ?  1033 ASN A OD1 1 
ATOM   868  N  ND2 . ASN A 1 112 ? -7.88759  3.81231   -9.37809  1.000 36.98000 ?  1033 ASN A ND2 1 
ATOM   869  N  N   . LEU A 1 113 ? -4.37942  5.26740   -7.84796  1.000 24.98000 ?  1034 LEU A N   1 
ATOM   870  C  CA  . LEU A 1 113 ? -4.52008  6.52937   -7.12668  1.000 24.19000 ?  1034 LEU A CA  1 
ATOM   871  C  C   . LEU A 1 113 ? -3.76326  7.64406   -7.84277  1.000 25.71000 ?  1034 LEU A C   1 
ATOM   872  O  O   . LEU A 1 113 ? -4.27040  8.75889   -8.00705  1.000 25.74000 ?  1034 LEU A O   1 
ATOM   873  C  CB  . LEU A 1 113 ? -4.02141  6.38481   -5.68511  1.000 23.34000 ?  1034 LEU A CB  1 
ATOM   874  C  CG  . LEU A 1 113 ? -4.03423  7.71063   -4.88174  1.000 24.02000 ?  1034 LEU A CG  1 
ATOM   875  C  CD1 . LEU A 1 113 ? -5.44507  8.30192   -4.72495  1.000 26.74000 ?  1034 LEU A CD1 1 
ATOM   876  C  CD2 . LEU A 1 113 ? -3.46051  7.52730   -3.50721  1.000 24.44000 ?  1034 LEU A CD2 1 
ATOM   877  N  N   . LEU A 1 114 ? -2.52708  7.35988   -8.25891  1.000 25.71000 ?  1035 LEU A N   1 
ATOM   878  C  CA  . LEU A 1 114 ? -1.77050  8.36581   -9.01570  1.000 23.37000 ?  1035 LEU A CA  1 
ATOM   879  C  C   . LEU A 1 114 ? -2.51231  8.79412   -10.27481 1.000 26.69000 ?  1035 LEU A C   1 
ATOM   880  O  O   . LEU A 1 114 ? -2.54047  9.98664   -10.61373 1.000 27.22000 ?  1035 LEU A O   1 
ATOM   881  C  CB  . LEU A 1 114 ? -0.40572  7.80793   -9.38575  1.000 25.40000 ?  1035 LEU A CB  1 
ATOM   882  C  CG  . LEU A 1 114 ? 0.38981   8.72771   -10.29680 1.000 28.33000 ?  1035 LEU A CG  1 
ATOM   883  C  CD1 . LEU A 1 114 ? 0.55195   10.08280  -9.61973  1.000 28.90000 ?  1035 LEU A CD1 1 
ATOM   884  C  CD2 . LEU A 1 114 ? 1.74057   8.03873   -10.55637 1.000 31.19000 ?  1035 LEU A CD2 1 
ATOM   885  N  N   . ASP A 1 115 ? -3.06115  7.83060   -11.01397 1.000 28.39000 ?  1036 ASP A N   1 
ATOM   886  C  CA  . ASP A 1 115 ? -3.81560  8.11481   -12.23977 1.000 31.71000 ?  1036 ASP A CA  1 
ATOM   887  C  C   . ASP A 1 115 ? -5.02495  9.01863   -11.96212 1.000 31.63000 ?  1036 ASP A C   1 
ATOM   888  O  O   . ASP A 1 115 ? -5.30939  9.95966   -12.72026 1.000 30.99000 ?  1036 ASP A O   1 
ATOM   889  C  CB  . ASP A 1 115 ? -4.26828  6.78782   -12.86454 1.000 35.65000 ?  1036 ASP A CB  1 
ATOM   890  C  CG  . ASP A 1 115 ? -3.22303  6.17358   -13.80411 1.000 44.84000 ?  1036 ASP A CG  1 
ATOM   891  O  OD1 . ASP A 1 115 ? -2.03698  6.58470   -13.70890 1.000 46.49000 ?  1036 ASP A OD1 1 
ATOM   892  O  OD2 . ASP A 1 115 ? -3.57020  5.27706   -14.61946 1.000 49.28000 -1 1036 ASP A OD2 1 
ATOM   893  N  N   . VAL A 1 116 ? -5.76953  8.71570   -10.89847 1.000 30.67000 ?  1037 VAL A N   1 
ATOM   894  C  CA  . VAL A 1 116 ? -6.92512  9.56288   -10.56324 1.000 28.71000 ?  1037 VAL A CA  1 
ATOM   895  C  C   . VAL A 1 116 ? -6.46979  10.98213  -10.22362 1.000 28.60000 ?  1037 VAL A C   1 
ATOM   896  O  O   . VAL A 1 116 ? -7.08266  11.98947  -10.65456 1.000 26.00000 ?  1037 VAL A O   1 
ATOM   897  C  CB  . VAL A 1 116 ? -7.73240  8.92408   -9.41602  1.000 31.45000 ?  1037 VAL A CB  1 
ATOM   898  C  CG1 . VAL A 1 116 ? -8.76553  9.88061   -8.87039  1.000 30.43000 ?  1037 VAL A CG1 1 
ATOM   899  C  CG2 . VAL A 1 116 ? -8.41581  7.63716   -9.89782  1.000 34.77000 ?  1037 VAL A CG2 1 
ATOM   900  N  N   . ILE A 1 117 ? -5.37552  11.09806  -9.46058  1.000 26.17000 ?  1038 ILE A N   1 
ATOM   901  C  CA  . ILE A 1 117 ? -4.91399  12.44044  -9.10449  1.000 28.34000 ?  1038 ILE A CA  1 
ATOM   902  C  C   . ILE A 1 117 ? -4.43454  13.17267  -10.34472 1.000 27.52000 ?  1038 ILE A C   1 
ATOM   903  O  O   . ILE A 1 117 ? -4.63642  14.38412  -10.50887 1.000 24.45000 ?  1038 ILE A O   1 
ATOM   904  C  CB  . ILE A 1 117 ? -3.81350  12.37170  -8.03377  1.000 27.14000 ?  1038 ILE A CB  1 
ATOM   905  C  CG1 . ILE A 1 117 ? -4.42583  11.90262  -6.71840  1.000 28.38000 ?  1038 ILE A CG1 1 
ATOM   906  C  CG2 . ILE A 1 117 ? -3.13549  13.75658  -7.86161  1.000 27.23000 ?  1038 ILE A CG2 1 
ATOM   907  C  CD1 . ILE A 1 117 ? -3.43027  11.66573  -5.63406  1.000 28.61000 ?  1038 ILE A CD1 1 
ATOM   908  N  N   . ASP A 1 118 ? -3.75922  12.45369  -11.22124 1.000 27.46000 ?  1039 ASP A N   1 
ATOM   909  C  CA  . ASP A 1 118 ? -3.19985  13.07535  -12.40430 1.000 28.52000 ?  1039 ASP A CA  1 
ATOM   910  C  C   . ASP A 1 118 ? -4.31011  13.60963  -13.32110 1.000 30.74000 ?  1039 ASP A C   1 
ATOM   911  O  O   . ASP A 1 118 ? -4.20819  14.72586  -13.85462 1.000 29.90000 ?  1039 ASP A O   1 
ATOM   912  C  CB  . ASP A 1 118 ? -2.29143  12.03281  -13.05107 1.000 34.63000 ?  1039 ASP A CB  1 
ATOM   913  C  CG  . ASP A 1 118 ? -1.85414  12.42071  -14.38308 1.000 37.39000 ?  1039 ASP A CG  1 
ATOM   914  O  OD1 . ASP A 1 118 ? -0.70600  12.90102  -14.54239 1.000 40.94000 ?  1039 ASP A OD1 1 
ATOM   915  O  OD2 . ASP A 1 118 ? -2.69542  12.23551  -15.27462 1.000 40.17000 -1 1039 ASP A OD2 1 
ATOM   916  N  N   . GLN A 1 119 ? -5.41375  12.87568  -13.41806 1.000 31.70000 ?  1040 GLN A N   1 
ATOM   917  C  CA  . GLN A 1 119 ? -6.59950  13.33128  -14.17809 1.000 31.25000 ?  1040 GLN A CA  1 
ATOM   918  C  C   . GLN A 1 119 ? -7.19674  14.56459  -13.49439 1.000 31.77000 ?  1040 GLN A C   1 
ATOM   919  O  O   . GLN A 1 119 ? -7.62880  15.42851  -14.19432 1.000 32.91000 ?  1040 GLN A O   1 
ATOM   920  C  CB  . GLN A 1 119 ? -7.64011  12.22130  -14.25091 1.000 36.25000 ?  1040 GLN A CB  1 
ATOM   921  C  CG  . GLN A 1 119 ? -7.49068  11.29927  -15.44847 1.000 39.70000 ?  1040 GLN A CG  1 
ATOM   922  C  CD  . GLN A 1 119 ? -7.11885  12.02699  -16.71725 1.000 43.06000 ?  1040 GLN A CD  1 
ATOM   923  O  OE1 . GLN A 1 119 ? -5.96308  12.08566  -17.09293 1.000 49.07000 ?  1040 GLN A OE1 1 
ATOM   924  N  NE2 . GLN A 1 119 ? -8.09751  12.60588  -17.38641 1.000 45.64000 ?  1040 GLN A NE2 1 
ATOM   925  N  N   . ALA A 1 120 ? -7.24266  14.60600  -12.16424 1.000 27.62000 ?  1041 ALA A N   1 
ATOM   926  C  CA  . ALA A 1 120 ? -7.76544  15.78044  -11.46940 1.000 28.29000 ?  1041 ALA A CA  1 
ATOM   927  C  C   . ALA A 1 120 ? -6.87222  17.00543  -11.68932 1.000 28.84000 ?  1041 ALA A C   1 
ATOM   928  O  O   . ALA A 1 120 ? -7.36398  18.12674  -11.81646 1.000 26.48000 ?  1041 ALA A O   1 
ATOM   929  C  CB  . ALA A 1 120 ? -7.90856  15.47394  -9.97501  1.000 28.77000 ?  1041 ALA A CB  1 
ATOM   930  N  N   . ARG A 1 121 ? -5.55346  16.80562  -11.72663 1.000 25.71000 ?  1042 ARG A N   1 
ATOM   931  C  CA  . ARG A 1 121 ? -4.63548  17.88526  -12.07342 1.000 30.96000 ?  1042 ARG A CA  1 
ATOM   932  C  C   . ARG A 1 121 ? -4.89738  18.39510  -13.48923 1.000 25.21000 ?  1042 ARG A C   1 
ATOM   933  O  O   . ARG A 1 121 ? -4.89826  19.61029  -13.73864 1.000 28.59000 ?  1042 ARG A O   1 
ATOM   934  C  CB  . ARG A 1 121 ? -3.19790  17.39373  -11.92914 1.000 30.18000 ?  1042 ARG A CB  1 
ATOM   935  C  CG  . ARG A 1 121 ? -2.76829  17.25341  -10.48118 1.000 29.40000 ?  1042 ARG A CG  1 
ATOM   936  C  CD  . ARG A 1 121 ? -1.36249  16.68235  -10.32528 1.000 36.79000 ?  1042 ARG A CD  1 
ATOM   937  N  NE  . ARG A 1 121 ? -0.81622  16.98045  -8.99809  1.000 39.24000 ?  1042 ARG A NE  1 
ATOM   938  C  CZ  . ARG A 1 121 ? 0.00238   16.17421  -8.32630  1.000 41.24000 ?  1042 ARG A CZ  1 
ATOM   939  N  NH1 . ARG A 1 121 ? 0.37184   15.01281  -8.85024  1.000 41.89000 ?  1042 ARG A NH1 1 
ATOM   940  N  NH2 . ARG A 1 121 ? 0.44257   16.52033  -7.12260  1.000 39.13000 ?  1042 ARG A NH2 1 
ATOM   941  N  N   . LEU A 1 122 ? -5.14861  17.48423  -14.42276 1.000 27.40000 ?  1043 LEU A N   1 
ATOM   942  C  CA  . LEU A 1 122 ? -5.50037  17.91635  -15.77336 1.000 31.21000 ?  1043 LEU A CA  1 
ATOM   943  C  C   . LEU A 1 122 ? -6.76058  18.76880  -15.75206 1.000 30.88000 ?  1043 LEU A C   1 
ATOM   944  O  O   . LEU A 1 122 ? -6.78629  19.86104  -16.32227 1.000 31.19000 ?  1043 LEU A O   1 
ATOM   945  C  CB  . LEU A 1 122 ? -5.68526  16.71906  -16.70048 1.000 31.31000 ?  1043 LEU A CB  1 
ATOM   946  C  CG  . LEU A 1 122 ? -6.12567  17.04774  -18.13781 1.000 30.43000 ?  1043 LEU A CG  1 
ATOM   947  C  CD1 . LEU A 1 122 ? -5.19016  18.03267  -18.78552 1.000 32.75000 ?  1043 LEU A CD1 1 
ATOM   948  C  CD2 . LEU A 1 122 ? -6.22056  15.78035  -18.97382 1.000 36.88000 ?  1043 LEU A CD2 1 
ATOM   949  N  N   . LYS A 1 123 ? -7.80823  18.29764  -15.06138 1.000 31.27000 ?  1044 LYS A N   1 
ATOM   950  C  CA  . LYS A 1 123 ? -9.02877  19.10021  -14.94925 1.000 32.72000 ?  1044 LYS A CA  1 
ATOM   951  C  C   . LYS A 1 123 ? -8.73711  20.45527  -14.34150 1.000 32.08000 ?  1044 LYS A C   1 
ATOM   952  O  O   . LYS A 1 123 ? -9.30147  21.46662  -14.76181 1.000 34.52000 ?  1044 LYS A O   1 
ATOM   953  C  CB  . LYS A 1 123 ? -10.07395 18.37263  -14.11164 1.000 33.62000 ?  1044 LYS A CB  1 
ATOM   954  C  CG  . LYS A 1 123 ? -10.43849 17.04708  -14.69303 1.000 37.88000 ?  1044 LYS A CG  1 
ATOM   955  C  CD  . LYS A 1 123 ? -11.25607 17.20994  -15.95899 1.000 44.66000 ?  1044 LYS A CD  1 
ATOM   956  C  CE  . LYS A 1 123 ? -12.17376 16.01278  -16.09939 1.000 45.04000 ?  1044 LYS A CE  1 
ATOM   957  N  NZ  . LYS A 1 123 ? -11.45315 14.79497  -15.60858 1.000 46.19000 ?  1044 LYS A NZ  1 
ATOM   958  N  N   . MET A 1 124 ? -7.85778  20.48896  -13.34060 1.000 32.59000 ?  1045 MET A N   1 
ATOM   959  C  CA  . MET A 1 124 ? -7.52493  21.73240  -12.66510 1.000 32.23000 ?  1045 MET A CA  1 
ATOM   960  C  C   . MET A 1 124 ? -6.91242  22.72929  -13.63946 1.000 34.48000 ?  1045 MET A C   1 
ATOM   961  O  O   . MET A 1 124 ? -7.18619  23.93389  -13.55390 1.000 32.99000 ?  1045 MET A O   1 
ATOM   962  C  CB  . MET A 1 124 ? -6.57042  21.44113  -11.50274 1.000 35.60000 ?  1045 MET A CB  1 
ATOM   963  C  CG  . MET A 1 124 ? -6.33595  22.59125  -10.55404 1.000 37.66000 ?  1045 MET A CG  1 
ATOM   964  S  SD  . MET A 1 124 ? -7.77568  23.67755  -10.43019 1.000 76.51000 ?  1045 MET A SD  1 
ATOM   965  C  CE  . MET A 1 124 ? -8.79323  22.91607  -9.16347  1.000 39.34000 ?  1045 MET A CE  1 
ATOM   966  N  N   . LEU A 1 125 ? -6.08476  22.24555  -14.58041 1.000 31.65000 ?  1046 LEU A N   1 
ATOM   967  C  CA  . LEU A 1 125 ? -5.54664  23.14202  -15.60893 1.000 32.51000 ?  1046 LEU A CA  1 
ATOM   968  C  C   . LEU A 1 125 ? -6.64925  23.88857  -16.35696 1.000 35.75000 ?  1046 LEU A C   1 
ATOM   969  O  O   . LEU A 1 125 ? -6.41981  25.00266  -16.84402 1.000 34.65000 ?  1046 LEU A O   1 
ATOM   970  C  CB  . LEU A 1 125 ? -4.70284  22.37312  -16.63033 1.000 32.69000 ?  1046 LEU A CB  1 
ATOM   971  C  CG  . LEU A 1 125 ? -3.32133  21.82399  -16.26670 1.000 32.73000 ?  1046 LEU A CG  1 
ATOM   972  C  CD1 . LEU A 1 125 ? -2.65314  21.22837  -17.50946 1.000 31.43000 ?  1046 LEU A CD1 1 
ATOM   973  C  CD2 . LEU A 1 125 ? -2.43311  22.88277  -15.64059 1.000 36.93000 ?  1046 LEU A CD2 1 
ATOM   974  N  N   . GLY A 1 126 ? -7.83940  23.29163  -16.48037 1.000 35.55000 ?  1047 GLY A N   1 
ATOM   975  C  CA  . GLY A 1 126 ? -8.94052  23.90503  -17.21260 1.000 32.09000 ?  1047 GLY A CA  1 
ATOM   976  C  C   . GLY A 1 126 ? -9.70678  24.99878  -16.47637 1.000 38.87000 ?  1047 GLY A C   1 
ATOM   977  O  O   . GLY A 1 126 ? -9.39176  25.33338  -15.32447 1.000 41.52000 ?  1047 GLY A O   1 
HETATM 978  C  C   . ACE B 2 1   ? -9.50364  8.26336   7.67034   1.000 51.68000 ?  0    ACE B C   1 
HETATM 979  O  O   . ACE B 2 1   ? -9.37360  7.15409   8.19585   1.000 51.01000 ?  0    ACE B O   1 
HETATM 980  C  CH3 . ACE B 2 1   ? -10.40035 9.33257   8.23690   1.000 52.91000 ?  0    ACE B CH3 1 
ATOM   981  N  N   . ASN B 2 2   ? -8.85496  8.58294   6.55191   1.000 53.48000 ?  1    ASN B N   1 
ATOM   982  C  CA  . ASN B 2 2   ? -7.96882  7.61135   5.91537   1.000 51.37000 ?  1    ASN B CA  1 
ATOM   983  C  C   . ASN B 2 2   ? -6.57775  7.54178   6.57334   1.000 51.81000 ?  1    ASN B C   1 
ATOM   984  O  O   . ASN B 2 2   ? -5.92968  6.49238   6.55454   1.000 49.93000 ?  1    ASN B O   1 
ATOM   985  C  CB  . ASN B 2 2   ? -7.85766  7.91305   4.41608   1.000 48.30000 ?  1    ASN B CB  1 
ATOM   986  C  CG  . ASN B 2 2   ? -9.00980  7.31804   3.62621   1.000 45.49000 ?  1    ASN B CG  1 
ATOM   987  O  OD1 . ASN B 2 2   ? -9.24258  6.10730   3.68138   1.000 44.58000 ?  1    ASN B OD1 1 
ATOM   988  N  ND2 . ASN B 2 2   ? -9.76391  8.16719   2.91664   1.000 41.49000 ?  1    ASN B ND2 1 
ATOM   989  N  N   . LEU B 2 3   ? -6.13055  8.64393   7.18123   1.000 51.16000 ?  2    LEU B N   1 
ATOM   990  C  CA  . LEU B 2 3   ? -4.85541  8.61606   7.89635   1.000 50.20000 ?  2    LEU B CA  1 
ATOM   991  C  C   . LEU B 2 3   ? -4.97842  7.92351   9.24939   1.000 51.43000 ?  2    LEU B C   1 
ATOM   992  O  O   . LEU B 2 3   ? -4.06723  7.19906   9.66168   1.000 51.36000 ?  2    LEU B O   1 
ATOM   993  C  CB  . LEU B 2 3   ? -4.32801  10.03765  8.07920   1.000 51.42000 ?  2    LEU B CB  1 
ATOM   994  C  CG  . LEU B 2 3   ? -2.82448  10.27000  7.96343   1.000 46.24000 ?  2    LEU B CG  1 
ATOM   995  C  CD1 . LEU B 2 3   ? -2.13892  9.27449   6.99148   1.000 44.91000 ?  2    LEU B CD1 1 
ATOM   996  C  CD2 . LEU B 2 3   ? -2.54616  11.72314  7.56719   1.000 45.94000 ?  2    LEU B CD2 1 
HETATM 997  O  O   . 2JN B 2 4   ? -5.78273  5.30028   11.85801  1.000 53.92000 ?  3    2JN B O   1 
HETATM 998  C  C   . 2JN B 2 4   ? -6.40703  6.00929   11.10511  1.000 53.01000 ?  3    2JN B C   1 
HETATM 999  C  CA  . 2JN B 2 4   ? -6.39638  7.53899   11.22746  1.000 54.37000 ?  3    2JN B CA  1 
HETATM 1000 C  CAA . 2JN B 2 4   ? -7.75835  8.04829   11.70241  1.000 56.35000 ?  3    2JN B CAA 1 
HETATM 1001 N  N   . 2JN B 2 4   ? -6.08972  8.16898   9.94234   1.000 53.38000 ?  3    2JN B N   1 
HETATM 1002 C  CAO . 2JN B 2 4   ? -5.36473  7.98089   12.27138  1.000 58.24000 ?  3    2JN B CAO 1 
HETATM 1003 C  CAM . 2JN B 2 4   ? -5.79849  7.79067   13.72719  1.000 58.61000 ?  3    2JN B CAM 1 
HETATM 1004 C  CAK . 2JN B 2 4   ? -4.60334  7.80489   14.68693  1.000 62.20000 ?  3    2JN B CAK 1 
HETATM 1005 C  CAI . 2JN B 2 4   ? -4.20999  6.39581   15.14231  1.000 60.46000 ?  3    2JN B CAI 1 
ATOM   1006 N  N   . GLU B 2 5   ? -7.16884  5.53797   10.11839  1.000 51.17000 ?  4    GLU B N   1 
ATOM   1007 C  CA  . GLU B 2 5   ? -7.28246  4.10991   9.84710   1.000 52.14000 ?  4    GLU B CA  1 
ATOM   1008 C  C   . GLU B 2 5   ? -5.91658  3.49874   9.56531   1.000 50.30000 ?  4    GLU B C   1 
ATOM   1009 O  O   . GLU B 2 5   ? -5.58039  2.42886   10.08936  1.000 50.37000 ?  4    GLU B O   1 
ATOM   1010 C  CB  . GLU B 2 5   ? -8.22759  3.87520   8.66636   1.000 52.15000 ?  4    GLU B CB  1 
ATOM   1011 C  CG  . GLU B 2 5   ? -8.13704  2.47987   8.04513   1.000 54.30000 ?  4    GLU B CG  1 
ATOM   1012 C  CD  . GLU B 2 5   ? -8.85999  1.41349   8.85707   1.000 63.60000 ?  4    GLU B CD  1 
ATOM   1013 O  OE1 . GLU B 2 5   ? -8.98760  1.57063   10.09189  1.000 64.42000 ?  4    GLU B OE1 1 
ATOM   1014 O  OE2 . GLU B 2 5   ? -9.30162  0.40833   8.25491   1.000 66.37000 -1 4    GLU B OE2 1 
ATOM   1015 N  N   . LEU B 2 6   ? -5.11801  4.16249   8.72699   1.000 47.66000 ?  5    LEU B N   1 
ATOM   1016 C  CA  . LEU B 2 6   ? -3.79168  3.64001   8.40914   1.000 47.11000 ?  5    LEU B CA  1 
ATOM   1017 C  C   . LEU B 2 6   ? -2.92487  3.55878   9.65844   1.000 46.83000 ?  5    LEU B C   1 
ATOM   1018 O  O   . LEU B 2 6   ? -2.27039  2.54183   9.90751   1.000 45.07000 ?  5    LEU B O   1 
ATOM   1019 C  CB  . LEU B 2 6   ? -3.12668  4.51844   7.35065   1.000 41.54000 ?  5    LEU B CB  1 
ATOM   1020 C  CG  . LEU B 2 6   ? -1.73624  4.11817   6.85677   1.000 39.58000 ?  5    LEU B CG  1 
ATOM   1021 C  CD1 . LEU B 2 6   ? -1.67083  2.64615   6.62790   1.000 36.55000 ?  5    LEU B CD1 1 
ATOM   1022 C  CD2 . LEU B 2 6   ? -1.43552  4.81873   5.57220   1.000 35.73000 ?  5    LEU B CD2 1 
ATOM   1023 N  N   . ASP B 2 7   ? -2.90737  4.63038   10.46058  1.000 48.08000 ?  6    ASP B N   1 
ATOM   1024 C  CA  . ASP B 2 7   ? -2.05841  4.63996   11.65037  1.000 50.40000 ?  6    ASP B CA  1 
ATOM   1025 C  C   . ASP B 2 7   ? -2.46364  3.55406   12.64589  1.000 48.82000 ?  6    ASP B C   1 
ATOM   1026 O  O   . ASP B 2 7   ? -1.60541  3.02761   13.36801  1.000 47.09000 ?  6    ASP B O   1 
ATOM   1027 C  CB  . ASP B 2 7   ? -2.08241  6.01847   12.31839  1.000 51.27000 ?  6    ASP B CB  1 
ATOM   1028 C  CG  . ASP B 2 7   ? -1.29881  7.06391   11.53129  1.000 55.20000 ?  6    ASP B CG  1 
ATOM   1029 O  OD1 . ASP B 2 7   ? -0.60037  6.69122   10.55619  1.000 60.64000 ?  6    ASP B OD1 1 
ATOM   1030 O  OD2 . ASP B 2 7   ? -1.38191  8.25897   11.88881  1.000 54.63000 -1 6    ASP B OD2 1 
ATOM   1031 N  N   . ARG B 2 8   ? -3.75541  3.19995   12.71000  1.000 48.56000 ?  7    ARG B N   1 
ATOM   1032 C  CA  . ARG B 2 8   ? -4.02563  2.09197   13.61864  1.000 50.20000 ?  7    ARG B CA  1 
ATOM   1033 C  C   . ARG B 2 8   ? -3.71419  0.74827   12.96173  1.000 48.33000 ?  7    ARG B C   1 
ATOM   1034 O  O   . ARG B 2 8   ? -3.23501  -0.17565  13.62643  1.000 49.54000 ?  7    ARG B O   1 
ATOM   1035 C  CB  . ARG B 2 8   ? -5.47045  2.12635   14.14067  1.000 57.82000 ?  7    ARG B CB  1 
ATOM   1036 C  CG  . ARG B 2 8   ? -5.68353  1.01434   15.15962  1.000 59.95000 ?  7    ARG B CG  1 
ATOM   1037 C  CD  . ARG B 2 8   ? -7.13558  0.65001   15.34290  1.000 67.91000 ?  7    ARG B CD  1 
ATOM   1038 N  NE  . ARG B 2 8   ? -7.89363  0.85877   14.11603  1.000 68.55000 ?  7    ARG B NE  1 
ATOM   1039 C  CZ  . ARG B 2 8   ? -8.55902  -0.09686  13.47653  1.000 70.79000 ?  7    ARG B CZ  1 
ATOM   1040 N  NH1 . ARG B 2 8   ? -8.56535  -1.33741  13.94693  1.000 69.63000 ?  7    ARG B NH1 1 
ATOM   1041 N  NH2 . ARG B 2 8   ? -9.21555  0.18333   12.36038  1.000 69.84000 ?  7    ARG B NH2 1 
ATOM   1042 N  N   . LEU B 2 9   ? -3.85381  0.62180   11.64330  1.000 46.39000 ?  8    LEU B N   1 
ATOM   1043 C  CA  . LEU B 2 9   ? -3.32099  -0.55345  10.95252  1.000 46.02000 ?  8    LEU B CA  1 
ATOM   1044 C  C   . LEU B 2 9   ? -1.82420  -0.73421  11.21796  1.000 45.88000 ?  8    LEU B C   1 
ATOM   1045 O  O   . LEU B 2 9   ? -1.32974  -1.86319  11.36891  1.000 42.93000 ?  8    LEU B O   1 
ATOM   1046 C  CB  . LEU B 2 9   ? -3.56949  -0.40579  9.45000   1.000 47.66000 ?  8    LEU B CB  1 
ATOM   1047 C  CG  . LEU B 2 9   ? -4.66887  -1.20849  8.75432   1.000 46.66000 ?  8    LEU B CG  1 
ATOM   1048 C  CD1 . LEU B 2 9   ? -4.69567  -0.88150  7.26512   1.000 41.56000 ?  8    LEU B CD1 1 
ATOM   1049 C  CD2 . LEU B 2 9   ? -4.45469  -2.68058  8.98758   1.000 45.48000 ?  8    LEU B CD2 1 
ATOM   1050 N  N   . LEU B 2 10  ? -1.08388  0.36857   11.25201  1.000 44.31000 ?  9    LEU B N   1 
ATOM   1051 C  CA  . LEU B 2 10  ? 0.36247   0.31351   11.37938  1.000 43.09000 ?  9    LEU B CA  1 
ATOM   1052 C  C   . LEU B 2 10  ? 0.79446   -0.12666  12.75750  1.000 42.97000 ?  9    LEU B C   1 
ATOM   1053 O  O   . LEU B 2 10  ? 1.81712   -0.77787  12.89982  1.000 40.48000 ?  9    LEU B O   1 
ATOM   1054 C  CB  . LEU B 2 10  ? 0.96596   1.67596   11.06310  1.000 42.46000 ?  9    LEU B CB  1 
ATOM   1055 C  CG  . LEU B 2 10  ? 1.03939   1.96232   9.57250   1.000 42.02000 ?  9    LEU B CG  1 
ATOM   1056 C  CD1 . LEU B 2 10  ? 1.89767   3.20826   9.31393   1.000 39.82000 ?  9    LEU B CD1 1 
ATOM   1057 C  CD2 . LEU B 2 10  ? 1.58368   0.72944   8.83244   1.000 39.42000 ?  9    LEU B CD2 1 
HETATM 1058 N  N   . UZA B 2 11  ? 0.03322   0.27079   13.77366  1.000 42.69000 ?  10   UZA B N   1 
HETATM 1059 C  CA  . UZA B 2 11  ? 0.26252   -0.16439  15.15534  1.000 46.04000 ?  10   UZA B CA  1 
HETATM 1060 C  C   . UZA B 2 11  ? 0.49472   -1.66338  15.24852  1.000 46.29000 ?  10   UZA B C   1 
HETATM 1061 O  O   . UZA B 2 11  ? 1.29532   -2.09488  16.04996  1.000 42.51000 ?  10   UZA B O   1 
HETATM 1062 C  CB1 . UZA B 2 11  ? 1.43899   0.62810   15.73962  1.000 43.47000 ?  10   UZA B CB1 1 
HETATM 1063 C  C05 . UZA B 2 11  ? -4.17326  6.26229   16.62788  1.000 62.35000 ?  10   UZA B C05 1 
HETATM 1064 C  C06 . UZA B 2 11  ? -3.11008  5.57225   17.47663  1.000 62.31000 ?  10   UZA B C06 1 
HETATM 1065 C  C07 . UZA B 2 11  ? -2.95093  4.11507   17.03158  1.000 57.59000 ?  10   UZA B C07 1 
HETATM 1066 C  C08 . UZA B 2 11  ? -2.50639  3.19112   17.90329  1.000 58.33000 ?  10   UZA B C08 1 
HETATM 1067 C  C09 . UZA B 2 11  ? -2.36032  1.74919   17.40819  1.000 51.62000 ?  10   UZA B C09 1 
HETATM 1068 C  C10 . UZA B 2 11  ? -1.18848  1.61613   16.42373  1.000 47.92000 ?  10   UZA B C10 1 
HETATM 1069 C  C11 . UZA B 2 11  ? -1.01149  0.11151   15.99075  1.000 48.67000 ?  10   UZA B C11 1 
ATOM   1070 N  N   . GLU B 2 12  ? -0.21259  -2.43815  14.42256  1.000 45.43000 ?  11   GLU B N   1 
ATOM   1071 C  CA  . GLU B 2 12  ? -0.12899  -3.90968  14.44671  1.000 48.05000 ?  11   GLU B CA  1 
ATOM   1072 C  C   . GLU B 2 12  ? 1.25579   -4.45746  14.10114  1.000 46.77000 ?  11   GLU B C   1 
ATOM   1073 O  O   . GLU B 2 12  ? 1.56962   -5.60655  14.40752  1.000 48.92000 ?  11   GLU B O   1 
ATOM   1074 C  CB  . GLU B 2 12  ? -1.13273  -4.51897  13.47274  1.000 51.54000 ?  11   GLU B CB  1 
ATOM   1075 C  CG  . GLU B 2 12  ? -2.57427  -4.08841  13.66327  1.000 55.57000 ?  11   GLU B CG  1 
ATOM   1076 C  CD  . GLU B 2 12  ? -3.52638  -4.94884  12.84966  1.000 58.87000 ?  11   GLU B CD  1 
ATOM   1077 O  OE1 . GLU B 2 12  ? -4.23039  -4.40503  11.96889  1.000 58.54000 ?  11   GLU B OE1 1 
ATOM   1078 O  OE2 . GLU B 2 12  ? -3.55288  -6.17606  13.08360  1.000 65.18000 -1 11   GLU B OE2 1 
ATOM   1079 N  N   . LEU B 2 13  ? 2.07811   -3.64786  13.43460  1.000 45.03000 ?  12   LEU B N   1 
ATOM   1080 C  CA  . LEU B 2 13  ? 3.40853   -4.09450  13.02412  1.000 46.07000 ?  12   LEU B CA  1 
ATOM   1081 C  C   . LEU B 2 13  ? 4.49145   -3.75696  14.04243  1.000 48.02000 ?  12   LEU B C   1 
ATOM   1082 O  O   . LEU B 2 13  ? 5.63917   -4.18694  13.87059  1.000 45.13000 ?  12   LEU B O   1 
ATOM   1083 C  CB  . LEU B 2 13  ? 3.77802   -3.48476  11.66356  1.000 40.04000 ?  12   LEU B CB  1 
ATOM   1084 C  CG  . LEU B 2 13  ? 2.89785   -3.87318  10.46934  1.000 39.20000 ?  12   LEU B CG  1 
ATOM   1085 C  CD1 . LEU B 2 13  ? 2.96772   -2.83397  9.33656   1.000 38.13000 ?  12   LEU B CD1 1 
ATOM   1086 C  CD2 . LEU B 2 13  ? 3.26329   -5.25388  9.95337   1.000 37.60000 ?  12   LEU B CD2 1 
ATOM   1087 N  N   . ASN B 2 14  ? 4.16484   -3.00047  15.08710  1.000 46.18000 ?  13   ASN B N   1 
ATOM   1088 C  CA  . ASN B 2 14  ? 5.12651   -2.69251  16.14294  1.000 48.72000 ?  13   ASN B CA  1 
ATOM   1089 C  C   . ASN B 2 14  ? 5.10604   -3.77390  17.21872  1.000 49.49000 ?  13   ASN B C   1 
ATOM   1090 O  O   . ASN B 2 14  ? 4.15733   -4.55524  17.30137  1.000 54.01000 ?  13   ASN B O   1 
ATOM   1091 C  CB  . ASN B 2 14  ? 4.82909   -1.33152  16.77557  1.000 45.58000 ?  13   ASN B CB  1 
ATOM   1092 C  CG  . ASN B 2 14  ? 5.29947   -0.17125  15.92103  1.000 46.96000 ?  13   ASN B CG  1 
ATOM   1093 O  OD1 . ASN B 2 14  ? 5.83617   -0.36301  14.82155  1.000 45.33000 ?  13   ASN B OD1 1 
ATOM   1094 N  ND2 . ASN B 2 14  ? 5.09168   1.04610   16.41867  1.000 42.85000 ?  13   ASN B ND2 1 
HETATM 1095 N  N   . NH2 B 2 15  ? 6.14773   -3.80714  18.04483  1.000 49.62000 ?  14   NH2 B N   1 
HETATM 1096 ZN ZN  . ZN  C 3 .   ? 13.20774  -0.47383  0.41886   1.000 30.69000 ?  1101 ZN  A ZN  1 
HETATM 1097 CL CL  . CL  D 4 .   ? 0.89676   -10.42097 -8.70119  1.000 29.22000 ?  1102 CL  A CL  1 
HETATM 1098 O  O   . HOH E 5 .   ? 9.36224   -19.56691 14.08722  1.000 49.62000 ?  1201 HOH A O   1 
HETATM 1099 O  O   . HOH E 5 .   ? 9.63644   -10.54762 10.89042  1.000 45.82000 ?  1202 HOH A O   1 
HETATM 1100 O  O   . HOH E 5 .   ? -8.94539  27.48592  -14.42757 1.000 45.84000 ?  1203 HOH A O   1 
HETATM 1101 O  O   . HOH E 5 .   ? -8.26779  2.84685   -7.19693  1.000 32.62000 ?  1204 HOH A O   1 
HETATM 1102 O  O   . HOH E 5 .   ? -7.70129  0.07923   -8.10097  1.000 40.25000 ?  1205 HOH A O   1 
HETATM 1103 O  O   . HOH E 5 .   ? -7.17798  -4.35176  -4.80554  1.000 39.21000 ?  1206 HOH A O   1 
HETATM 1104 O  O   . HOH E 5 .   ? -7.28246  16.72773  2.62959   1.000 34.72000 ?  1207 HOH A O   1 
HETATM 1105 O  O   . HOH E 5 .   ? -8.53617  -4.46443  -0.69060  1.000 39.23000 ?  1208 HOH A O   1 
HETATM 1106 O  O   . HOH E 5 .   ? 4.44577   15.51972  0.72951   1.000 47.94000 ?  1209 HOH A O   1 
HETATM 1107 O  O   . HOH E 5 .   ? 15.62394  -1.81374  -4.11218  1.000 39.76000 ?  1210 HOH A O   1 
HETATM 1108 O  O   . HOH E 5 .   ? 11.29939  2.83602   2.00511   1.000 36.83000 ?  1211 HOH A O   1 
HETATM 1109 O  O   . HOH E 5 .   ? 8.66679   2.46066   -7.97029  1.000 35.82000 ?  1212 HOH A O   1 
HETATM 1110 O  O   . HOH E 5 .   ? 9.82840   12.73475  -1.10340  1.000 53.07000 ?  1213 HOH A O   1 
HETATM 1111 O  O   . HOH E 5 .   ? -7.16661  11.05227  5.66271   1.000 43.55000 ?  1214 HOH A O   1 
HETATM 1112 O  O   . HOH E 5 .   ? -11.54334 21.22441  -16.19507 1.000 38.71000 ?  1215 HOH A O   1 
HETATM 1113 O  O   . HOH E 5 .   ? 13.26259  1.04006   -0.68724  1.000 31.73000 ?  1216 HOH A O   1 
HETATM 1114 O  O   . HOH E 5 .   ? -8.55412  -5.07867  4.54386   1.000 39.64000 ?  1217 HOH A O   1 
HETATM 1115 O  O   . HOH E 5 .   ? -15.90996 14.66879  -5.30581  1.000 28.32000 ?  1218 HOH A O   1 
HETATM 1116 O  O   . HOH E 5 .   ? -11.30004 5.49746   -9.59784  1.000 47.23000 ?  1219 HOH A O   1 
HETATM 1117 O  O   . HOH E 5 .   ? -5.66897  -20.05176 9.57382   1.000 49.15000 ?  1220 HOH A O   1 
HETATM 1118 O  O   . HOH E 5 .   ? -2.92435  0.66323   -11.63713 1.000 33.43000 ?  1221 HOH A O   1 
HETATM 1119 O  O   . HOH E 5 .   ? -17.74614 14.08541  -9.77861  1.000 36.23000 ?  1222 HOH A O   1 
HETATM 1120 O  O   . HOH E 5 .   ? 11.08757  -1.64485  8.32675   1.000 29.74000 ?  1223 HOH A O   1 
HETATM 1121 O  O   . HOH E 5 .   ? 5.80252   6.76127   -0.20292  1.000 27.52000 ?  1224 HOH A O   1 
HETATM 1122 O  O   . HOH E 5 .   ? -6.39262  2.94339   -5.12054  1.000 30.95000 ?  1225 HOH A O   1 
HETATM 1123 O  O   . HOH E 5 .   ? 8.93416   3.39426   4.00356   1.000 30.05000 ?  1226 HOH A O   1 
HETATM 1124 O  O   . HOH E 5 .   ? -3.65380  -6.10462  -0.70488  1.000 29.17000 ?  1227 HOH A O   1 
HETATM 1125 O  O   . HOH E 5 .   ? 0.67734   -4.83385  -12.50812 1.000 43.33000 ?  1228 HOH A O   1 
HETATM 1126 O  O   . HOH E 5 .   ? -12.55048 2.33612   -1.66692  1.000 34.45000 ?  1229 HOH A O   1 
HETATM 1127 O  O   . HOH E 5 .   ? -5.66457  -4.08494  -6.99746  1.000 40.57000 ?  1230 HOH A O   1 
HETATM 1128 O  O   . HOH E 5 .   ? 3.74018   -9.12370  -5.73495  1.000 37.56000 ?  1231 HOH A O   1 
HETATM 1129 O  O   . HOH E 5 .   ? -9.77706  12.38062  -11.31003 1.000 30.12000 ?  1232 HOH A O   1 
HETATM 1130 O  O   . HOH E 5 .   ? -7.18392  26.73479  -18.91277 1.000 34.89000 ?  1233 HOH A O   1 
HETATM 1131 O  O   . HOH E 5 .   ? -15.10907 12.36406  -7.40528  1.000 30.00000 ?  1234 HOH A O   1 
HETATM 1132 O  O   . HOH E 5 .   ? -14.13587 12.16551  -10.48677 1.000 43.20000 ?  1235 HOH A O   1 
HETATM 1133 O  O   . HOH E 5 .   ? -4.12332  -13.08532 9.39893   1.000 34.83000 ?  1236 HOH A O   1 
HETATM 1134 O  O   . HOH E 5 .   ? 2.85768   -24.76362 0.64758   1.000 49.99000 ?  1237 HOH A O   1 
HETATM 1135 O  O   . HOH E 5 .   ? -2.96762  21.12427  -12.33751 1.000 33.34000 ?  1238 HOH A O   1 
HETATM 1136 O  O   . HOH E 5 .   ? -1.50493  15.52254  5.46724   1.000 35.39000 ?  1239 HOH A O   1 
HETATM 1137 O  O   . HOH E 5 .   ? 3.79733   12.84989  3.58429   1.000 39.22000 ?  1240 HOH A O   1 
HETATM 1138 O  O   . HOH E 5 .   ? 11.18384  -0.71756  12.22871  1.000 45.75000 ?  1241 HOH A O   1 
HETATM 1139 O  O   . HOH E 5 .   ? -3.95491  -12.55202 -1.45433  1.000 32.83000 ?  1242 HOH A O   1 
HETATM 1140 O  O   . HOH E 5 .   ? -10.86303 14.11032  -12.83860 1.000 41.60000 ?  1243 HOH A O   1 
HETATM 1141 O  O   . HOH E 5 .   ? -11.87624 5.70214   -6.93549  1.000 39.27000 ?  1244 HOH A O   1 
HETATM 1142 O  O   . HOH E 5 .   ? 7.02905   13.19123  0.99236   1.000 49.09000 ?  1245 HOH A O   1 
HETATM 1143 O  O   . HOH E 5 .   ? -3.87722  9.56678   -15.62461 1.000 43.94000 ?  1246 HOH A O   1 
HETATM 1144 O  O   . HOH E 5 .   ? -14.60813 5.74788   0.64201   1.000 51.09000 ?  1247 HOH A O   1 
HETATM 1145 O  O   . HOH E 5 .   ? 2.03785   -20.90001 14.25523  1.000 44.08000 ?  1248 HOH A O   1 
HETATM 1146 O  O   . HOH E 5 .   ? -0.28987  8.96765   -14.25184 1.000 43.87000 ?  1249 HOH A O   1 
HETATM 1147 O  O   . HOH E 5 .   ? 9.05459   9.68975   -1.72643  1.000 38.92000 ?  1250 HOH A O   1 
HETATM 1148 O  O   . HOH E 5 .   ? 10.01755  -3.98068  1.49513   1.000 36.72000 ?  1251 HOH A O   1 
HETATM 1149 O  O   . HOH E 5 .   ? -14.16117 23.14910  -7.06221  1.000 44.83000 ?  1252 HOH A O   1 
HETATM 1150 O  O   . HOH E 5 .   ? -6.13075  27.65106  -15.28699 1.000 49.79000 ?  1253 HOH A O   1 
HETATM 1151 O  O   . HOH E 5 .   ? 1.92248   -11.17885 -6.80026  1.000 30.03000 ?  1254 HOH A O   1 
HETATM 1152 O  O   . HOH E 5 .   ? -5.69664  -7.43949  -1.47506  1.000 41.82000 ?  1255 HOH A O   1 
HETATM 1153 O  O   . HOH E 5 .   ? 0.55944   11.92368  -17.27093 1.000 40.03000 ?  1256 HOH A O   1 
HETATM 1154 O  O   . HOH E 5 .   ? -15.29848 20.85884  -9.48948  1.000 31.26000 ?  1257 HOH A O   1 
HETATM 1155 O  O   . HOH E 5 .   ? -7.14903  -19.10820 6.41608   1.000 50.98000 ?  1258 HOH A O   1 
HETATM 1156 O  O   . HOH E 5 .   ? 2.28434   12.58015  -12.60113 1.000 40.44000 ?  1259 HOH A O   1 
HETATM 1157 O  O   . HOH E 5 .   ? 8.86755   14.66573  -9.10979  1.000 49.96000 ?  1260 HOH A O   1 
HETATM 1158 O  O   . HOH E 5 .   ? 7.55436   9.93867   -15.11653 1.000 46.83000 ?  1261 HOH A O   1 
HETATM 1159 O  O   . HOH E 5 .   ? -2.60937  -6.92591  -8.47329  1.000 38.79000 ?  1262 HOH A O   1 
HETATM 1160 O  O   . HOH E 5 .   ? 11.00437  8.11722   -5.65091  1.000 41.78000 ?  1263 HOH A O   1 
HETATM 1161 O  O   . HOH E 5 .   ? 8.35827   6.00037   3.99091   1.000 34.27000 ?  1264 HOH A O   1 
HETATM 1162 O  O   . HOH E 5 .   ? -2.71354  -9.11614  -7.66752  1.000 42.17000 ?  1265 HOH A O   1 
HETATM 1163 O  O   . HOH E 5 .   ? 10.36753  9.20266   -7.95648  1.000 40.48000 ?  1266 HOH A O   1 
HETATM 1164 O  O   . HOH E 5 .   ? 9.66530   -4.51443  11.99059  1.000 40.97000 ?  1267 HOH A O   1 
HETATM 1165 O  O   . HOH E 5 .   ? -10.98421 3.19815   -5.88001  1.000 35.40000 ?  1268 HOH A O   1 
HETATM 1166 O  O   . HOH E 5 .   ? -3.09683  17.60760  5.33517   1.000 42.49000 ?  1269 HOH A O   1 
HETATM 1167 O  O   . HOH E 5 .   ? -18.82941 10.72917  1.03429   1.000 36.07000 ?  1270 HOH A O   1 
HETATM 1168 O  O   . HOH E 5 .   ? 10.90534  1.90752   10.77587  1.000 39.49000 ?  1271 HOH A O   1 
HETATM 1169 O  O   . HOH E 5 .   ? -13.87840 13.93486  -12.77854 1.000 43.41000 ?  1272 HOH A O   1 
HETATM 1170 O  O   . HOH E 5 .   ? 10.37541  0.94484   8.16340   1.000 32.88000 ?  1273 HOH A O   1 
HETATM 1171 O  O   . HOH E 5 .   ? -4.77244  -14.43408 -2.51177  1.000 42.02000 ?  1274 HOH A O   1 
HETATM 1172 O  O   . HOH E 5 .   ? -7.44165  -24.68362 8.94336   1.000 57.79000 ?  1275 HOH A O   1 
HETATM 1173 O  O   . HOH E 5 .   ? -17.42131 10.90080  -7.39173  1.000 41.33000 ?  1276 HOH A O   1 
HETATM 1174 O  O   . HOH E 5 .   ? 7.29984   12.10281  -13.58800 1.000 47.73000 ?  1277 HOH A O   1 
HETATM 1175 O  O   . HOH E 5 .   ? -12.97675 1.67119   -4.71462  1.000 43.61000 ?  1278 HOH A O   1 
HETATM 1176 O  O   . HOH E 5 .   ? 11.16610  1.67510   -8.38621  1.000 40.23000 ?  1279 HOH A O   1 
HETATM 1177 O  O   . HOH E 5 .   ? 11.59471  -2.63428  10.89174  1.000 37.51000 ?  1280 HOH A O   1 
HETATM 1178 O  O   . HOH E 5 .   ? -0.38551  20.59612  -13.56570 1.000 42.45000 ?  1281 HOH A O   1 
HETATM 1179 O  O   . HOH E 5 .   ? 10.58935  2.96961   6.46781   1.000 28.71000 ?  1282 HOH A O   1 
HETATM 1180 O  O   . HOH E 5 .   ? 18.13474  -17.16642 4.82612   1.000 63.63000 ?  1283 HOH A O   1 
HETATM 1181 O  O   . HOH E 5 .   ? -19.36576 12.18812  -6.44256  1.000 40.97000 ?  1284 HOH A O   1 
HETATM 1182 O  O   . HOH E 5 .   ? -12.34471 22.75532  -19.24046 1.000 42.72000 ?  1285 HOH A O   1 
HETATM 1183 O  O   . HOH F 5 .   ? 2.57333   -6.77941  16.58007  1.000 52.56000 ?  101  HOH B O   1 
HETATM 1184 O  O   . HOH F 5 .   ? 8.00579   -2.94015  14.04221  1.000 42.29000 ?  102  HOH B O   1 
HETATM 1185 O  O   . HOH F 5 .   ? 4.23771   0.47821   12.38228  1.000 43.41000 ?  103  HOH B O   1 
HETATM 1186 O  O   . HOH F 5 .   ? 3.55380   -6.92770  18.94211  1.000 51.63000 ?  104  HOH B O   1 
HETATM 1187 O  O   . HOH F 5 .   ? -3.20624  -6.15055  16.01696  1.000 63.79000 ?  105  HOH B O   1 
HETATM 1188 O  O   . HOH F 5 .   ? -4.74392  -6.10743  9.59802   1.000 46.65000 ?  106  HOH B O   1 
HETATM 1189 O  O   . HOH F 5 .   ? 2.28038   5.89561   11.68055  1.000 51.58000 ?  107  HOH B O   1 
# 
loop_
_pdbx_poly_seq_scheme.asym_id 
_pdbx_poly_seq_scheme.entity_id 
_pdbx_poly_seq_scheme.seq_id 
_pdbx_poly_seq_scheme.mon_id 
_pdbx_poly_seq_scheme.ndb_seq_num 
_pdbx_poly_seq_scheme.pdb_seq_num 
_pdbx_poly_seq_scheme.auth_seq_num 
_pdbx_poly_seq_scheme.pdb_mon_id 
_pdbx_poly_seq_scheme.auth_mon_id 
_pdbx_poly_seq_scheme.pdb_strand_id 
_pdbx_poly_seq_scheme.pdb_ins_code 
_pdbx_poly_seq_scheme.hetero 
A 1 1   ASP 1   922  922  ASP ASP A . n 
A 1 2   LYS 2   923  923  LYS LYS A . n 
A 1 3   VAL 3   924  924  VAL VAL A . n 
A 1 4   TYR 4   925  925  TYR TYR A . n 
A 1 5   GLU 5   926  926  GLU GLU A . n 
A 1 6   ASN 6   927  927  ASN ASN A . n 
A 1 7   VAL 7   928  928  VAL VAL A . n 
A 1 8   THR 8   929  929  THR THR A . n 
A 1 9   GLY 9   930  930  GLY GLY A . n 
A 1 10  LEU 10  931  931  LEU LEU A . n 
A 1 11  VAL 11  932  932  VAL VAL A . n 
A 1 12  LYS 12  933  933  LYS LYS A . n 
A 1 13  ALA 13  934  934  ALA ALA A . n 
A 1 14  VAL 14  935  935  VAL VAL A . n 
A 1 15  ILE 15  936  936  ILE ILE A . n 
A 1 16  GLU 16  937  937  GLU GLU A . n 
A 1 17  MET 17  938  938  MET MET A . n 
A 1 18  SER 18  939  939  SER SER A . n 
A 1 19  SER 19  940  940  SER SER A . n 
A 1 20  LYS 20  941  941  LYS LYS A . n 
A 1 21  ILE 21  942  942  ILE ILE A . n 
A 1 22  GLN 22  943  943  GLN GLN A . n 
A 1 23  PRO 23  944  944  PRO PRO A . n 
A 1 24  ALA 24  945  945  ALA ALA A . n 
A 1 25  PRO 25  946  946  PRO PRO A . n 
A 1 26  PRO 26  947  947  PRO PRO A . n 
A 1 27  GLU 27  948  948  GLU GLU A . n 
A 1 28  GLU 28  949  949  GLU GLU A . n 
A 1 29  TYR 29  950  950  TYR TYR A . n 
A 1 30  VAL 30  951  951  VAL VAL A . n 
A 1 31  PRO 31  952  952  PRO PRO A . n 
A 1 32  MET 32  953  953  MET MET A . n 
A 1 33  VAL 33  954  954  VAL VAL A . n 
A 1 34  LYS 34  955  955  LYS LYS A . n 
A 1 35  GLU 35  956  956  GLU GLU A . n 
A 1 36  VAL 36  957  957  VAL VAL A . n 
A 1 37  GLY 37  958  958  GLY GLY A . n 
A 1 38  LEU 38  959  959  LEU LEU A . n 
A 1 39  ALA 39  960  960  ALA ALA A . n 
A 1 40  LEU 40  961  961  LEU LEU A . n 
A 1 41  ARG 41  962  962  ARG ARG A . n 
A 1 42  THR 42  963  963  THR THR A . n 
A 1 43  LEU 43  964  964  LEU LEU A . n 
A 1 44  LEU 44  965  965  LEU LEU A . n 
A 1 45  ALA 45  966  966  ALA ALA A . n 
A 1 46  THR 46  967  967  THR THR A . n 
A 1 47  VAL 47  968  968  VAL VAL A . n 
A 1 48  ASP 48  969  969  ASP ASP A . n 
A 1 49  GLU 49  970  970  GLU GLU A . n 
A 1 50  THR 50  971  971  THR THR A . n 
A 1 51  ILE 51  972  972  ILE ILE A . n 
A 1 52  PRO 52  973  973  PRO PRO A . n 
A 1 53  LEU 53  974  974  LEU LEU A . n 
A 1 54  LEU 54  975  975  LEU LEU A . n 
A 1 55  PRO 55  976  976  PRO PRO A . n 
A 1 56  ALA 56  977  977  ALA ALA A . n 
A 1 57  SER 57  978  978  SER SER A . n 
A 1 58  THR 58  979  979  THR THR A . n 
A 1 59  HIS 59  980  980  HIS HIS A . n 
A 1 60  ARG 60  981  981  ARG ARG A . n 
A 1 61  GLU 61  982  982  GLU GLU A . n 
A 1 62  ILE 62  983  983  ILE ILE A . n 
A 1 63  GLU 63  984  984  GLU GLU A . n 
A 1 64  MET 64  985  985  MET MET A . n 
A 1 65  ALA 65  986  986  ALA ALA A . n 
A 1 66  GLN 66  987  987  GLN GLN A . n 
A 1 67  LYS 67  988  988  LYS LYS A . n 
A 1 68  LEU 68  989  989  LEU LEU A . n 
A 1 69  LEU 69  990  990  LEU LEU A . n 
A 1 70  ASN 70  991  991  ASN ASN A . n 
A 1 71  SER 71  992  992  SER SER A . n 
A 1 72  ASP 72  993  993  ASP ASP A . n 
A 1 73  LEU 73  994  994  LEU LEU A . n 
A 1 74  GLY 74  995  995  GLY GLY A . n 
A 1 75  GLU 75  996  996  GLU GLU A . n 
A 1 76  LEU 76  997  997  LEU LEU A . n 
A 1 77  ILE 77  998  998  ILE ILE A . n 
A 1 78  ASN 78  999  999  ASN ASN A . n 
A 1 79  LYS 79  1000 1000 LYS LYS A . n 
A 1 80  MET 80  1001 1001 MET MET A . n 
A 1 81  LYS 81  1002 1002 LYS LYS A . n 
A 1 82  LEU 82  1003 1003 LEU LEU A . n 
A 1 83  ALA 83  1004 1004 ALA ALA A . n 
A 1 84  GLN 84  1005 1005 GLN GLN A . n 
A 1 85  GLN 85  1006 1006 GLN GLN A . n 
A 1 86  TYR 86  1007 1007 TYR TYR A . n 
A 1 87  VAL 87  1008 1008 VAL VAL A . n 
A 1 88  MET 88  1009 1009 MET MET A . n 
A 1 89  THR 89  1010 1010 THR THR A . n 
A 1 90  SER 90  1011 1011 SER SER A . n 
A 1 91  LEU 91  1012 1012 LEU LEU A . n 
A 1 92  GLN 92  1013 1013 GLN GLN A . n 
A 1 93  GLN 93  1014 1014 GLN GLN A . n 
A 1 94  GLU 94  1015 1015 GLU GLU A . n 
A 1 95  TYR 95  1016 1016 TYR TYR A . n 
A 1 96  LYS 96  1017 1017 LYS LYS A . n 
A 1 97  LYS 97  1018 1018 LYS LYS A . n 
A 1 98  GLN 98  1019 1019 GLN GLN A . n 
A 1 99  MET 99  1020 1020 MET MET A . n 
A 1 100 LEU 100 1021 1021 LEU LEU A . n 
A 1 101 THR 101 1022 1022 THR THR A . n 
A 1 102 ALA 102 1023 1023 ALA ALA A . n 
A 1 103 ALA 103 1024 1024 ALA ALA A . n 
A 1 104 HIS 104 1025 1025 HIS HIS A . n 
A 1 105 ALA 105 1026 1026 ALA ALA A . n 
A 1 106 LEU 106 1027 1027 LEU LEU A . n 
A 1 107 ALA 107 1028 1028 ALA ALA A . n 
A 1 108 VAL 108 1029 1029 VAL VAL A . n 
A 1 109 ASP 109 1030 1030 ASP ASP A . n 
A 1 110 ALA 110 1031 1031 ALA ALA A . n 
A 1 111 LYS 111 1032 1032 LYS LYS A . n 
A 1 112 ASN 112 1033 1033 ASN ASN A . n 
A 1 113 LEU 113 1034 1034 LEU LEU A . n 
A 1 114 LEU 114 1035 1035 LEU LEU A . n 
A 1 115 ASP 115 1036 1036 ASP ASP A . n 
A 1 116 VAL 116 1037 1037 VAL VAL A . n 
A 1 117 ILE 117 1038 1038 ILE ILE A . n 
A 1 118 ASP 118 1039 1039 ASP ASP A . n 
A 1 119 GLN 119 1040 1040 GLN GLN A . n 
A 1 120 ALA 120 1041 1041 ALA ALA A . n 
A 1 121 ARG 121 1042 1042 ARG ARG A . n 
A 1 122 LEU 122 1043 1043 LEU LEU A . n 
A 1 123 LYS 123 1044 1044 LYS LYS A . n 
A 1 124 MET 124 1045 1045 MET MET A . n 
A 1 125 LEU 125 1046 1046 LEU LEU A . n 
A 1 126 GLY 126 1047 1047 GLY GLY A . n 
B 2 1   ACE 1   0    0    ACE ACE B . n 
B 2 2   ASN 2   1    1    ASN ASN B . n 
B 2 3   LEU 3   2    2    LEU LEU B . n 
B 2 4   2JN 4   3    3    2JN 6DT B . n 
B 2 5   GLU 5   4    4    GLU GLU B . n 
B 2 6   LEU 6   5    5    LEU LEU B . n 
B 2 7   ASP 7   6    6    ASP ASP B . n 
B 2 8   ARG 8   7    7    ARG ARG B . n 
B 2 9   LEU 9   8    8    LEU LEU B . n 
B 2 10  LEU 10  9    9    LEU LEU B . n 
B 2 11  UZA 11  10   10   UZA 9DT B . n 
B 2 12  GLU 12  11   11   GLU GLU B . n 
B 2 13  LEU 13  12   12   LEU LEU B . n 
B 2 14  ASN 14  13   13   ASN ASN B . n 
B 2 15  NH2 15  14   14   NH2 NH2 B . n 
# 
loop_
_pdbx_nonpoly_scheme.asym_id 
_pdbx_nonpoly_scheme.entity_id 
_pdbx_nonpoly_scheme.mon_id 
_pdbx_nonpoly_scheme.ndb_seq_num 
_pdbx_nonpoly_scheme.pdb_seq_num 
_pdbx_nonpoly_scheme.auth_seq_num 
_pdbx_nonpoly_scheme.pdb_mon_id 
_pdbx_nonpoly_scheme.auth_mon_id 
_pdbx_nonpoly_scheme.pdb_strand_id 
_pdbx_nonpoly_scheme.pdb_ins_code 
C 3 ZN  1  1101 9   ZN  ZN  A . 
D 4 CL  1  1102 1   CL  CL  A . 
E 5 HOH 1  1201 68  HOH HOH A . 
E 5 HOH 2  1202 59  HOH HOH A . 
E 5 HOH 3  1203 30  HOH HOH A . 
E 5 HOH 4  1204 52  HOH HOH A . 
E 5 HOH 5  1205 28  HOH HOH A . 
E 5 HOH 6  1206 7   HOH HOH A . 
E 5 HOH 7  1207 18  HOH HOH A . 
E 5 HOH 8  1208 70  HOH HOH A . 
E 5 HOH 9  1209 93  HOH HOH A . 
E 5 HOH 10 1210 39  HOH HOH A . 
E 5 HOH 11 1211 26  HOH HOH A . 
E 5 HOH 12 1212 71  HOH HOH A . 
E 5 HOH 13 1213 86  HOH HOH A . 
E 5 HOH 14 1214 33  HOH HOH A . 
E 5 HOH 15 1215 10  HOH HOH A . 
E 5 HOH 16 1216 51  HOH HOH A . 
E 5 HOH 17 1217 8   HOH HOH A . 
E 5 HOH 18 1218 23  HOH HOH A . 
E 5 HOH 19 1219 76  HOH HOH A . 
E 5 HOH 20 1220 105 HOH HOH A . 
E 5 HOH 21 1221 3   HOH HOH A . 
E 5 HOH 22 1222 97  HOH HOH A . 
E 5 HOH 23 1223 11  HOH HOH A . 
E 5 HOH 24 1224 5   HOH HOH A . 
E 5 HOH 25 1225 6   HOH HOH A . 
E 5 HOH 26 1226 55  HOH HOH A . 
E 5 HOH 27 1227 2   HOH HOH A . 
E 5 HOH 28 1228 48  HOH HOH A . 
E 5 HOH 29 1229 17  HOH HOH A . 
E 5 HOH 30 1230 42  HOH HOH A . 
E 5 HOH 31 1231 21  HOH HOH A . 
E 5 HOH 32 1232 9   HOH HOH A . 
E 5 HOH 33 1233 20  HOH HOH A . 
E 5 HOH 34 1234 110 HOH HOH A . 
E 5 HOH 35 1235 37  HOH HOH A . 
E 5 HOH 36 1236 34  HOH HOH A . 
E 5 HOH 37 1237 82  HOH HOH A . 
E 5 HOH 38 1238 12  HOH HOH A . 
E 5 HOH 39 1239 14  HOH HOH A . 
E 5 HOH 40 1240 19  HOH HOH A . 
E 5 HOH 41 1241 98  HOH HOH A . 
E 5 HOH 42 1242 40  HOH HOH A . 
E 5 HOH 43 1243 43  HOH HOH A . 
E 5 HOH 44 1244 38  HOH HOH A . 
E 5 HOH 45 1245 80  HOH HOH A . 
E 5 HOH 46 1246 87  HOH HOH A . 
E 5 HOH 47 1247 92  HOH HOH A . 
E 5 HOH 48 1248 96  HOH HOH A . 
E 5 HOH 49 1249 58  HOH HOH A . 
E 5 HOH 50 1250 1   HOH HOH A . 
E 5 HOH 51 1251 15  HOH HOH A . 
E 5 HOH 52 1252 72  HOH HOH A . 
E 5 HOH 53 1253 73  HOH HOH A . 
E 5 HOH 54 1254 66  HOH HOH A . 
E 5 HOH 55 1255 53  HOH HOH A . 
E 5 HOH 56 1256 81  HOH HOH A . 
E 5 HOH 57 1257 4   HOH HOH A . 
E 5 HOH 58 1258 99  HOH HOH A . 
E 5 HOH 59 1259 65  HOH HOH A . 
E 5 HOH 60 1260 91  HOH HOH A . 
E 5 HOH 61 1261 24  HOH HOH A . 
E 5 HOH 62 1262 45  HOH HOH A . 
E 5 HOH 63 1263 64  HOH HOH A . 
E 5 HOH 64 1264 56  HOH HOH A . 
E 5 HOH 65 1265 44  HOH HOH A . 
E 5 HOH 66 1266 63  HOH HOH A . 
E 5 HOH 67 1267 35  HOH HOH A . 
E 5 HOH 68 1268 31  HOH HOH A . 
E 5 HOH 69 1269 94  HOH HOH A . 
E 5 HOH 70 1270 49  HOH HOH A . 
E 5 HOH 71 1271 16  HOH HOH A . 
E 5 HOH 72 1272 77  HOH HOH A . 
E 5 HOH 73 1273 25  HOH HOH A . 
E 5 HOH 74 1274 41  HOH HOH A . 
E 5 HOH 75 1275 106 HOH HOH A . 
E 5 HOH 76 1276 67  HOH HOH A . 
E 5 HOH 77 1277 62  HOH HOH A . 
E 5 HOH 78 1278 22  HOH HOH A . 
E 5 HOH 79 1279 46  HOH HOH A . 
E 5 HOH 80 1280 27  HOH HOH A . 
E 5 HOH 81 1281 47  HOH HOH A . 
E 5 HOH 82 1282 29  HOH HOH A . 
E 5 HOH 83 1283 100 HOH HOH A . 
E 5 HOH 84 1284 83  HOH HOH A . 
E 5 HOH 85 1285 50  HOH HOH A . 
F 5 HOH 1  101  107 HOH HOH B . 
F 5 HOH 2  102  57  HOH HOH B . 
F 5 HOH 3  103  13  HOH HOH B . 
F 5 HOH 4  104  108 HOH HOH B . 
F 5 HOH 5  105  109 HOH HOH B . 
F 5 HOH 6  106  85  HOH HOH B . 
F 5 HOH 7  107  79  HOH HOH B . 
# 
_pdbx_struct_assembly.id                   1 
_pdbx_struct_assembly.details              author_and_software_defined_assembly 
_pdbx_struct_assembly.method_details       PISA 
_pdbx_struct_assembly.oligomeric_details   dimeric 
_pdbx_struct_assembly.oligomeric_count     2 
# 
_pdbx_struct_assembly_gen.assembly_id       1 
_pdbx_struct_assembly_gen.oper_expression   1 
_pdbx_struct_assembly_gen.asym_id_list      A,B,C,D,E,F 
# 
loop_
_pdbx_struct_assembly_prop.biol_id 
_pdbx_struct_assembly_prop.type 
_pdbx_struct_assembly_prop.value 
_pdbx_struct_assembly_prop.details 
1 'ABSA (A^2)' 1660 ? 
1 MORE         -36  ? 
1 'SSA (A^2)'  7560 ? 
# 
_pdbx_struct_oper_list.id                   1 
_pdbx_struct_oper_list.type                 'identity operation' 
_pdbx_struct_oper_list.name                 1_555 
_pdbx_struct_oper_list.symmetry_operation   x,y,z 
_pdbx_struct_oper_list.matrix[1][1]         1.0000000000 
_pdbx_struct_oper_list.matrix[1][2]         0.0000000000 
_pdbx_struct_oper_list.matrix[1][3]         0.0000000000 
_pdbx_struct_oper_list.vector[1]            0.0000000000 
_pdbx_struct_oper_list.matrix[2][1]         0.0000000000 
_pdbx_struct_oper_list.matrix[2][2]         1.0000000000 
_pdbx_struct_oper_list.matrix[2][3]         0.0000000000 
_pdbx_struct_oper_list.vector[2]            0.0000000000 
_pdbx_struct_oper_list.matrix[3][1]         0.0000000000 
_pdbx_struct_oper_list.matrix[3][2]         0.0000000000 
_pdbx_struct_oper_list.matrix[3][3]         1.0000000000 
_pdbx_struct_oper_list.vector[3]            0.0000000000 
# 
loop_
_pdbx_struct_conn_angle.id 
_pdbx_struct_conn_angle.ptnr1_label_atom_id 
_pdbx_struct_conn_angle.ptnr1_label_alt_id 
_pdbx_struct_conn_angle.ptnr1_label_asym_id 
_pdbx_struct_conn_angle.ptnr1_label_comp_id 
_pdbx_struct_conn_angle.ptnr1_label_seq_id 
_pdbx_struct_conn_angle.ptnr1_auth_atom_id 
_pdbx_struct_conn_angle.ptnr1_auth_asym_id 
_pdbx_struct_conn_angle.ptnr1_auth_comp_id 
_pdbx_struct_conn_angle.ptnr1_auth_seq_id 
_pdbx_struct_conn_angle.ptnr1_PDB_ins_code 
_pdbx_struct_conn_angle.ptnr1_symmetry 
_pdbx_struct_conn_angle.ptnr2_label_atom_id 
_pdbx_struct_conn_angle.ptnr2_label_alt_id 
_pdbx_struct_conn_angle.ptnr2_label_asym_id 
_pdbx_struct_conn_angle.ptnr2_label_comp_id 
_pdbx_struct_conn_angle.ptnr2_label_seq_id 
_pdbx_struct_conn_angle.ptnr2_auth_atom_id 
_pdbx_struct_conn_angle.ptnr2_auth_asym_id 
_pdbx_struct_conn_angle.ptnr2_auth_comp_id 
_pdbx_struct_conn_angle.ptnr2_auth_seq_id 
_pdbx_struct_conn_angle.ptnr2_PDB_ins_code 
_pdbx_struct_conn_angle.ptnr2_symmetry 
_pdbx_struct_conn_angle.ptnr3_label_atom_id 
_pdbx_struct_conn_angle.ptnr3_label_alt_id 
_pdbx_struct_conn_angle.ptnr3_label_asym_id 
_pdbx_struct_conn_angle.ptnr3_label_comp_id 
_pdbx_struct_conn_angle.ptnr3_label_seq_id 
_pdbx_struct_conn_angle.ptnr3_auth_atom_id 
_pdbx_struct_conn_angle.ptnr3_auth_asym_id 
_pdbx_struct_conn_angle.ptnr3_auth_comp_id 
_pdbx_struct_conn_angle.ptnr3_auth_seq_id 
_pdbx_struct_conn_angle.ptnr3_PDB_ins_code 
_pdbx_struct_conn_angle.ptnr3_symmetry 
_pdbx_struct_conn_angle.value 
_pdbx_struct_conn_angle.value_esd 
1 OE1 ? A GLU 16 ? A GLU 937 ? 1_555 ZN ? C ZN . ? A ZN 1101 ? 1_555 OE2 ? A GLU 35 ? A GLU 956  ? 1_555 121.4 ? 
2 OE1 ? A GLU 16 ? A GLU 937 ? 1_555 ZN ? C ZN . ? A ZN 1101 ? 1_555 ND1 ? A HIS 59 ? A HIS 980  ? 1_555 104.8 ? 
3 OE2 ? A GLU 35 ? A GLU 956 ? 1_555 ZN ? C ZN . ? A ZN 1101 ? 1_555 ND1 ? A HIS 59 ? A HIS 980  ? 1_555 41.8  ? 
4 OE1 ? A GLU 16 ? A GLU 937 ? 1_555 ZN ? C ZN . ? A ZN 1101 ? 1_555 O   ? E HOH .  ? A HOH 1216 ? 1_555 112.6 ? 
5 OE2 ? A GLU 35 ? A GLU 956 ? 1_555 ZN ? C ZN . ? A ZN 1101 ? 1_555 O   ? E HOH .  ? A HOH 1216 ? 1_555 90.6  ? 
6 ND1 ? A HIS 59 ? A HIS 980 ? 1_555 ZN ? C ZN . ? A ZN 1101 ? 1_555 O   ? E HOH .  ? A HOH 1216 ? 1_555 60.1  ? 
# 
loop_
_pdbx_audit_revision_history.ordinal 
_pdbx_audit_revision_history.data_content_type 
_pdbx_audit_revision_history.major_revision 
_pdbx_audit_revision_history.minor_revision 
_pdbx_audit_revision_history.revision_date 
1 'Structure model' 1 0 2020-07-22 
2 'Structure model' 1 1 2023-10-11 
3 'Structure model' 2 0 2023-11-15 
# 
_pdbx_audit_revision_details.ordinal             1 
_pdbx_audit_revision_details.revision_ordinal    1 
_pdbx_audit_revision_details.data_content_type   'Structure model' 
_pdbx_audit_revision_details.provider            repository 
_pdbx_audit_revision_details.type                'Initial release' 
_pdbx_audit_revision_details.description         ? 
_pdbx_audit_revision_details.details             ? 
# 
loop_
_pdbx_audit_revision_group.ordinal 
_pdbx_audit_revision_group.revision_ordinal 
_pdbx_audit_revision_group.data_content_type 
_pdbx_audit_revision_group.group 
1 2 'Structure model' 'Data collection'        
2 2 'Structure model' 'Database references'    
3 2 'Structure model' 'Derived calculations'   
4 2 'Structure model' 'Refinement description' 
5 3 'Structure model' 'Atomic model'           
6 3 'Structure model' 'Data collection'        
7 3 'Structure model' 'Derived calculations'   
# 
loop_
_pdbx_audit_revision_category.ordinal 
_pdbx_audit_revision_category.revision_ordinal 
_pdbx_audit_revision_category.data_content_type 
_pdbx_audit_revision_category.category 
1  2 'Structure model' chem_comp_atom                
2  2 'Structure model' chem_comp_bond                
3  2 'Structure model' database_2                    
4  2 'Structure model' pdbx_initial_refinement_model 
5  2 'Structure model' pdbx_struct_conn_angle        
6  2 'Structure model' struct_conn                   
7  2 'Structure model' struct_conn_type              
8  3 'Structure model' atom_site                     
9  3 'Structure model' chem_comp_atom                
10 3 'Structure model' chem_comp_bond                
11 3 'Structure model' struct_conn                   
# 
loop_
_pdbx_audit_revision_item.ordinal 
_pdbx_audit_revision_item.revision_ordinal 
_pdbx_audit_revision_item.data_content_type 
_pdbx_audit_revision_item.item 
1  2 'Structure model' '_database_2.pdbx_DOI'                        
2  2 'Structure model' '_database_2.pdbx_database_accession'         
3  2 'Structure model' '_pdbx_struct_conn_angle.ptnr1_auth_comp_id'  
4  2 'Structure model' '_pdbx_struct_conn_angle.ptnr1_auth_seq_id'   
5  2 'Structure model' '_pdbx_struct_conn_angle.ptnr1_label_asym_id' 
6  2 'Structure model' '_pdbx_struct_conn_angle.ptnr1_label_atom_id' 
7  2 'Structure model' '_pdbx_struct_conn_angle.ptnr1_label_comp_id' 
8  2 'Structure model' '_pdbx_struct_conn_angle.ptnr1_label_seq_id'  
9  2 'Structure model' '_pdbx_struct_conn_angle.ptnr3_auth_comp_id'  
10 2 'Structure model' '_pdbx_struct_conn_angle.ptnr3_auth_seq_id'   
11 2 'Structure model' '_pdbx_struct_conn_angle.ptnr3_label_asym_id' 
12 2 'Structure model' '_pdbx_struct_conn_angle.ptnr3_label_atom_id' 
13 2 'Structure model' '_pdbx_struct_conn_angle.ptnr3_label_comp_id' 
14 2 'Structure model' '_pdbx_struct_conn_angle.ptnr3_label_seq_id'  
15 2 'Structure model' '_pdbx_struct_conn_angle.value'               
16 2 'Structure model' '_struct_conn.conn_type_id'                   
17 2 'Structure model' '_struct_conn.id'                             
18 2 'Structure model' '_struct_conn.pdbx_dist_value'                
19 2 'Structure model' '_struct_conn.pdbx_leaving_atom_flag'         
20 2 'Structure model' '_struct_conn.ptnr1_auth_asym_id'             
21 2 'Structure model' '_struct_conn.ptnr1_auth_comp_id'             
22 2 'Structure model' '_struct_conn.ptnr1_auth_seq_id'              
23 2 'Structure model' '_struct_conn.ptnr1_label_asym_id'            
24 2 'Structure model' '_struct_conn.ptnr1_label_atom_id'            
25 2 'Structure model' '_struct_conn.ptnr1_label_comp_id'            
26 2 'Structure model' '_struct_conn.ptnr1_label_seq_id'             
27 2 'Structure model' '_struct_conn.ptnr2_auth_asym_id'             
28 2 'Structure model' '_struct_conn.ptnr2_auth_comp_id'             
29 2 'Structure model' '_struct_conn.ptnr2_auth_seq_id'              
30 2 'Structure model' '_struct_conn.ptnr2_label_asym_id'            
31 2 'Structure model' '_struct_conn.ptnr2_label_atom_id'            
32 2 'Structure model' '_struct_conn.ptnr2_label_comp_id'            
33 2 'Structure model' '_struct_conn.ptnr2_label_seq_id'             
34 2 'Structure model' '_struct_conn.ptnr2_symmetry'                 
35 2 'Structure model' '_struct_conn_type.id'                        
36 3 'Structure model' '_atom_site.auth_atom_id'                     
37 3 'Structure model' '_atom_site.label_atom_id'                    
38 3 'Structure model' '_chem_comp_atom.atom_id'                     
39 3 'Structure model' '_chem_comp_bond.atom_id_1'                   
40 3 'Structure model' '_chem_comp_bond.atom_id_2'                   
41 3 'Structure model' '_struct_conn.pdbx_leaving_atom_flag'         
42 3 'Structure model' '_struct_conn.ptnr1_label_atom_id'            
43 3 'Structure model' '_struct_conn.ptnr2_label_atom_id'            
# 
loop_
_space_group_symop.id 
_space_group_symop.operation_xyz 
1 x,y,z           
2 x+1/2,-y+1/2,-z 
3 -x,y+1/2,-z+1/2 
4 -x+1/2,-y,z+1/2 
# 
loop_
_software.citation_id 
_software.classification 
_software.compiler_name 
_software.compiler_version 
_software.contact_author 
_software.contact_author_email 
_software.date 
_software.description 
_software.dependencies 
_software.hardware 
_software.language 
_software.location 
_software.mods 
_software.name 
_software.os 
_software.os_version 
_software.type 
_software.version 
_software.pdbx_ordinal 
? refinement       ? ? ? ? ? ? ? ? ? ? ? PHENIX  ? ? ? 1.14_3260 1 
? refinement       ? ? ? ? ? ? ? ? ? ? ? PHENIX  ? ? ? 1.14_3260 2 
? 'data reduction' ? ? ? ? ? ? ? ? ? ? ? XDS     ? ? ? .         3 
? 'data scaling'   ? ? ? ? ? ? ? ? ? ? ? Aimless ? ? ? .         4 
? phasing          ? ? ? ? ? ? ? ? ? ? ? PHASER  ? ? ? .         5 
# 
_pdbx_entry_details.entry_id                 6PW8 
_pdbx_entry_details.nonpolymer_details       ? 
_pdbx_entry_details.sequence_details         ? 
_pdbx_entry_details.compound_details         ? 
_pdbx_entry_details.source_details           ? 
_pdbx_entry_details.has_ligand_of_interest   Y 
# 
loop_
_chem_comp_atom.comp_id 
_chem_comp_atom.atom_id 
_chem_comp_atom.type_symbol 
_chem_comp_atom.pdbx_aromatic_flag 
_chem_comp_atom.pdbx_stereo_config 
_chem_comp_atom.pdbx_ordinal 
2JN O    O  N N 1   
2JN C    C  N N 2   
2JN CA   C  N R 3   
2JN CAA  C  N N 4   
2JN N    N  N N 5   
2JN CAO  C  N N 6   
2JN CAM  C  N N 7   
2JN CAK  C  N N 8   
2JN CAI  C  N N 9   
2JN OXT  O  N N 10  
2JN H1   H  N N 11  
2JN H4   H  N N 12  
2JN H3   H  N N 13  
2JN H    H  N N 14  
2JN H2   H  N N 15  
2JN H7   H  N N 16  
2JN H8   H  N N 17  
2JN H9   H  N N 18  
2JN H10  H  N N 19  
2JN H11  H  N N 20  
2JN H12  H  N N 21  
2JN H13  H  N N 22  
2JN H14  H  N N 23  
2JN H15  H  N N 24  
2JN HXT  H  N N 25  
ACE C    C  N N 26  
ACE O    O  N N 27  
ACE CH3  C  N N 28  
ACE H    H  N N 29  
ACE H1   H  N N 30  
ACE H2   H  N N 31  
ACE H3   H  N N 32  
ALA N    N  N N 33  
ALA CA   C  N S 34  
ALA C    C  N N 35  
ALA O    O  N N 36  
ALA CB   C  N N 37  
ALA OXT  O  N N 38  
ALA H    H  N N 39  
ALA H2   H  N N 40  
ALA HA   H  N N 41  
ALA HB1  H  N N 42  
ALA HB2  H  N N 43  
ALA HB3  H  N N 44  
ALA HXT  H  N N 45  
ARG N    N  N N 46  
ARG CA   C  N S 47  
ARG C    C  N N 48  
ARG O    O  N N 49  
ARG CB   C  N N 50  
ARG CG   C  N N 51  
ARG CD   C  N N 52  
ARG NE   N  N N 53  
ARG CZ   C  N N 54  
ARG NH1  N  N N 55  
ARG NH2  N  N N 56  
ARG OXT  O  N N 57  
ARG H    H  N N 58  
ARG H2   H  N N 59  
ARG HA   H  N N 60  
ARG HB2  H  N N 61  
ARG HB3  H  N N 62  
ARG HG2  H  N N 63  
ARG HG3  H  N N 64  
ARG HD2  H  N N 65  
ARG HD3  H  N N 66  
ARG HE   H  N N 67  
ARG HH11 H  N N 68  
ARG HH12 H  N N 69  
ARG HH21 H  N N 70  
ARG HH22 H  N N 71  
ARG HXT  H  N N 72  
ASN N    N  N N 73  
ASN CA   C  N S 74  
ASN C    C  N N 75  
ASN O    O  N N 76  
ASN CB   C  N N 77  
ASN CG   C  N N 78  
ASN OD1  O  N N 79  
ASN ND2  N  N N 80  
ASN OXT  O  N N 81  
ASN H    H  N N 82  
ASN H2   H  N N 83  
ASN HA   H  N N 84  
ASN HB2  H  N N 85  
ASN HB3  H  N N 86  
ASN HD21 H  N N 87  
ASN HD22 H  N N 88  
ASN HXT  H  N N 89  
ASP N    N  N N 90  
ASP CA   C  N S 91  
ASP C    C  N N 92  
ASP O    O  N N 93  
ASP CB   C  N N 94  
ASP CG   C  N N 95  
ASP OD1  O  N N 96  
ASP OD2  O  N N 97  
ASP OXT  O  N N 98  
ASP H    H  N N 99  
ASP H2   H  N N 100 
ASP HA   H  N N 101 
ASP HB2  H  N N 102 
ASP HB3  H  N N 103 
ASP HD2  H  N N 104 
ASP HXT  H  N N 105 
CL  CL   CL N N 106 
GLN N    N  N N 107 
GLN CA   C  N S 108 
GLN C    C  N N 109 
GLN O    O  N N 110 
GLN CB   C  N N 111 
GLN CG   C  N N 112 
GLN CD   C  N N 113 
GLN OE1  O  N N 114 
GLN NE2  N  N N 115 
GLN OXT  O  N N 116 
GLN H    H  N N 117 
GLN H2   H  N N 118 
GLN HA   H  N N 119 
GLN HB2  H  N N 120 
GLN HB3  H  N N 121 
GLN HG2  H  N N 122 
GLN HG3  H  N N 123 
GLN HE21 H  N N 124 
GLN HE22 H  N N 125 
GLN HXT  H  N N 126 
GLU N    N  N N 127 
GLU CA   C  N S 128 
GLU C    C  N N 129 
GLU O    O  N N 130 
GLU CB   C  N N 131 
GLU CG   C  N N 132 
GLU CD   C  N N 133 
GLU OE1  O  N N 134 
GLU OE2  O  N N 135 
GLU OXT  O  N N 136 
GLU H    H  N N 137 
GLU H2   H  N N 138 
GLU HA   H  N N 139 
GLU HB2  H  N N 140 
GLU HB3  H  N N 141 
GLU HG2  H  N N 142 
GLU HG3  H  N N 143 
GLU HE2  H  N N 144 
GLU HXT  H  N N 145 
GLY N    N  N N 146 
GLY CA   C  N N 147 
GLY C    C  N N 148 
GLY O    O  N N 149 
GLY OXT  O  N N 150 
GLY H    H  N N 151 
GLY H2   H  N N 152 
GLY HA2  H  N N 153 
GLY HA3  H  N N 154 
GLY HXT  H  N N 155 
HIS N    N  N N 156 
HIS CA   C  N S 157 
HIS C    C  N N 158 
HIS O    O  N N 159 
HIS CB   C  N N 160 
HIS CG   C  Y N 161 
HIS ND1  N  Y N 162 
HIS CD2  C  Y N 163 
HIS CE1  C  Y N 164 
HIS NE2  N  Y N 165 
HIS OXT  O  N N 166 
HIS H    H  N N 167 
HIS H2   H  N N 168 
HIS HA   H  N N 169 
HIS HB2  H  N N 170 
HIS HB3  H  N N 171 
HIS HD1  H  N N 172 
HIS HD2  H  N N 173 
HIS HE1  H  N N 174 
HIS HE2  H  N N 175 
HIS HXT  H  N N 176 
HOH O    O  N N 177 
HOH H1   H  N N 178 
HOH H2   H  N N 179 
ILE N    N  N N 180 
ILE CA   C  N S 181 
ILE C    C  N N 182 
ILE O    O  N N 183 
ILE CB   C  N S 184 
ILE CG1  C  N N 185 
ILE CG2  C  N N 186 
ILE CD1  C  N N 187 
ILE OXT  O  N N 188 
ILE H    H  N N 189 
ILE H2   H  N N 190 
ILE HA   H  N N 191 
ILE HB   H  N N 192 
ILE HG12 H  N N 193 
ILE HG13 H  N N 194 
ILE HG21 H  N N 195 
ILE HG22 H  N N 196 
ILE HG23 H  N N 197 
ILE HD11 H  N N 198 
ILE HD12 H  N N 199 
ILE HD13 H  N N 200 
ILE HXT  H  N N 201 
LEU N    N  N N 202 
LEU CA   C  N S 203 
LEU C    C  N N 204 
LEU O    O  N N 205 
LEU CB   C  N N 206 
LEU CG   C  N N 207 
LEU CD1  C  N N 208 
LEU CD2  C  N N 209 
LEU OXT  O  N N 210 
LEU H    H  N N 211 
LEU H2   H  N N 212 
LEU HA   H  N N 213 
LEU HB2  H  N N 214 
LEU HB3  H  N N 215 
LEU HG   H  N N 216 
LEU HD11 H  N N 217 
LEU HD12 H  N N 218 
LEU HD13 H  N N 219 
LEU HD21 H  N N 220 
LEU HD22 H  N N 221 
LEU HD23 H  N N 222 
LEU HXT  H  N N 223 
LYS N    N  N N 224 
LYS CA   C  N S 225 
LYS C    C  N N 226 
LYS O    O  N N 227 
LYS CB   C  N N 228 
LYS CG   C  N N 229 
LYS CD   C  N N 230 
LYS CE   C  N N 231 
LYS NZ   N  N N 232 
LYS OXT  O  N N 233 
LYS H    H  N N 234 
LYS H2   H  N N 235 
LYS HA   H  N N 236 
LYS HB2  H  N N 237 
LYS HB3  H  N N 238 
LYS HG2  H  N N 239 
LYS HG3  H  N N 240 
LYS HD2  H  N N 241 
LYS HD3  H  N N 242 
LYS HE2  H  N N 243 
LYS HE3  H  N N 244 
LYS HZ1  H  N N 245 
LYS HZ2  H  N N 246 
LYS HZ3  H  N N 247 
LYS HXT  H  N N 248 
MET N    N  N N 249 
MET CA   C  N S 250 
MET C    C  N N 251 
MET O    O  N N 252 
MET CB   C  N N 253 
MET CG   C  N N 254 
MET SD   S  N N 255 
MET CE   C  N N 256 
MET OXT  O  N N 257 
MET H    H  N N 258 
MET H2   H  N N 259 
MET HA   H  N N 260 
MET HB2  H  N N 261 
MET HB3  H  N N 262 
MET HG2  H  N N 263 
MET HG3  H  N N 264 
MET HE1  H  N N 265 
MET HE2  H  N N 266 
MET HE3  H  N N 267 
MET HXT  H  N N 268 
NH2 N    N  N N 269 
NH2 HN1  H  N N 270 
NH2 HN2  H  N N 271 
PRO N    N  N N 272 
PRO CA   C  N S 273 
PRO C    C  N N 274 
PRO O    O  N N 275 
PRO CB   C  N N 276 
PRO CG   C  N N 277 
PRO CD   C  N N 278 
PRO OXT  O  N N 279 
PRO H    H  N N 280 
PRO HA   H  N N 281 
PRO HB2  H  N N 282 
PRO HB3  H  N N 283 
PRO HG2  H  N N 284 
PRO HG3  H  N N 285 
PRO HD2  H  N N 286 
PRO HD3  H  N N 287 
PRO HXT  H  N N 288 
SER N    N  N N 289 
SER CA   C  N S 290 
SER C    C  N N 291 
SER O    O  N N 292 
SER CB   C  N N 293 
SER OG   O  N N 294 
SER OXT  O  N N 295 
SER H    H  N N 296 
SER H2   H  N N 297 
SER HA   H  N N 298 
SER HB2  H  N N 299 
SER HB3  H  N N 300 
SER HG   H  N N 301 
SER HXT  H  N N 302 
THR N    N  N N 303 
THR CA   C  N S 304 
THR C    C  N N 305 
THR O    O  N N 306 
THR CB   C  N R 307 
THR OG1  O  N N 308 
THR CG2  C  N N 309 
THR OXT  O  N N 310 
THR H    H  N N 311 
THR H2   H  N N 312 
THR HA   H  N N 313 
THR HB   H  N N 314 
THR HG1  H  N N 315 
THR HG21 H  N N 316 
THR HG22 H  N N 317 
THR HG23 H  N N 318 
THR HXT  H  N N 319 
TYR N    N  N N 320 
TYR CA   C  N S 321 
TYR C    C  N N 322 
TYR O    O  N N 323 
TYR CB   C  N N 324 
TYR CG   C  Y N 325 
TYR CD1  C  Y N 326 
TYR CD2  C  Y N 327 
TYR CE1  C  Y N 328 
TYR CE2  C  Y N 329 
TYR CZ   C  Y N 330 
TYR OH   O  N N 331 
TYR OXT  O  N N 332 
TYR H    H  N N 333 
TYR H2   H  N N 334 
TYR HA   H  N N 335 
TYR HB2  H  N N 336 
TYR HB3  H  N N 337 
TYR HD1  H  N N 338 
TYR HD2  H  N N 339 
TYR HE1  H  N N 340 
TYR HE2  H  N N 341 
TYR HH   H  N N 342 
TYR HXT  H  N N 343 
UZA N    N  N N 344 
UZA CA   C  N S 345 
UZA C    C  N N 346 
UZA O    O  N N 347 
UZA CB1  C  N N 348 
UZA C05  C  N N 349 
UZA C06  C  N N 350 
UZA C07  C  N N 351 
UZA C08  C  N N 352 
UZA C09  C  N N 353 
UZA C10  C  N N 354 
UZA C11  C  N N 355 
UZA OXT  O  N N 356 
UZA H    H  N N 357 
UZA H2   H  N N 358 
UZA H4   H  N N 359 
UZA H5   H  N N 360 
UZA H6   H  N N 361 
UZA H7   H  N N 362 
UZA H8   H  N N 363 
UZA H9   H  N N 364 
UZA H10  H  N N 365 
UZA H11  H  N N 366 
UZA H12  H  N N 367 
UZA H13  H  N N 368 
UZA H14  H  N N 369 
UZA H15  H  N N 370 
UZA H16  H  N N 371 
UZA H17  H  N N 372 
UZA H18  H  N N 373 
UZA H19  H  N N 374 
UZA HXT  H  N N 375 
VAL N    N  N N 376 
VAL CA   C  N S 377 
VAL C    C  N N 378 
VAL O    O  N N 379 
VAL CB   C  N N 380 
VAL CG1  C  N N 381 
VAL CG2  C  N N 382 
VAL OXT  O  N N 383 
VAL H    H  N N 384 
VAL H2   H  N N 385 
VAL HA   H  N N 386 
VAL HB   H  N N 387 
VAL HG11 H  N N 388 
VAL HG12 H  N N 389 
VAL HG13 H  N N 390 
VAL HG21 H  N N 391 
VAL HG22 H  N N 392 
VAL HG23 H  N N 393 
VAL HXT  H  N N 394 
ZN  ZN   ZN N N 395 
# 
loop_
_chem_comp_bond.comp_id 
_chem_comp_bond.atom_id_1 
_chem_comp_bond.atom_id_2 
_chem_comp_bond.value_order 
_chem_comp_bond.pdbx_aromatic_flag 
_chem_comp_bond.pdbx_stereo_config 
_chem_comp_bond.pdbx_ordinal 
2JN C   O    doub N N 1   
2JN C   CA   sing N N 2   
2JN CAA CA   sing N N 3   
2JN CA  N    sing N N 4   
2JN CA  CAO  sing N N 5   
2JN CAO CAM  sing N N 6   
2JN CAM CAK  sing N N 7   
2JN CAK CAI  sing N N 8   
2JN C   OXT  sing N N 9   
2JN CAA H1   sing N N 10  
2JN CAA H4   sing N N 11  
2JN CAA H3   sing N N 12  
2JN N   H    sing N N 13  
2JN N   H2   sing N N 14  
2JN CAO H7   sing N N 15  
2JN CAO H8   sing N N 16  
2JN CAM H9   sing N N 17  
2JN CAM H10  sing N N 18  
2JN CAK H11  sing N N 19  
2JN CAK H12  sing N N 20  
2JN CAI H13  sing N N 21  
2JN CAI H14  sing N N 22  
2JN CAI H15  sing N N 23  
2JN OXT HXT  sing N N 24  
ACE C   O    doub N N 25  
ACE C   CH3  sing N N 26  
ACE C   H    sing N N 27  
ACE CH3 H1   sing N N 28  
ACE CH3 H2   sing N N 29  
ACE CH3 H3   sing N N 30  
ALA N   CA   sing N N 31  
ALA N   H    sing N N 32  
ALA N   H2   sing N N 33  
ALA CA  C    sing N N 34  
ALA CA  CB   sing N N 35  
ALA CA  HA   sing N N 36  
ALA C   O    doub N N 37  
ALA C   OXT  sing N N 38  
ALA CB  HB1  sing N N 39  
ALA CB  HB2  sing N N 40  
ALA CB  HB3  sing N N 41  
ALA OXT HXT  sing N N 42  
ARG N   CA   sing N N 43  
ARG N   H    sing N N 44  
ARG N   H2   sing N N 45  
ARG CA  C    sing N N 46  
ARG CA  CB   sing N N 47  
ARG CA  HA   sing N N 48  
ARG C   O    doub N N 49  
ARG C   OXT  sing N N 50  
ARG CB  CG   sing N N 51  
ARG CB  HB2  sing N N 52  
ARG CB  HB3  sing N N 53  
ARG CG  CD   sing N N 54  
ARG CG  HG2  sing N N 55  
ARG CG  HG3  sing N N 56  
ARG CD  NE   sing N N 57  
ARG CD  HD2  sing N N 58  
ARG CD  HD3  sing N N 59  
ARG NE  CZ   sing N N 60  
ARG NE  HE   sing N N 61  
ARG CZ  NH1  sing N N 62  
ARG CZ  NH2  doub N N 63  
ARG NH1 HH11 sing N N 64  
ARG NH1 HH12 sing N N 65  
ARG NH2 HH21 sing N N 66  
ARG NH2 HH22 sing N N 67  
ARG OXT HXT  sing N N 68  
ASN N   CA   sing N N 69  
ASN N   H    sing N N 70  
ASN N   H2   sing N N 71  
ASN CA  C    sing N N 72  
ASN CA  CB   sing N N 73  
ASN CA  HA   sing N N 74  
ASN C   O    doub N N 75  
ASN C   OXT  sing N N 76  
ASN CB  CG   sing N N 77  
ASN CB  HB2  sing N N 78  
ASN CB  HB3  sing N N 79  
ASN CG  OD1  doub N N 80  
ASN CG  ND2  sing N N 81  
ASN ND2 HD21 sing N N 82  
ASN ND2 HD22 sing N N 83  
ASN OXT HXT  sing N N 84  
ASP N   CA   sing N N 85  
ASP N   H    sing N N 86  
ASP N   H2   sing N N 87  
ASP CA  C    sing N N 88  
ASP CA  CB   sing N N 89  
ASP CA  HA   sing N N 90  
ASP C   O    doub N N 91  
ASP C   OXT  sing N N 92  
ASP CB  CG   sing N N 93  
ASP CB  HB2  sing N N 94  
ASP CB  HB3  sing N N 95  
ASP CG  OD1  doub N N 96  
ASP CG  OD2  sing N N 97  
ASP OD2 HD2  sing N N 98  
ASP OXT HXT  sing N N 99  
GLN N   CA   sing N N 100 
GLN N   H    sing N N 101 
GLN N   H2   sing N N 102 
GLN CA  C    sing N N 103 
GLN CA  CB   sing N N 104 
GLN CA  HA   sing N N 105 
GLN C   O    doub N N 106 
GLN C   OXT  sing N N 107 
GLN CB  CG   sing N N 108 
GLN CB  HB2  sing N N 109 
GLN CB  HB3  sing N N 110 
GLN CG  CD   sing N N 111 
GLN CG  HG2  sing N N 112 
GLN CG  HG3  sing N N 113 
GLN CD  OE1  doub N N 114 
GLN CD  NE2  sing N N 115 
GLN NE2 HE21 sing N N 116 
GLN NE2 HE22 sing N N 117 
GLN OXT HXT  sing N N 118 
GLU N   CA   sing N N 119 
GLU N   H    sing N N 120 
GLU N   H2   sing N N 121 
GLU CA  C    sing N N 122 
GLU CA  CB   sing N N 123 
GLU CA  HA   sing N N 124 
GLU C   O    doub N N 125 
GLU C   OXT  sing N N 126 
GLU CB  CG   sing N N 127 
GLU CB  HB2  sing N N 128 
GLU CB  HB3  sing N N 129 
GLU CG  CD   sing N N 130 
GLU CG  HG2  sing N N 131 
GLU CG  HG3  sing N N 132 
GLU CD  OE1  doub N N 133 
GLU CD  OE2  sing N N 134 
GLU OE2 HE2  sing N N 135 
GLU OXT HXT  sing N N 136 
GLY N   CA   sing N N 137 
GLY N   H    sing N N 138 
GLY N   H2   sing N N 139 
GLY CA  C    sing N N 140 
GLY CA  HA2  sing N N 141 
GLY CA  HA3  sing N N 142 
GLY C   O    doub N N 143 
GLY C   OXT  sing N N 144 
GLY OXT HXT  sing N N 145 
HIS N   CA   sing N N 146 
HIS N   H    sing N N 147 
HIS N   H2   sing N N 148 
HIS CA  C    sing N N 149 
HIS CA  CB   sing N N 150 
HIS CA  HA   sing N N 151 
HIS C   O    doub N N 152 
HIS C   OXT  sing N N 153 
HIS CB  CG   sing N N 154 
HIS CB  HB2  sing N N 155 
HIS CB  HB3  sing N N 156 
HIS CG  ND1  sing Y N 157 
HIS CG  CD2  doub Y N 158 
HIS ND1 CE1  doub Y N 159 
HIS ND1 HD1  sing N N 160 
HIS CD2 NE2  sing Y N 161 
HIS CD2 HD2  sing N N 162 
HIS CE1 NE2  sing Y N 163 
HIS CE1 HE1  sing N N 164 
HIS NE2 HE2  sing N N 165 
HIS OXT HXT  sing N N 166 
HOH O   H1   sing N N 167 
HOH O   H2   sing N N 168 
ILE N   CA   sing N N 169 
ILE N   H    sing N N 170 
ILE N   H2   sing N N 171 
ILE CA  C    sing N N 172 
ILE CA  CB   sing N N 173 
ILE CA  HA   sing N N 174 
ILE C   O    doub N N 175 
ILE C   OXT  sing N N 176 
ILE CB  CG1  sing N N 177 
ILE CB  CG2  sing N N 178 
ILE CB  HB   sing N N 179 
ILE CG1 CD1  sing N N 180 
ILE CG1 HG12 sing N N 181 
ILE CG1 HG13 sing N N 182 
ILE CG2 HG21 sing N N 183 
ILE CG2 HG22 sing N N 184 
ILE CG2 HG23 sing N N 185 
ILE CD1 HD11 sing N N 186 
ILE CD1 HD12 sing N N 187 
ILE CD1 HD13 sing N N 188 
ILE OXT HXT  sing N N 189 
LEU N   CA   sing N N 190 
LEU N   H    sing N N 191 
LEU N   H2   sing N N 192 
LEU CA  C    sing N N 193 
LEU CA  CB   sing N N 194 
LEU CA  HA   sing N N 195 
LEU C   O    doub N N 196 
LEU C   OXT  sing N N 197 
LEU CB  CG   sing N N 198 
LEU CB  HB2  sing N N 199 
LEU CB  HB3  sing N N 200 
LEU CG  CD1  sing N N 201 
LEU CG  CD2  sing N N 202 
LEU CG  HG   sing N N 203 
LEU CD1 HD11 sing N N 204 
LEU CD1 HD12 sing N N 205 
LEU CD1 HD13 sing N N 206 
LEU CD2 HD21 sing N N 207 
LEU CD2 HD22 sing N N 208 
LEU CD2 HD23 sing N N 209 
LEU OXT HXT  sing N N 210 
LYS N   CA   sing N N 211 
LYS N   H    sing N N 212 
LYS N   H2   sing N N 213 
LYS CA  C    sing N N 214 
LYS CA  CB   sing N N 215 
LYS CA  HA   sing N N 216 
LYS C   O    doub N N 217 
LYS C   OXT  sing N N 218 
LYS CB  CG   sing N N 219 
LYS CB  HB2  sing N N 220 
LYS CB  HB3  sing N N 221 
LYS CG  CD   sing N N 222 
LYS CG  HG2  sing N N 223 
LYS CG  HG3  sing N N 224 
LYS CD  CE   sing N N 225 
LYS CD  HD2  sing N N 226 
LYS CD  HD3  sing N N 227 
LYS CE  NZ   sing N N 228 
LYS CE  HE2  sing N N 229 
LYS CE  HE3  sing N N 230 
LYS NZ  HZ1  sing N N 231 
LYS NZ  HZ2  sing N N 232 
LYS NZ  HZ3  sing N N 233 
LYS OXT HXT  sing N N 234 
MET N   CA   sing N N 235 
MET N   H    sing N N 236 
MET N   H2   sing N N 237 
MET CA  C    sing N N 238 
MET CA  CB   sing N N 239 
MET CA  HA   sing N N 240 
MET C   O    doub N N 241 
MET C   OXT  sing N N 242 
MET CB  CG   sing N N 243 
MET CB  HB2  sing N N 244 
MET CB  HB3  sing N N 245 
MET CG  SD   sing N N 246 
MET CG  HG2  sing N N 247 
MET CG  HG3  sing N N 248 
MET SD  CE   sing N N 249 
MET CE  HE1  sing N N 250 
MET CE  HE2  sing N N 251 
MET CE  HE3  sing N N 252 
MET OXT HXT  sing N N 253 
NH2 N   HN1  sing N N 254 
NH2 N   HN2  sing N N 255 
PRO N   CA   sing N N 256 
PRO N   CD   sing N N 257 
PRO N   H    sing N N 258 
PRO CA  C    sing N N 259 
PRO CA  CB   sing N N 260 
PRO CA  HA   sing N N 261 
PRO C   O    doub N N 262 
PRO C   OXT  sing N N 263 
PRO CB  CG   sing N N 264 
PRO CB  HB2  sing N N 265 
PRO CB  HB3  sing N N 266 
PRO CG  CD   sing N N 267 
PRO CG  HG2  sing N N 268 
PRO CG  HG3  sing N N 269 
PRO CD  HD2  sing N N 270 
PRO CD  HD3  sing N N 271 
PRO OXT HXT  sing N N 272 
SER N   CA   sing N N 273 
SER N   H    sing N N 274 
SER N   H2   sing N N 275 
SER CA  C    sing N N 276 
SER CA  CB   sing N N 277 
SER CA  HA   sing N N 278 
SER C   O    doub N N 279 
SER C   OXT  sing N N 280 
SER CB  OG   sing N N 281 
SER CB  HB2  sing N N 282 
SER CB  HB3  sing N N 283 
SER OG  HG   sing N N 284 
SER OXT HXT  sing N N 285 
THR N   CA   sing N N 286 
THR N   H    sing N N 287 
THR N   H2   sing N N 288 
THR CA  C    sing N N 289 
THR CA  CB   sing N N 290 
THR CA  HA   sing N N 291 
THR C   O    doub N N 292 
THR C   OXT  sing N N 293 
THR CB  OG1  sing N N 294 
THR CB  CG2  sing N N 295 
THR CB  HB   sing N N 296 
THR OG1 HG1  sing N N 297 
THR CG2 HG21 sing N N 298 
THR CG2 HG22 sing N N 299 
THR CG2 HG23 sing N N 300 
THR OXT HXT  sing N N 301 
TYR N   CA   sing N N 302 
TYR N   H    sing N N 303 
TYR N   H2   sing N N 304 
TYR CA  C    sing N N 305 
TYR CA  CB   sing N N 306 
TYR CA  HA   sing N N 307 
TYR C   O    doub N N 308 
TYR C   OXT  sing N N 309 
TYR CB  CG   sing N N 310 
TYR CB  HB2  sing N N 311 
TYR CB  HB3  sing N N 312 
TYR CG  CD1  doub Y N 313 
TYR CG  CD2  sing Y N 314 
TYR CD1 CE1  sing Y N 315 
TYR CD1 HD1  sing N N 316 
TYR CD2 CE2  doub Y N 317 
TYR CD2 HD2  sing N N 318 
TYR CE1 CZ   doub Y N 319 
TYR CE1 HE1  sing N N 320 
TYR CE2 CZ   sing Y N 321 
TYR CE2 HE2  sing N N 322 
TYR CZ  OH   sing N N 323 
TYR OH  HH   sing N N 324 
TYR OXT HXT  sing N N 325 
UZA C05 C06  sing N N 326 
UZA C06 C07  sing N N 327 
UZA C07 C08  doub N E 328 
UZA C08 C09  sing N N 329 
UZA C09 C10  sing N N 330 
UZA C10 C11  sing N N 331 
UZA C11 CA   sing N N 332 
UZA CA  N    sing N N 333 
UZA CA  C    sing N N 334 
UZA CA  CB1  sing N N 335 
UZA C   O    doub N N 336 
UZA C   OXT  sing N N 337 
UZA N   H    sing N N 338 
UZA N   H2   sing N N 339 
UZA CB1 H4   sing N N 340 
UZA CB1 H5   sing N N 341 
UZA CB1 H6   sing N N 342 
UZA C05 H7   sing N N 343 
UZA C05 H8   sing N N 344 
UZA C05 H9   sing N N 345 
UZA C06 H10  sing N N 346 
UZA C06 H11  sing N N 347 
UZA C07 H12  sing N N 348 
UZA C08 H13  sing N N 349 
UZA C09 H14  sing N N 350 
UZA C09 H15  sing N N 351 
UZA C10 H16  sing N N 352 
UZA C10 H17  sing N N 353 
UZA C11 H18  sing N N 354 
UZA C11 H19  sing N N 355 
UZA OXT HXT  sing N N 356 
VAL N   CA   sing N N 357 
VAL N   H    sing N N 358 
VAL N   H2   sing N N 359 
VAL CA  C    sing N N 360 
VAL CA  CB   sing N N 361 
VAL CA  HA   sing N N 362 
VAL C   O    doub N N 363 
VAL C   OXT  sing N N 364 
VAL CB  CG1  sing N N 365 
VAL CB  CG2  sing N N 366 
VAL CB  HB   sing N N 367 
VAL CG1 HG11 sing N N 368 
VAL CG1 HG12 sing N N 369 
VAL CG1 HG13 sing N N 370 
VAL CG2 HG21 sing N N 371 
VAL CG2 HG22 sing N N 372 
VAL CG2 HG23 sing N N 373 
VAL OXT HXT  sing N N 374 
# 
loop_
_pdbx_entity_instance_feature.ordinal 
_pdbx_entity_instance_feature.comp_id 
_pdbx_entity_instance_feature.asym_id 
_pdbx_entity_instance_feature.seq_num 
_pdbx_entity_instance_feature.auth_comp_id 
_pdbx_entity_instance_feature.auth_asym_id 
_pdbx_entity_instance_feature.auth_seq_num 
_pdbx_entity_instance_feature.feature_type 
_pdbx_entity_instance_feature.details 
1 2JN ? ? 2JN ? ? 'SUBJECT OF INVESTIGATION' ? 
2 UZA ? ? UZA ? ? 'SUBJECT OF INVESTIGATION' ? 
# 
loop_
_pdbx_entity_nonpoly.entity_id 
_pdbx_entity_nonpoly.name 
_pdbx_entity_nonpoly.comp_id 
3 'ZINC ION'     ZN  
4 'CHLORIDE ION' CL  
5 water          HOH 
# 
_pdbx_initial_refinement_model.id               1 
_pdbx_initial_refinement_model.entity_id_list   ? 
_pdbx_initial_refinement_model.type             'experimental model' 
_pdbx_initial_refinement_model.source_name      PDB 
_pdbx_initial_refinement_model.accession_code   1K05 
_pdbx_initial_refinement_model.details          'PDB entry 1K05' 
# 
loop_
_pdbx_struct_assembly_auth_evidence.id 
_pdbx_struct_assembly_auth_evidence.assembly_id 
_pdbx_struct_assembly_auth_evidence.experimental_support 
_pdbx_struct_assembly_auth_evidence.details 
1 1 'mass spectrometry' ? 
2 1 homology            ? 
# 
_space_group.name_H-M_alt     'P 21 21 21' 
_space_group.name_Hall        'P 2ac 2ab' 
_space_group.IT_number        19 
_space_group.crystal_system   orthorhombic 
_space_group.id               1 
# 
